data_6N92
#
_entry.id   6N92
#
_cell.length_a   87.009
_cell.length_b   114.319
_cell.length_c   194.355
_cell.angle_alpha   90.000
_cell.angle_beta   90.000
_cell.angle_gamma   90.000
#
_symmetry.space_group_name_H-M   'P 21 21 21'
#
loop_
_entity.id
_entity.type
_entity.pdbx_description
1 polymer 'Methylmalonyl-CoA decarboxylase'
2 non-polymer [1-[2-[3-[[(2~{R})-4-[[[(2~{R},3~{S},4~{R},5~{R})-5-(6-aminopurin-9-yl)-4-oxidanyl-3-phosphonooxy-oxolan-2-yl]methoxy-oxidanyl-phosphoryl]oxy-oxidanyl-phosphoryl]oxy-3,3-dimethyl-2-oxidanyl-butanoyl]amino]propanoylamino]ethylsulfanyl]-1-oxidanylidene-propan-2-ylidene]-bis(oxidanidyl)azanium
3 non-polymer 'NICKEL (II) ION'
4 non-polymer 'POTASSIUM ION'
5 non-polymer 'TETRAETHYLENE GLYCOL'
6 non-polymer IMIDAZOLE
7 non-polymer '(2E)-2-(hydroxyimino)propanoic acid'
8 water water
#
_entity_poly.entity_id   1
_entity_poly.type   'polypeptide(L)'
_entity_poly.pdbx_seq_one_letter_code
;MAYQYVNVVTINKVAVIEFNYGRKLNALSKVFIDDLMQALSDLNRPEIRCIILRAPSGSKVFSAGHDIHELPSGGRDPLS
YDDPLRQITRMIQKFPKPIISMVEGSVWGGAFEMIMSSDLIIAASTSTFSMTPVNLGVPYNLVGIHNLTRDAGFHIVKEL
IFTASPITAQRALAVGILNHVVEVEELEDFTLQMAHHISEKAPLAIAVIKEELRVLGEAHTMNSDEFERIQGMRRAVYDS
EDYQEGMNAFLEKRKPNFVGH
;
_entity_poly.pdbx_strand_id   A,B,C,D,E,F
#
# COMPACT_ATOMS: atom_id res chain seq x y z
N ALA A 2 -28.31 28.27 19.29
CA ALA A 2 -27.35 29.38 19.06
C ALA A 2 -25.95 28.95 19.54
N TYR A 3 -24.95 29.66 19.06
CA TYR A 3 -23.53 29.34 19.27
C TYR A 3 -22.85 30.66 19.57
N GLN A 4 -21.81 30.64 20.40
CA GLN A 4 -21.03 31.85 20.70
C GLN A 4 -20.26 32.33 19.47
N TYR A 5 -19.71 31.42 18.65
CA TYR A 5 -18.68 31.82 17.64
C TYR A 5 -19.08 31.55 16.20
N VAL A 6 -20.30 31.09 15.95
CA VAL A 6 -20.86 30.97 14.56
C VAL A 6 -22.30 31.43 14.59
N ASN A 7 -22.81 31.80 13.42
CA ASN A 7 -24.25 32.11 13.18
C ASN A 7 -24.73 31.22 12.02
N VAL A 8 -25.88 30.58 12.17
CA VAL A 8 -26.39 29.60 11.17
C VAL A 8 -27.70 30.16 10.61
N VAL A 9 -27.81 30.16 9.29
CA VAL A 9 -29.12 30.44 8.64
CA VAL A 9 -29.03 30.53 8.49
C VAL A 9 -29.44 29.28 7.70
N THR A 10 -30.73 28.99 7.58
CA THR A 10 -31.21 27.90 6.73
C THR A 10 -32.10 28.52 5.64
N ILE A 11 -31.84 28.17 4.39
CA ILE A 11 -32.70 28.59 3.24
C ILE A 11 -33.09 27.31 2.52
N ASN A 12 -34.33 26.89 2.72
CA ASN A 12 -34.88 25.64 2.13
C ASN A 12 -34.04 24.49 2.68
N LYS A 13 -33.27 23.83 1.84
CA LYS A 13 -32.46 22.65 2.27
C LYS A 13 -30.99 23.04 2.45
N VAL A 14 -30.64 24.31 2.33
CA VAL A 14 -29.21 24.74 2.43
C VAL A 14 -28.98 25.43 3.78
N ALA A 15 -27.91 25.06 4.48
CA ALA A 15 -27.50 25.75 5.73
C ALA A 15 -26.22 26.52 5.48
N VAL A 16 -26.17 27.75 5.96
CA VAL A 16 -25.03 28.66 5.81
C VAL A 16 -24.45 28.89 7.20
N ILE A 17 -23.22 28.43 7.44
CA ILE A 17 -22.53 28.65 8.74
C ILE A 17 -21.59 29.85 8.56
N GLU A 18 -21.84 30.91 9.32
CA GLU A 18 -21.07 32.15 9.20
C GLU A 18 -20.18 32.26 10.43
N PHE A 19 -18.91 32.46 10.21
CA PHE A 19 -17.95 32.63 11.35
C PHE A 19 -18.36 33.87 12.15
N ASN A 20 -18.28 33.79 13.48
CA ASN A 20 -18.52 34.97 14.35
C ASN A 20 -17.37 35.09 15.37
N TYR A 21 -16.14 35.31 14.90
CA TYR A 21 -14.93 35.35 15.77
C TYR A 21 -13.98 36.41 15.21
N GLY A 22 -14.57 37.53 14.82
CA GLY A 22 -13.92 38.61 14.04
C GLY A 22 -12.88 39.34 14.87
N ARG A 23 -13.03 39.24 16.18
CA ARG A 23 -12.12 39.77 17.22
C ARG A 23 -10.74 39.11 17.09
N LYS A 24 -10.63 37.85 16.63
CA LYS A 24 -9.33 37.22 16.31
C LYS A 24 -9.29 36.86 14.82
N LEU A 25 -10.04 37.58 13.97
CA LEU A 25 -10.03 37.41 12.50
C LEU A 25 -10.30 35.95 12.15
N ASN A 26 -11.16 35.27 12.94
CA ASN A 26 -11.68 33.92 12.64
C ASN A 26 -10.49 32.94 12.61
N ALA A 27 -9.45 33.22 13.40
CA ALA A 27 -8.35 32.26 13.65
C ALA A 27 -9.00 30.98 14.19
N LEU A 28 -8.40 29.85 13.87
CA LEU A 28 -9.02 28.53 14.16
C LEU A 28 -8.75 28.11 15.60
N SER A 29 -9.10 28.95 16.57
CA SER A 29 -8.92 28.65 18.01
C SER A 29 -9.77 27.43 18.35
N LYS A 30 -9.37 26.72 19.37
CA LYS A 30 -10.12 25.55 19.84
C LYS A 30 -11.59 25.91 20.07
N VAL A 31 -11.89 26.98 20.79
CA VAL A 31 -13.33 27.24 21.12
C VAL A 31 -14.14 27.60 19.87
N PHE A 32 -13.53 28.26 18.88
CA PHE A 32 -14.20 28.55 17.59
C PHE A 32 -14.52 27.25 16.84
N ILE A 33 -13.50 26.40 16.67
CA ILE A 33 -13.65 25.11 15.96
C ILE A 33 -14.65 24.23 16.71
N ASP A 34 -14.66 24.22 18.05
CA ASP A 34 -15.66 23.40 18.76
C ASP A 34 -17.09 23.83 18.34
N ASP A 35 -17.35 25.14 18.26
CA ASP A 35 -18.69 25.64 17.85
C ASP A 35 -18.96 25.30 16.38
N LEU A 36 -17.98 25.47 15.50
CA LEU A 36 -18.14 25.08 14.08
C LEU A 36 -18.50 23.59 13.98
N MET A 37 -17.80 22.73 14.70
CA MET A 37 -18.06 21.29 14.69
C MET A 37 -19.45 21.03 15.29
N GLN A 38 -19.82 21.71 16.38
CA GLN A 38 -21.17 21.47 16.97
C GLN A 38 -22.23 21.88 15.93
N ALA A 39 -22.07 23.01 15.28
CA ALA A 39 -23.05 23.50 14.29
C ALA A 39 -23.20 22.53 13.12
N LEU A 40 -22.09 22.00 12.57
CA LEU A 40 -22.13 20.92 11.55
C LEU A 40 -22.89 19.72 12.08
N SER A 41 -22.57 19.22 13.26
CA SER A 41 -23.23 18.02 13.83
C SER A 41 -24.75 18.27 13.94
N ASP A 42 -25.14 19.47 14.38
CA ASP A 42 -26.55 19.89 14.57
C ASP A 42 -27.29 19.90 13.24
N LEU A 43 -26.57 20.12 12.13
CA LEU A 43 -27.12 20.19 10.75
C LEU A 43 -27.05 18.82 10.05
N ASN A 44 -26.56 17.76 10.69
CA ASN A 44 -26.47 16.42 10.07
C ASN A 44 -27.85 15.75 10.21
N ARG A 45 -28.82 16.25 9.43
CA ARG A 45 -30.20 15.69 9.44
CA ARG A 45 -30.27 15.87 9.46
C ARG A 45 -30.72 15.67 8.02
N PRO A 46 -31.69 14.80 7.74
CA PRO A 46 -32.07 14.52 6.35
C PRO A 46 -32.59 15.71 5.57
N GLU A 47 -33.19 16.70 6.22
CA GLU A 47 -33.79 17.84 5.51
C GLU A 47 -32.74 18.93 5.23
N ILE A 48 -31.49 18.76 5.65
CA ILE A 48 -30.39 19.65 5.23
C ILE A 48 -29.58 18.88 4.17
N ARG A 49 -29.32 19.49 3.02
CA ARG A 49 -28.66 18.76 1.92
C ARG A 49 -27.32 19.35 1.50
N CYS A 50 -27.01 20.59 1.88
CA CYS A 50 -25.78 21.28 1.43
C CYS A 50 -25.42 22.32 2.49
N ILE A 51 -24.12 22.41 2.81
CA ILE A 51 -23.61 23.42 3.77
C ILE A 51 -22.77 24.43 3.00
N ILE A 52 -22.88 25.68 3.36
CA ILE A 52 -21.94 26.75 2.97
C ILE A 52 -21.21 27.27 4.21
N LEU A 53 -19.88 27.30 4.16
CA LEU A 53 -19.05 27.99 5.16
C LEU A 53 -18.69 29.36 4.61
N ARG A 54 -18.82 30.39 5.41
CA ARG A 54 -18.46 31.77 5.03
C ARG A 54 -17.98 32.60 6.22
N ALA A 55 -17.27 33.68 5.92
CA ALA A 55 -17.01 34.79 6.85
C ALA A 55 -18.14 35.80 6.68
N PRO A 56 -18.33 36.72 7.63
CA PRO A 56 -19.36 37.74 7.47
C PRO A 56 -19.12 38.52 6.18
N SER A 57 -20.21 39.01 5.59
CA SER A 57 -20.18 39.94 4.45
C SER A 57 -19.24 41.11 4.73
N GLY A 58 -18.38 41.44 3.79
CA GLY A 58 -17.46 42.59 3.87
C GLY A 58 -16.19 42.29 4.63
N SER A 59 -15.94 41.03 5.03
CA SER A 59 -14.73 40.68 5.81
C SER A 59 -13.48 40.95 4.96
N LYS A 60 -12.51 41.63 5.55
CA LYS A 60 -11.16 41.77 4.95
C LYS A 60 -10.43 40.44 5.08
N VAL A 61 -10.57 39.81 6.23
CA VAL A 61 -9.89 38.52 6.52
C VAL A 61 -10.95 37.43 6.63
N PHE A 62 -10.88 36.45 5.73
CA PHE A 62 -11.76 35.25 5.79
C PHE A 62 -11.43 34.51 7.07
N SER A 63 -10.17 34.15 7.24
CA SER A 63 -9.66 33.51 8.49
C SER A 63 -8.14 33.65 8.51
N ALA A 64 -7.64 34.00 9.68
CA ALA A 64 -6.19 34.19 9.91
C ALA A 64 -5.47 32.85 10.14
N GLY A 65 -6.16 31.73 10.04
CA GLY A 65 -5.52 30.40 10.09
C GLY A 65 -5.42 29.86 11.49
N HIS A 66 -4.50 28.91 11.69
CA HIS A 66 -4.29 28.32 13.03
C HIS A 66 -4.06 29.47 14.03
N ASP A 67 -4.65 29.37 15.21
CA ASP A 67 -4.37 30.32 16.31
C ASP A 67 -2.92 30.13 16.73
N ILE A 68 -2.06 31.10 16.40
CA ILE A 68 -0.60 30.97 16.64
C ILE A 68 -0.34 30.88 18.14
N HIS A 69 -1.15 31.54 18.97
CA HIS A 69 -1.00 31.49 20.44
C HIS A 69 -1.28 30.11 20.99
N GLU A 70 -2.07 29.29 20.29
CA GLU A 70 -2.37 27.92 20.78
C GLU A 70 -1.33 26.91 20.30
N LEU A 71 -0.36 27.30 19.47
CA LEU A 71 0.76 26.38 19.13
C LEU A 71 1.60 26.18 20.37
N PRO A 72 2.18 24.98 20.55
CA PRO A 72 3.07 24.73 21.69
C PRO A 72 4.38 25.51 21.60
N SER A 73 5.11 25.67 22.71
N SER A 73 4.99 25.71 22.77
CA SER A 73 6.24 26.65 22.81
CA SER A 73 6.42 26.07 22.88
C SER A 73 7.53 26.06 22.23
C SER A 73 7.19 24.87 22.33
N GLY A 74 7.52 24.74 21.98
N GLY A 74 8.39 25.11 21.81
CA GLY A 74 8.70 23.96 21.56
CA GLY A 74 9.25 24.03 21.31
C GLY A 74 8.64 22.56 22.14
C GLY A 74 9.09 22.76 22.14
N GLY A 75 9.31 21.60 21.49
CA GLY A 75 9.43 20.27 22.09
C GLY A 75 8.13 19.48 22.03
N ARG A 76 7.07 20.00 21.41
CA ARG A 76 5.80 19.23 21.30
C ARG A 76 5.32 19.31 19.88
N ASP A 77 4.62 18.29 19.39
CA ASP A 77 4.11 18.34 18.02
C ASP A 77 3.01 19.39 17.99
N PRO A 78 3.13 20.42 17.11
CA PRO A 78 2.10 21.44 16.99
C PRO A 78 0.85 21.02 16.21
N LEU A 79 0.87 19.87 15.54
CA LEU A 79 -0.28 19.52 14.67
C LEU A 79 -0.63 18.06 14.91
N SER A 80 -0.85 17.73 16.17
CA SER A 80 -1.20 16.35 16.59
C SER A 80 -2.63 16.05 16.17
N TYR A 81 -3.00 14.77 16.23
CA TYR A 81 -4.28 14.31 15.65
C TYR A 81 -5.48 15.04 16.26
N ASP A 82 -5.45 15.48 17.52
CA ASP A 82 -6.56 16.13 18.24
CA ASP A 82 -6.69 16.10 18.05
C ASP A 82 -6.51 17.63 18.09
N ASP A 83 -5.53 18.16 17.36
CA ASP A 83 -5.44 19.64 17.16
C ASP A 83 -6.72 20.12 16.48
N PRO A 84 -7.29 21.31 16.79
CA PRO A 84 -8.54 21.74 16.16
C PRO A 84 -8.54 21.75 14.62
N LEU A 85 -7.47 22.22 13.96
CA LEU A 85 -7.39 22.20 12.48
C LEU A 85 -7.50 20.74 11.99
N ARG A 86 -6.82 19.80 12.65
CA ARG A 86 -6.83 18.38 12.25
C ARG A 86 -8.23 17.84 12.44
N GLN A 87 -8.92 18.20 13.52
CA GLN A 87 -10.32 17.74 13.76
CA GLN A 87 -10.32 17.73 13.75
C GLN A 87 -11.29 18.28 12.69
N ILE A 88 -11.22 19.55 12.36
CA ILE A 88 -12.22 20.21 11.45
CA ILE A 88 -12.25 20.14 11.47
C ILE A 88 -12.04 19.66 10.04
N THR A 89 -10.80 19.50 9.57
CA THR A 89 -10.64 18.95 8.22
C THR A 89 -11.17 17.53 8.15
N ARG A 90 -10.88 16.68 9.13
CA ARG A 90 -11.48 15.32 9.12
C ARG A 90 -13.00 15.45 9.11
N MET A 91 -13.55 16.33 9.94
CA MET A 91 -15.02 16.35 10.07
C MET A 91 -15.67 16.84 8.75
N ILE A 92 -15.09 17.86 8.10
CA ILE A 92 -15.58 18.34 6.78
C ILE A 92 -15.53 17.19 5.76
N GLN A 93 -14.43 16.44 5.73
CA GLN A 93 -14.19 15.42 4.69
C GLN A 93 -15.12 14.22 4.92
N LYS A 94 -15.50 13.93 6.16
CA LYS A 94 -16.35 12.74 6.49
C LYS A 94 -17.82 13.15 6.52
N PHE A 95 -18.10 14.42 6.44
CA PHE A 95 -19.52 14.90 6.58
C PHE A 95 -20.32 14.46 5.37
N PRO A 96 -21.49 13.80 5.54
CA PRO A 96 -22.15 13.17 4.38
C PRO A 96 -22.98 14.10 3.48
N LYS A 97 -22.73 15.39 3.55
CA LYS A 97 -23.37 16.43 2.68
C LYS A 97 -22.24 17.25 2.10
N PRO A 98 -22.40 17.80 0.89
CA PRO A 98 -21.41 18.68 0.32
C PRO A 98 -21.25 19.92 1.20
N ILE A 99 -20.01 20.33 1.37
CA ILE A 99 -19.62 21.57 2.10
C ILE A 99 -18.90 22.49 1.11
N ILE A 100 -19.51 23.65 0.87
CA ILE A 100 -18.98 24.64 -0.09
C ILE A 100 -18.34 25.75 0.76
N SER A 101 -17.10 26.09 0.48
CA SER A 101 -16.42 27.25 1.11
C SER A 101 -16.73 28.44 0.21
N MET A 102 -17.43 29.43 0.75
CA MET A 102 -17.77 30.68 0.02
C MET A 102 -16.88 31.80 0.58
N VAL A 103 -15.87 32.23 -0.19
CA VAL A 103 -14.71 32.99 0.35
C VAL A 103 -14.80 34.44 -0.08
N GLU A 104 -14.82 35.31 0.93
CA GLU A 104 -14.57 36.75 0.82
C GLU A 104 -13.43 37.10 1.78
N GLY A 105 -12.46 37.85 1.27
CA GLY A 105 -11.28 38.30 2.04
C GLY A 105 -10.09 37.37 1.91
N SER A 106 -9.09 37.56 2.77
CA SER A 106 -7.79 36.90 2.70
C SER A 106 -7.86 35.60 3.50
N VAL A 107 -7.19 34.57 3.01
CA VAL A 107 -7.24 33.19 3.59
C VAL A 107 -5.80 32.81 3.94
N TRP A 108 -5.54 32.34 5.16
CA TRP A 108 -4.17 32.13 5.68
C TRP A 108 -3.99 30.71 6.21
N GLY A 109 -2.92 30.04 5.78
CA GLY A 109 -2.35 28.86 6.47
C GLY A 109 -3.36 27.77 6.70
N GLY A 110 -3.62 27.41 7.94
CA GLY A 110 -4.61 26.32 8.21
C GLY A 110 -6.00 26.63 7.70
N ALA A 111 -6.38 27.90 7.53
CA ALA A 111 -7.68 28.23 6.91
C ALA A 111 -7.67 27.87 5.42
N PHE A 112 -6.52 27.96 4.77
CA PHE A 112 -6.38 27.58 3.36
C PHE A 112 -6.52 26.04 3.27
N GLU A 113 -5.85 25.33 4.17
CA GLU A 113 -6.03 23.86 4.24
C GLU A 113 -7.51 23.53 4.53
N MET A 114 -8.17 24.26 5.43
CA MET A 114 -9.59 24.02 5.74
C MET A 114 -10.46 24.14 4.49
N ILE A 115 -10.36 25.21 3.72
CA ILE A 115 -11.21 25.35 2.51
C ILE A 115 -10.77 24.32 1.47
N MET A 116 -9.49 23.96 1.43
CA MET A 116 -9.04 22.94 0.44
C MET A 116 -9.69 21.59 0.80
N SER A 117 -9.93 21.33 2.07
CA SER A 117 -10.53 20.06 2.56
C SER A 117 -12.02 20.00 2.20
N SER A 118 -12.64 21.16 1.96
CA SER A 118 -14.08 21.22 1.62
C SER A 118 -14.28 20.78 0.14
N ASP A 119 -15.55 20.63 -0.27
CA ASP A 119 -15.90 19.96 -1.53
C ASP A 119 -15.74 20.91 -2.71
N LEU A 120 -16.22 22.14 -2.55
CA LEU A 120 -16.14 23.19 -3.59
C LEU A 120 -15.65 24.47 -2.93
N ILE A 121 -15.04 25.33 -3.74
CA ILE A 121 -14.63 26.68 -3.29
C ILE A 121 -15.11 27.68 -4.32
N ILE A 122 -15.96 28.61 -3.90
CA ILE A 122 -16.44 29.72 -4.74
C ILE A 122 -15.97 31.00 -4.06
N ALA A 123 -15.29 31.88 -4.79
CA ALA A 123 -14.61 33.00 -4.13
C ALA A 123 -14.88 34.34 -4.83
N ALA A 124 -14.84 35.41 -4.04
CA ALA A 124 -14.87 36.80 -4.53
C ALA A 124 -13.64 37.06 -5.41
N SER A 125 -13.77 37.91 -6.41
CA SER A 125 -12.66 38.31 -7.30
C SER A 125 -11.56 39.01 -6.52
N THR A 126 -11.83 39.51 -5.30
CA THR A 126 -10.84 40.25 -4.48
C THR A 126 -10.23 39.37 -3.39
N SER A 127 -10.63 38.13 -3.26
CA SER A 127 -10.11 37.21 -2.23
C SER A 127 -8.67 36.85 -2.60
N THR A 128 -7.89 36.58 -1.56
CA THR A 128 -6.48 36.13 -1.68
C THR A 128 -6.20 34.91 -0.80
N PHE A 129 -5.13 34.19 -1.11
CA PHE A 129 -4.84 32.86 -0.54
C PHE A 129 -3.34 32.74 -0.29
N SER A 130 -2.99 32.47 0.96
CA SER A 130 -1.58 32.30 1.40
CA SER A 130 -1.57 32.27 1.34
C SER A 130 -1.43 31.02 2.23
N MET A 131 -0.37 30.25 2.01
CA MET A 131 -0.03 29.12 2.90
C MET A 131 1.23 29.49 3.68
N THR A 132 1.16 29.69 5.00
CA THR A 132 2.21 30.44 5.75
C THR A 132 3.00 29.67 6.80
N PRO A 133 3.01 28.31 6.96
CA PRO A 133 3.77 27.71 8.06
C PRO A 133 5.28 27.98 7.98
N VAL A 134 5.83 28.20 6.78
CA VAL A 134 7.29 28.50 6.71
C VAL A 134 7.59 29.92 7.18
N ASN A 135 6.60 30.76 7.44
CA ASN A 135 6.82 32.06 8.13
C ASN A 135 7.13 31.89 9.62
N LEU A 136 6.70 30.78 10.22
CA LEU A 136 6.73 30.50 11.66
C LEU A 136 7.67 29.35 12.00
N GLY A 137 8.19 28.63 11.01
CA GLY A 137 9.07 27.50 11.24
C GLY A 137 8.33 26.27 11.69
N VAL A 138 7.03 26.16 11.41
CA VAL A 138 6.20 25.01 11.86
C VAL A 138 6.36 23.81 10.94
N PRO A 139 6.61 22.58 11.47
CA PRO A 139 6.66 21.38 10.64
C PRO A 139 5.23 20.90 10.38
N TYR A 140 4.69 21.29 9.25
CA TYR A 140 3.34 20.83 8.83
C TYR A 140 3.33 19.30 8.79
N ASN A 141 2.17 18.69 9.01
CA ASN A 141 2.02 17.22 9.14
C ASN A 141 1.65 16.66 7.77
N LEU A 142 1.90 15.38 7.60
CA LEU A 142 1.63 14.64 6.34
C LEU A 142 0.17 14.77 5.93
N VAL A 143 -0.78 14.56 6.85
CA VAL A 143 -2.20 14.61 6.46
C VAL A 143 -2.53 16.01 5.93
N GLY A 144 -2.03 17.04 6.62
CA GLY A 144 -2.27 18.44 6.28
C GLY A 144 -1.75 18.73 4.89
N ILE A 145 -0.51 18.32 4.63
CA ILE A 145 0.12 18.53 3.30
C ILE A 145 -0.66 17.75 2.26
N HIS A 146 -1.07 16.53 2.56
CA HIS A 146 -1.80 15.72 1.56
C HIS A 146 -3.08 16.46 1.15
N ASN A 147 -3.74 17.09 2.10
CA ASN A 147 -5.01 17.82 1.84
C ASN A 147 -4.78 18.97 0.84
N LEU A 148 -3.51 19.41 0.64
CA LEU A 148 -3.21 20.51 -0.29
C LEU A 148 -2.87 20.01 -1.69
N THR A 149 -2.86 18.70 -1.95
CA THR A 149 -2.24 18.17 -3.18
C THR A 149 -3.24 17.63 -4.17
N ARG A 150 -4.55 17.81 -3.96
CA ARG A 150 -5.60 17.12 -4.76
C ARG A 150 -6.24 18.03 -5.81
N ASP A 151 -5.78 19.27 -5.93
CA ASP A 151 -6.39 20.28 -6.82
C ASP A 151 -5.32 20.80 -7.79
N ALA A 152 -4.40 21.63 -7.31
CA ALA A 152 -3.25 22.14 -8.10
C ALA A 152 -2.09 21.11 -8.13
N GLY A 153 -1.24 21.22 -9.13
CA GLY A 153 -0.07 20.35 -9.28
C GLY A 153 1.02 20.58 -8.23
N PHE A 154 1.99 19.64 -8.15
CA PHE A 154 3.08 19.72 -7.17
C PHE A 154 3.86 21.03 -7.28
N HIS A 155 4.29 21.38 -8.47
CA HIS A 155 5.11 22.64 -8.63
C HIS A 155 4.35 23.83 -8.06
N ILE A 156 3.06 23.93 -8.36
CA ILE A 156 2.22 25.05 -7.85
C ILE A 156 2.13 24.96 -6.32
N VAL A 157 1.88 23.78 -5.75
CA VAL A 157 1.76 23.64 -4.29
C VAL A 157 3.09 24.05 -3.65
N LYS A 158 4.22 23.61 -4.22
CA LYS A 158 5.51 23.97 -3.62
C LYS A 158 5.77 25.47 -3.69
N GLU A 159 5.40 26.13 -4.77
CA GLU A 159 5.55 27.59 -4.82
C GLU A 159 4.72 28.20 -3.68
N LEU A 160 3.45 27.82 -3.56
CA LEU A 160 2.57 28.38 -2.49
C LEU A 160 3.27 28.20 -1.14
N ILE A 161 3.69 26.98 -0.80
CA ILE A 161 4.18 26.71 0.57
C ILE A 161 5.56 27.29 0.76
N PHE A 162 6.46 27.22 -0.24
CA PHE A 162 7.86 27.64 0.02
C PHE A 162 7.95 29.17 0.05
N THR A 163 7.11 29.88 -0.68
CA THR A 163 7.18 31.36 -0.78
C THR A 163 6.34 31.94 0.33
N ALA A 164 5.29 31.23 0.76
CA ALA A 164 4.24 31.83 1.61
C ALA A 164 3.72 33.15 1.00
N SER A 165 3.76 33.31 -0.31
CA SER A 165 3.26 34.53 -0.98
C SER A 165 1.80 34.36 -1.31
N PRO A 166 1.01 35.44 -1.20
CA PRO A 166 -0.40 35.36 -1.55
C PRO A 166 -0.60 35.19 -3.05
N ILE A 167 -1.66 34.47 -3.43
CA ILE A 167 -2.11 34.40 -4.83
C ILE A 167 -3.51 34.98 -4.91
N THR A 168 -3.79 35.53 -6.07
CA THR A 168 -5.13 36.09 -6.34
C THR A 168 -6.15 34.99 -6.56
N ALA A 169 -7.40 35.39 -6.52
CA ALA A 169 -8.53 34.50 -6.86
C ALA A 169 -8.37 34.03 -8.30
N GLN A 170 -7.95 34.91 -9.20
CA GLN A 170 -7.83 34.61 -10.63
C GLN A 170 -6.77 33.51 -10.81
N ARG A 171 -5.66 33.65 -10.12
CA ARG A 171 -4.60 32.63 -10.24
C ARG A 171 -5.05 31.32 -9.59
N ALA A 172 -5.73 31.39 -8.44
CA ALA A 172 -6.25 30.19 -7.76
C ALA A 172 -7.27 29.46 -8.65
N LEU A 173 -8.09 30.17 -9.44
CA LEU A 173 -8.95 29.54 -10.46
C LEU A 173 -8.09 28.84 -11.53
N ALA A 174 -7.16 29.55 -12.12
CA ALA A 174 -6.35 29.04 -13.24
C ALA A 174 -5.63 27.74 -12.87
N VAL A 175 -5.15 27.60 -11.64
CA VAL A 175 -4.29 26.46 -11.25
C VAL A 175 -5.15 25.32 -10.71
N GLY A 176 -6.46 25.49 -10.52
CA GLY A 176 -7.35 24.38 -10.16
C GLY A 176 -7.82 24.39 -8.71
N ILE A 177 -7.45 25.39 -7.92
CA ILE A 177 -7.82 25.44 -6.50
C ILE A 177 -9.31 25.78 -6.40
N LEU A 178 -9.77 26.78 -7.12
CA LEU A 178 -11.17 27.27 -7.00
C LEU A 178 -12.05 26.68 -8.07
N ASN A 179 -13.32 26.59 -7.78
CA ASN A 179 -14.33 26.20 -8.78
C ASN A 179 -14.77 27.42 -9.59
N HIS A 180 -15.12 28.49 -8.89
CA HIS A 180 -15.62 29.72 -9.56
C HIS A 180 -15.09 30.95 -8.83
N VAL A 181 -14.96 32.04 -9.60
CA VAL A 181 -14.64 33.40 -9.08
C VAL A 181 -15.77 34.32 -9.52
N VAL A 182 -16.34 35.04 -8.58
CA VAL A 182 -17.44 35.97 -8.95
CA VAL A 182 -17.55 35.90 -8.75
C VAL A 182 -17.23 37.30 -8.23
N GLU A 183 -17.81 38.35 -8.81
CA GLU A 183 -17.76 39.66 -8.15
C GLU A 183 -18.44 39.52 -6.78
N VAL A 184 -17.92 40.23 -5.80
CA VAL A 184 -18.35 40.05 -4.38
C VAL A 184 -19.86 40.30 -4.27
N GLU A 185 -20.44 41.22 -5.04
CA GLU A 185 -21.91 41.50 -4.93
C GLU A 185 -22.74 40.30 -5.44
N GLU A 186 -22.16 39.39 -6.23
CA GLU A 186 -22.87 38.23 -6.82
C GLU A 186 -22.53 36.94 -6.06
N LEU A 187 -21.56 36.98 -5.15
CA LEU A 187 -21.02 35.79 -4.45
C LEU A 187 -22.12 35.01 -3.72
N GLU A 188 -22.93 35.65 -2.88
CA GLU A 188 -23.92 34.93 -2.06
C GLU A 188 -24.93 34.23 -2.95
N ASP A 189 -25.53 34.95 -3.89
CA ASP A 189 -26.62 34.35 -4.67
C ASP A 189 -26.08 33.35 -5.71
N PHE A 190 -24.89 33.53 -6.25
CA PHE A 190 -24.27 32.50 -7.11
C PHE A 190 -24.06 31.19 -6.33
N THR A 191 -23.51 31.30 -5.12
CA THR A 191 -23.24 30.12 -4.27
C THR A 191 -24.54 29.42 -3.88
N LEU A 192 -25.51 30.20 -3.41
CA LEU A 192 -26.80 29.61 -3.02
C LEU A 192 -27.48 28.95 -4.22
N GLN A 193 -27.42 29.53 -5.42
CA GLN A 193 -28.07 28.91 -6.60
C GLN A 193 -27.47 27.52 -6.80
N MET A 194 -26.15 27.41 -6.73
CA MET A 194 -25.52 26.09 -6.91
C MET A 194 -25.86 25.16 -5.74
N ALA A 195 -25.88 25.63 -4.50
CA ALA A 195 -26.24 24.81 -3.32
C ALA A 195 -27.69 24.30 -3.41
N HIS A 196 -28.64 25.15 -3.83
CA HIS A 196 -30.04 24.69 -3.97
CA HIS A 196 -30.05 24.75 -4.04
C HIS A 196 -30.12 23.64 -5.10
N HIS A 197 -29.36 23.80 -6.19
CA HIS A 197 -29.38 22.83 -7.30
C HIS A 197 -28.89 21.45 -6.82
N ILE A 198 -27.78 21.42 -6.09
CA ILE A 198 -27.25 20.18 -5.48
C ILE A 198 -28.29 19.58 -4.54
N SER A 199 -29.06 20.41 -3.87
CA SER A 199 -30.03 20.00 -2.83
C SER A 199 -31.24 19.28 -3.47
N GLU A 200 -31.43 19.38 -4.79
CA GLU A 200 -32.51 18.59 -5.44
CA GLU A 200 -32.46 18.65 -5.61
C GLU A 200 -32.01 17.21 -5.89
N LYS A 201 -30.71 16.92 -5.78
CA LYS A 201 -30.14 15.63 -6.24
C LYS A 201 -30.18 14.60 -5.12
N ALA A 202 -29.81 13.36 -5.41
CA ALA A 202 -30.01 12.21 -4.50
C ALA A 202 -28.98 12.28 -3.39
N PRO A 203 -29.39 12.57 -2.13
CA PRO A 203 -28.38 12.79 -1.09
C PRO A 203 -27.59 11.52 -0.72
N LEU A 204 -28.17 10.32 -0.82
CA LEU A 204 -27.45 9.08 -0.39
C LEU A 204 -26.36 8.77 -1.42
N ALA A 205 -26.62 9.07 -2.68
CA ALA A 205 -25.63 8.94 -3.79
C ALA A 205 -24.52 9.96 -3.60
N ILE A 206 -24.86 11.22 -3.37
CA ILE A 206 -23.82 12.24 -3.07
C ILE A 206 -22.97 11.76 -1.89
N ALA A 207 -23.56 11.26 -0.81
CA ALA A 207 -22.78 10.87 0.39
C ALA A 207 -21.84 9.75 0.04
N VAL A 208 -22.30 8.68 -0.65
CA VAL A 208 -21.39 7.53 -0.86
C VAL A 208 -20.28 7.91 -1.86
N ILE A 209 -20.57 8.73 -2.86
CA ILE A 209 -19.56 9.20 -3.83
C ILE A 209 -18.55 10.10 -3.13
N LYS A 210 -19.01 10.97 -2.23
CA LYS A 210 -18.12 11.82 -1.44
C LYS A 210 -17.17 10.93 -0.63
N GLU A 211 -17.69 9.93 0.05
CA GLU A 211 -16.85 9.01 0.88
C GLU A 211 -15.87 8.21 0.00
N GLU A 212 -16.30 7.75 -1.17
CA GLU A 212 -15.42 7.05 -2.14
C GLU A 212 -14.28 7.96 -2.55
N LEU A 213 -14.55 9.22 -2.82
CA LEU A 213 -13.50 10.19 -3.17
C LEU A 213 -12.59 10.38 -1.94
N ARG A 214 -13.14 10.43 -0.75
CA ARG A 214 -12.31 10.70 0.44
C ARG A 214 -11.32 9.55 0.60
N VAL A 215 -11.78 8.31 0.50
CA VAL A 215 -10.85 7.17 0.76
CA VAL A 215 -10.96 7.07 0.67
C VAL A 215 -9.90 7.02 -0.43
N LEU A 216 -10.33 7.32 -1.65
CA LEU A 216 -9.39 7.26 -2.78
C LEU A 216 -8.32 8.34 -2.55
N GLY A 217 -8.73 9.55 -2.16
CA GLY A 217 -7.77 10.63 -1.88
C GLY A 217 -6.76 10.27 -0.81
N GLU A 218 -7.14 9.47 0.18
CA GLU A 218 -6.23 9.14 1.31
CA GLU A 218 -6.28 9.08 1.33
C GLU A 218 -5.37 7.92 0.97
N ALA A 219 -5.70 7.23 -0.11
CA ALA A 219 -5.12 5.91 -0.45
C ALA A 219 -3.71 6.05 -1.05
N HIS A 220 -2.87 6.91 -0.49
CA HIS A 220 -1.42 6.94 -0.74
C HIS A 220 -0.76 6.30 0.47
N THR A 221 -0.28 5.07 0.37
CA THR A 221 0.13 4.28 1.54
C THR A 221 1.65 4.19 1.62
N MET A 222 2.14 4.08 2.84
CA MET A 222 3.59 3.96 3.11
CA MET A 222 3.59 3.98 3.13
C MET A 222 3.79 2.98 4.27
N ASN A 223 5.02 2.55 4.48
CA ASN A 223 5.31 1.61 5.60
C ASN A 223 5.56 2.41 6.88
N SER A 224 5.58 1.68 8.00
CA SER A 224 5.74 2.29 9.34
C SER A 224 7.08 3.01 9.42
N ASP A 225 8.15 2.42 8.86
CA ASP A 225 9.47 3.04 8.98
C ASP A 225 9.43 4.41 8.32
N GLU A 226 8.80 4.53 7.15
CA GLU A 226 8.68 5.82 6.40
CA GLU A 226 8.81 5.84 6.48
C GLU A 226 8.02 6.84 7.31
N PHE A 227 6.89 6.47 7.87
CA PHE A 227 6.15 7.41 8.74
CA PHE A 227 6.13 7.38 8.76
C PHE A 227 6.99 7.82 9.94
N GLU A 228 7.61 6.87 10.64
CA GLU A 228 8.40 7.21 11.85
C GLU A 228 9.62 8.06 11.44
N ARG A 229 10.18 7.85 10.25
CA ARG A 229 11.30 8.70 9.78
C ARG A 229 10.81 10.13 9.64
N ILE A 230 9.69 10.33 8.99
CA ILE A 230 9.09 11.68 8.80
C ILE A 230 8.80 12.31 10.18
N GLN A 231 8.27 11.52 11.08
CA GLN A 231 7.90 12.04 12.39
C GLN A 231 9.17 12.49 13.14
N GLY A 232 10.28 11.75 12.98
CA GLY A 232 11.55 12.14 13.60
C GLY A 232 12.05 13.45 12.99
N MET A 233 11.91 13.64 11.69
CA MET A 233 12.30 14.92 11.04
CA MET A 233 12.27 14.91 11.01
C MET A 233 11.42 16.05 11.60
N ARG A 234 10.11 15.81 11.71
CA ARG A 234 9.19 16.84 12.22
C ARG A 234 9.63 17.20 13.64
N ARG A 235 9.97 16.22 14.44
CA ARG A 235 10.43 16.45 15.83
CA ARG A 235 10.44 16.44 15.84
C ARG A 235 11.68 17.32 15.84
N ALA A 236 12.67 17.05 14.97
CA ALA A 236 13.86 17.93 14.93
C ALA A 236 13.43 19.36 14.60
N VAL A 237 12.40 19.57 13.78
CA VAL A 237 11.95 20.97 13.49
C VAL A 237 11.27 21.59 14.72
N TYR A 238 10.35 20.91 15.40
CA TYR A 238 9.64 21.51 16.55
C TYR A 238 10.59 21.60 17.78
N ASP A 239 11.73 20.93 17.76
CA ASP A 239 12.83 21.07 18.77
C ASP A 239 13.80 22.19 18.36
N SER A 240 13.70 22.77 17.16
CA SER A 240 14.75 23.68 16.64
C SER A 240 14.70 25.08 17.29
N GLU A 241 15.84 25.75 17.24
CA GLU A 241 15.92 27.18 17.60
C GLU A 241 15.03 27.96 16.66
N ASP A 242 15.01 27.59 15.38
CA ASP A 242 14.18 28.32 14.40
C ASP A 242 12.70 28.29 14.77
N TYR A 243 12.18 27.18 15.29
CA TYR A 243 10.74 27.12 15.66
C TYR A 243 10.51 28.15 16.78
N GLN A 244 11.36 28.20 17.79
CA GLN A 244 11.23 29.19 18.89
C GLN A 244 11.34 30.61 18.32
N GLU A 245 12.26 30.84 17.38
CA GLU A 245 12.42 32.17 16.75
C GLU A 245 11.11 32.51 16.04
N GLY A 246 10.49 31.57 15.29
CA GLY A 246 9.29 31.89 14.50
C GLY A 246 8.14 32.31 15.42
N MET A 247 7.96 31.59 16.52
CA MET A 247 6.93 31.91 17.55
C MET A 247 7.24 33.29 18.17
N ASN A 248 8.49 33.52 18.56
CA ASN A 248 8.86 34.78 19.26
C ASN A 248 8.67 35.97 18.29
N ALA A 249 9.05 35.82 17.01
CA ALA A 249 8.97 36.93 16.05
C ALA A 249 7.51 37.31 15.86
N PHE A 250 6.63 36.31 15.83
CA PHE A 250 5.18 36.58 15.72
C PHE A 250 4.71 37.37 16.96
N LEU A 251 5.06 36.90 18.14
CA LEU A 251 4.71 37.55 19.45
C LEU A 251 5.22 39.01 19.45
N GLU A 252 6.45 39.25 19.02
CA GLU A 252 7.12 40.58 19.09
C GLU A 252 6.81 41.39 17.84
N LYS A 253 6.00 40.87 16.94
CA LYS A 253 5.60 41.59 15.70
C LYS A 253 6.85 42.06 14.96
N ARG A 254 7.80 41.16 14.72
CA ARG A 254 9.04 41.49 13.99
C ARG A 254 9.28 40.40 12.96
N LYS A 255 10.22 40.65 12.06
CA LYS A 255 10.64 39.68 11.02
CA LYS A 255 10.57 39.64 11.02
C LYS A 255 11.49 38.61 11.68
N PRO A 256 11.23 37.30 11.49
CA PRO A 256 12.11 36.31 12.09
C PRO A 256 13.47 36.24 11.40
N ASN A 257 14.49 35.86 12.16
CA ASN A 257 15.87 35.57 11.65
CA ASN A 257 15.85 35.58 11.63
C ASN A 257 16.12 34.07 11.75
N PHE A 258 15.82 33.33 10.68
CA PHE A 258 15.99 31.86 10.69
C PHE A 258 17.43 31.51 10.30
N VAL A 259 18.02 30.53 10.98
CA VAL A 259 19.45 30.16 10.82
C VAL A 259 19.65 28.68 10.45
N GLY A 260 18.61 27.85 10.44
CA GLY A 260 18.74 26.45 10.00
C GLY A 260 19.18 25.54 11.11
N HIS A 261 18.92 25.89 12.36
CA HIS A 261 19.00 24.93 13.48
C HIS A 261 17.99 25.34 14.54
N ALA B 2 -18.30 -7.17 -40.41
CA ALA B 2 -19.03 -5.95 -40.01
C ALA B 2 -19.67 -6.19 -38.64
N TYR B 3 -20.33 -5.17 -38.13
CA TYR B 3 -20.87 -5.09 -36.75
C TYR B 3 -22.19 -4.40 -36.94
N GLN B 4 -23.17 -4.77 -36.13
CA GLN B 4 -24.52 -4.19 -36.20
C GLN B 4 -24.50 -2.78 -35.62
N TYR B 5 -23.70 -2.51 -34.57
CA TYR B 5 -23.83 -1.28 -33.74
C TYR B 5 -22.60 -0.36 -33.83
N VAL B 6 -21.56 -0.73 -34.61
CA VAL B 6 -20.42 0.19 -34.88
C VAL B 6 -20.05 0.06 -36.36
N ASN B 7 -19.37 1.07 -36.89
CA ASN B 7 -18.74 1.06 -38.24
C ASN B 7 -17.25 1.30 -38.07
N VAL B 8 -16.40 0.52 -38.74
CA VAL B 8 -14.93 0.68 -38.61
C VAL B 8 -14.35 1.10 -39.97
N VAL B 9 -13.51 2.13 -39.96
CA VAL B 9 -12.71 2.59 -41.13
C VAL B 9 -11.25 2.54 -40.71
N THR B 10 -10.36 2.11 -41.58
CA THR B 10 -8.90 2.17 -41.33
C THR B 10 -8.27 3.08 -42.38
N ILE B 11 -7.43 3.98 -41.93
CA ILE B 11 -6.62 4.86 -42.80
C ILE B 11 -5.17 4.55 -42.44
N ASN B 12 -4.53 3.70 -43.24
CA ASN B 12 -3.18 3.15 -42.96
C ASN B 12 -3.17 2.61 -41.52
N LYS B 13 -2.45 3.25 -40.60
CA LYS B 13 -2.20 2.69 -39.23
C LYS B 13 -3.28 3.15 -38.25
N VAL B 14 -4.19 4.04 -38.65
CA VAL B 14 -5.22 4.63 -37.76
C VAL B 14 -6.55 3.91 -38.04
N ALA B 15 -7.26 3.51 -36.98
CA ALA B 15 -8.60 2.92 -37.10
C ALA B 15 -9.58 3.85 -36.40
N VAL B 16 -10.72 4.03 -37.03
CA VAL B 16 -11.82 4.85 -36.47
C VAL B 16 -12.97 3.91 -36.19
N ILE B 17 -13.40 3.88 -34.94
CA ILE B 17 -14.60 3.12 -34.52
C ILE B 17 -15.72 4.15 -34.35
N GLU B 18 -16.72 4.12 -35.25
CA GLU B 18 -17.84 5.06 -35.22
C GLU B 18 -19.08 4.37 -34.65
N PHE B 19 -19.72 4.96 -33.66
CA PHE B 19 -20.97 4.41 -33.09
C PHE B 19 -22.04 4.34 -34.19
N ASN B 20 -22.84 3.29 -34.15
CA ASN B 20 -24.01 3.12 -35.07
C ASN B 20 -25.20 2.72 -34.22
N TYR B 21 -25.57 3.54 -33.24
CA TYR B 21 -26.69 3.22 -32.31
C TYR B 21 -27.49 4.47 -32.03
N GLY B 22 -27.56 5.34 -33.02
CA GLY B 22 -28.16 6.68 -32.94
C GLY B 22 -29.63 6.63 -32.56
N ARG B 23 -30.33 5.54 -32.93
CA ARG B 23 -31.76 5.35 -32.59
C ARG B 23 -31.90 5.46 -31.06
N LYS B 24 -30.91 4.98 -30.31
CA LYS B 24 -30.93 5.01 -28.81
C LYS B 24 -29.85 5.98 -28.28
N LEU B 25 -29.53 7.01 -29.06
CA LEU B 25 -28.53 8.08 -28.73
C LEU B 25 -27.20 7.49 -28.25
N ASN B 26 -26.83 6.34 -28.80
CA ASN B 26 -25.59 5.60 -28.45
C ASN B 26 -25.55 5.35 -26.94
N ALA B 27 -26.69 5.03 -26.35
CA ALA B 27 -26.76 4.61 -24.93
C ALA B 27 -25.93 3.32 -24.81
N LEU B 28 -25.34 3.12 -23.64
CA LEU B 28 -24.38 2.04 -23.37
C LEU B 28 -25.12 0.73 -23.07
N SER B 29 -26.08 0.35 -23.91
CA SER B 29 -26.73 -0.99 -23.89
C SER B 29 -25.67 -2.07 -24.07
N LYS B 30 -25.89 -3.24 -23.48
CA LYS B 30 -24.96 -4.38 -23.64
C LYS B 30 -24.66 -4.66 -25.11
N VAL B 31 -25.66 -4.66 -25.98
CA VAL B 31 -25.41 -5.14 -27.38
C VAL B 31 -24.45 -4.18 -28.09
N PHE B 32 -24.51 -2.89 -27.75
CA PHE B 32 -23.63 -1.83 -28.31
C PHE B 32 -22.22 -2.01 -27.76
N ILE B 33 -22.10 -2.07 -26.43
CA ILE B 33 -20.76 -2.28 -25.80
C ILE B 33 -20.14 -3.57 -26.28
N ASP B 34 -20.89 -4.68 -26.36
CA ASP B 34 -20.28 -5.92 -26.89
C ASP B 34 -19.69 -5.69 -28.29
N ASP B 35 -20.36 -4.94 -29.18
CA ASP B 35 -19.87 -4.69 -30.56
C ASP B 35 -18.63 -3.78 -30.52
N LEU B 36 -18.65 -2.75 -29.68
CA LEU B 36 -17.46 -1.88 -29.54
CA LEU B 36 -17.45 -1.85 -29.51
C LEU B 36 -16.27 -2.71 -29.06
N MET B 37 -16.49 -3.63 -28.12
CA MET B 37 -15.38 -4.45 -27.59
C MET B 37 -14.89 -5.42 -28.65
N GLN B 38 -15.81 -5.98 -29.42
CA GLN B 38 -15.37 -6.91 -30.50
C GLN B 38 -14.57 -6.11 -31.54
N ALA B 39 -15.04 -4.94 -31.91
CA ALA B 39 -14.34 -4.12 -32.93
C ALA B 39 -12.93 -3.78 -32.42
N LEU B 40 -12.81 -3.43 -31.12
CA LEU B 40 -11.46 -3.08 -30.56
C LEU B 40 -10.56 -4.31 -30.57
N SER B 41 -11.06 -5.44 -30.07
CA SER B 41 -10.34 -6.73 -30.07
C SER B 41 -9.85 -7.05 -31.48
N ASP B 42 -10.68 -6.84 -32.47
CA ASP B 42 -10.37 -7.19 -33.87
C ASP B 42 -9.29 -6.27 -34.44
N LEU B 43 -9.13 -5.08 -33.88
CA LEU B 43 -8.11 -4.07 -34.28
C LEU B 43 -6.80 -4.22 -33.48
N ASN B 44 -6.68 -5.22 -32.61
CA ASN B 44 -5.45 -5.47 -31.82
C ASN B 44 -4.50 -6.27 -32.69
N ARG B 45 -3.92 -5.61 -33.66
CA ARG B 45 -3.09 -6.14 -34.78
CA ARG B 45 -2.99 -6.22 -34.65
C ARG B 45 -1.88 -5.22 -34.95
N PRO B 46 -0.68 -5.74 -35.30
CA PRO B 46 0.53 -4.91 -35.34
C PRO B 46 0.49 -3.73 -36.33
N GLU B 47 -0.29 -3.84 -37.41
CA GLU B 47 -0.33 -2.78 -38.45
C GLU B 47 -1.31 -1.67 -38.04
N ILE B 48 -2.09 -1.85 -36.96
CA ILE B 48 -2.92 -0.78 -36.40
C ILE B 48 -2.14 -0.13 -35.22
N ARG B 49 -2.08 1.19 -35.19
CA ARG B 49 -1.21 1.85 -34.19
C ARG B 49 -1.96 2.85 -33.31
N CYS B 50 -3.16 3.25 -33.66
CA CYS B 50 -3.89 4.29 -32.93
C CYS B 50 -5.37 4.14 -33.25
N ILE B 51 -6.22 4.27 -32.25
CA ILE B 51 -7.69 4.11 -32.39
C ILE B 51 -8.33 5.48 -32.14
N ILE B 52 -9.38 5.79 -32.88
CA ILE B 52 -10.27 6.94 -32.58
C ILE B 52 -11.64 6.39 -32.33
N LEU B 53 -12.26 6.77 -31.23
CA LEU B 53 -13.70 6.47 -30.97
C LEU B 53 -14.48 7.75 -31.28
N ARG B 54 -15.58 7.62 -32.02
CA ARG B 54 -16.38 8.82 -32.41
C ARG B 54 -17.85 8.43 -32.55
N ALA B 55 -18.71 9.42 -32.36
CA ALA B 55 -20.09 9.36 -32.84
C ALA B 55 -20.11 9.82 -34.30
N PRO B 56 -21.19 9.48 -35.04
CA PRO B 56 -21.33 9.93 -36.42
C PRO B 56 -21.27 11.46 -36.51
N SER B 57 -20.70 11.92 -37.61
CA SER B 57 -20.68 13.35 -37.97
C SER B 57 -22.07 13.98 -37.78
N GLY B 58 -22.14 15.09 -37.07
CA GLY B 58 -23.35 15.90 -36.85
C GLY B 58 -24.17 15.40 -35.67
N SER B 59 -23.69 14.41 -34.90
CA SER B 59 -24.44 13.87 -33.72
C SER B 59 -24.72 14.98 -32.70
N LYS B 60 -25.97 15.13 -32.28
CA LYS B 60 -26.34 16.05 -31.19
C LYS B 60 -25.93 15.43 -29.85
N VAL B 61 -26.11 14.12 -29.73
CA VAL B 61 -25.76 13.34 -28.52
C VAL B 61 -24.64 12.37 -28.89
N PHE B 62 -23.46 12.56 -28.29
CA PHE B 62 -22.33 11.61 -28.44
C PHE B 62 -22.74 10.26 -27.87
N SER B 63 -23.13 10.23 -26.58
CA SER B 63 -23.70 9.06 -25.92
C SER B 63 -24.53 9.49 -24.74
N ALA B 64 -25.72 8.91 -24.61
CA ALA B 64 -26.68 9.20 -23.53
C ALA B 64 -26.31 8.46 -22.25
N GLY B 65 -25.23 7.69 -22.23
CA GLY B 65 -24.79 7.03 -21.00
C GLY B 65 -25.54 5.73 -20.81
N HIS B 66 -25.66 5.28 -19.57
CA HIS B 66 -26.34 4.01 -19.25
C HIS B 66 -27.73 3.93 -19.83
N ASP B 67 -28.09 2.72 -20.28
CA ASP B 67 -29.46 2.42 -20.73
C ASP B 67 -30.33 2.23 -19.48
N ILE B 68 -31.29 3.11 -19.23
CA ILE B 68 -32.24 3.01 -18.08
C ILE B 68 -32.89 1.63 -18.06
N HIS B 69 -33.25 1.08 -19.21
CA HIS B 69 -33.98 -0.21 -19.35
C HIS B 69 -33.08 -1.41 -18.96
N GLU B 70 -31.78 -1.21 -18.75
CA GLU B 70 -30.84 -2.29 -18.35
C GLU B 70 -30.41 -2.13 -16.89
N LEU B 71 -30.98 -1.14 -16.19
CA LEU B 71 -30.65 -0.84 -14.77
C LEU B 71 -31.63 -1.61 -13.89
N PRO B 72 -31.16 -2.66 -13.14
CA PRO B 72 -32.04 -3.46 -12.30
C PRO B 72 -32.60 -2.67 -11.10
N SER B 73 -33.93 -2.65 -10.95
CA SER B 73 -34.66 -2.10 -9.77
C SER B 73 -34.53 -3.05 -8.58
N GLY B 74 -34.33 -4.36 -8.84
CA GLY B 74 -33.98 -5.36 -7.82
C GLY B 74 -32.71 -4.92 -7.10
N GLY B 75 -32.26 -5.68 -6.10
CA GLY B 75 -30.95 -5.45 -5.44
C GLY B 75 -29.84 -5.14 -6.45
N ARG B 76 -29.81 -5.85 -7.58
CA ARG B 76 -28.57 -6.10 -8.36
C ARG B 76 -27.84 -4.78 -8.69
N ASP B 77 -26.56 -4.74 -8.35
CA ASP B 77 -25.62 -3.62 -8.67
C ASP B 77 -25.37 -3.65 -10.18
N PRO B 78 -25.76 -2.59 -10.95
CA PRO B 78 -25.46 -2.50 -12.38
C PRO B 78 -24.04 -2.01 -12.69
N LEU B 79 -23.24 -1.79 -11.63
CA LEU B 79 -21.83 -1.39 -11.82
C LEU B 79 -20.93 -2.45 -11.20
N SER B 80 -21.32 -3.71 -11.31
CA SER B 80 -20.48 -4.83 -10.86
C SER B 80 -19.40 -5.11 -11.91
N TYR B 81 -18.45 -5.94 -11.55
CA TYR B 81 -17.17 -6.05 -12.29
C TYR B 81 -17.44 -6.36 -13.76
N ASP B 82 -18.38 -7.26 -14.06
CA ASP B 82 -18.56 -7.73 -15.45
C ASP B 82 -19.71 -7.01 -16.15
N ASP B 83 -20.22 -5.91 -15.58
CA ASP B 83 -21.19 -5.07 -16.33
C ASP B 83 -20.49 -4.41 -17.52
N PRO B 84 -21.18 -4.24 -18.66
CA PRO B 84 -20.51 -3.79 -19.88
C PRO B 84 -19.65 -2.51 -19.77
N LEU B 85 -20.12 -1.47 -19.08
CA LEU B 85 -19.35 -0.22 -18.89
C LEU B 85 -18.05 -0.55 -18.15
N ARG B 86 -18.11 -1.45 -17.18
CA ARG B 86 -16.93 -1.76 -16.34
C ARG B 86 -15.97 -2.53 -17.24
N GLN B 87 -16.48 -3.42 -18.11
CA GLN B 87 -15.62 -4.23 -19.00
CA GLN B 87 -15.62 -4.23 -19.00
C GLN B 87 -14.94 -3.30 -20.01
N ILE B 88 -15.69 -2.40 -20.61
CA ILE B 88 -15.08 -1.62 -21.73
C ILE B 88 -14.06 -0.61 -21.20
N THR B 89 -14.27 -0.02 -20.04
CA THR B 89 -13.25 0.91 -19.49
C THR B 89 -11.97 0.11 -19.19
N ARG B 90 -12.04 -1.08 -18.58
CA ARG B 90 -10.83 -1.90 -18.40
C ARG B 90 -10.18 -2.20 -19.77
N MET B 91 -10.99 -2.55 -20.74
CA MET B 91 -10.42 -2.95 -22.05
C MET B 91 -9.72 -1.75 -22.69
N ILE B 92 -10.32 -0.56 -22.64
CA ILE B 92 -9.69 0.68 -23.20
C ILE B 92 -8.35 0.90 -22.47
N GLN B 93 -8.35 0.78 -21.15
CA GLN B 93 -7.15 1.07 -20.35
C GLN B 93 -6.03 0.07 -20.61
N LYS B 94 -6.37 -1.18 -20.85
CA LYS B 94 -5.37 -2.27 -21.04
C LYS B 94 -5.01 -2.42 -22.51
N PHE B 95 -5.67 -1.70 -23.40
CA PHE B 95 -5.45 -1.84 -24.85
C PHE B 95 -4.06 -1.30 -25.21
N PRO B 96 -3.20 -2.07 -25.93
CA PRO B 96 -1.80 -1.69 -26.08
C PRO B 96 -1.55 -0.63 -27.18
N LYS B 97 -2.57 0.13 -27.53
CA LYS B 97 -2.45 1.25 -28.51
C LYS B 97 -3.18 2.42 -27.91
N PRO B 98 -2.77 3.65 -28.23
CA PRO B 98 -3.52 4.82 -27.81
C PRO B 98 -4.95 4.78 -28.36
N ILE B 99 -5.90 5.16 -27.51
CA ILE B 99 -7.31 5.36 -27.89
C ILE B 99 -7.67 6.81 -27.65
N ILE B 100 -8.05 7.53 -28.71
CA ILE B 100 -8.46 8.94 -28.69
C ILE B 100 -9.97 8.97 -28.77
N SER B 101 -10.62 9.62 -27.81
CA SER B 101 -12.05 9.95 -27.91
C SER B 101 -12.20 11.26 -28.70
N MET B 102 -12.90 11.21 -29.84
CA MET B 102 -13.16 12.39 -30.71
C MET B 102 -14.63 12.77 -30.55
N VAL B 103 -14.90 13.84 -29.80
CA VAL B 103 -16.25 14.11 -29.26
C VAL B 103 -16.95 15.23 -30.03
N GLU B 104 -18.09 14.84 -30.60
CA GLU B 104 -19.09 15.78 -31.13
C GLU B 104 -20.38 15.46 -30.38
N GLY B 105 -21.02 16.48 -29.85
CA GLY B 105 -22.33 16.36 -29.22
C GLY B 105 -22.21 16.31 -27.71
N SER B 106 -23.29 15.97 -27.04
CA SER B 106 -23.37 15.97 -25.56
C SER B 106 -22.93 14.58 -25.02
N VAL B 107 -22.17 14.58 -23.93
CA VAL B 107 -21.65 13.33 -23.29
C VAL B 107 -22.24 13.22 -21.89
N TRP B 108 -22.77 12.06 -21.53
CA TRP B 108 -23.52 11.88 -20.26
C TRP B 108 -23.05 10.65 -19.50
N GLY B 109 -22.83 10.82 -18.19
CA GLY B 109 -22.79 9.71 -17.23
C GLY B 109 -21.69 8.70 -17.54
N GLY B 110 -22.09 7.43 -17.65
CA GLY B 110 -21.16 6.34 -18.00
C GLY B 110 -20.39 6.65 -19.24
N ALA B 111 -20.95 7.41 -20.18
CA ALA B 111 -20.21 7.72 -21.43
C ALA B 111 -19.10 8.74 -21.11
N PHE B 112 -19.34 9.63 -20.16
CA PHE B 112 -18.26 10.53 -19.68
C PHE B 112 -17.14 9.66 -19.05
N GLU B 113 -17.49 8.71 -18.19
CA GLU B 113 -16.43 7.87 -17.59
C GLU B 113 -15.70 7.19 -18.73
N MET B 114 -16.44 6.70 -19.74
CA MET B 114 -15.79 5.95 -20.84
C MET B 114 -14.75 6.82 -21.56
N ILE B 115 -15.09 8.04 -21.95
CA ILE B 115 -14.06 8.91 -22.61
C ILE B 115 -12.95 9.26 -21.63
N MET B 116 -13.27 9.44 -20.35
CA MET B 116 -12.21 9.75 -19.35
C MET B 116 -11.23 8.59 -19.28
N SER B 117 -11.67 7.36 -19.47
CA SER B 117 -10.80 6.15 -19.42
C SER B 117 -9.87 6.08 -20.63
N SER B 118 -10.20 6.77 -21.71
CA SER B 118 -9.36 6.77 -22.95
C SER B 118 -8.14 7.68 -22.74
N ASP B 119 -7.22 7.70 -23.66
CA ASP B 119 -5.88 8.26 -23.46
C ASP B 119 -5.86 9.76 -23.76
N LEU B 120 -6.59 10.20 -24.78
CA LEU B 120 -6.68 11.61 -25.19
C LEU B 120 -8.15 11.88 -25.53
N ILE B 121 -8.59 13.10 -25.29
CA ILE B 121 -9.93 13.59 -25.70
C ILE B 121 -9.77 14.88 -26.50
N ILE B 122 -10.27 14.84 -27.72
CA ILE B 122 -10.26 15.99 -28.68
C ILE B 122 -11.75 16.25 -28.94
N ALA B 123 -12.22 17.47 -28.71
CA ALA B 123 -13.67 17.76 -28.73
C ALA B 123 -14.04 18.95 -29.59
N ALA B 124 -15.26 18.92 -30.15
CA ALA B 124 -15.84 20.07 -30.88
C ALA B 124 -16.08 21.21 -29.89
N SER B 125 -15.96 22.45 -30.32
CA SER B 125 -16.24 23.61 -29.45
C SER B 125 -17.67 23.61 -28.92
N THR B 126 -18.63 22.95 -29.56
CA THR B 126 -20.06 22.89 -29.15
C THR B 126 -20.38 21.65 -28.30
N SER B 127 -19.41 20.82 -28.01
CA SER B 127 -19.61 19.60 -27.20
C SER B 127 -19.77 20.00 -25.72
N THR B 128 -20.46 19.17 -24.98
CA THR B 128 -20.78 19.39 -23.56
C THR B 128 -20.67 18.08 -22.80
N PHE B 129 -20.42 18.15 -21.48
CA PHE B 129 -20.03 17.00 -20.64
C PHE B 129 -20.79 17.06 -19.32
N SER B 130 -21.42 15.97 -18.90
CA SER B 130 -22.18 15.86 -17.64
C SER B 130 -21.90 14.52 -17.02
N MET B 131 -21.87 14.48 -15.70
CA MET B 131 -21.77 13.23 -14.94
C MET B 131 -23.04 13.16 -14.11
N THR B 132 -23.90 12.16 -14.34
CA THR B 132 -25.32 12.19 -13.91
C THR B 132 -25.78 11.17 -12.86
N PRO B 133 -24.97 10.30 -12.20
CA PRO B 133 -25.60 9.34 -11.28
C PRO B 133 -26.38 9.98 -10.11
N VAL B 134 -26.06 11.19 -9.65
CA VAL B 134 -26.84 11.79 -8.51
C VAL B 134 -28.23 12.18 -8.99
N ASN B 135 -28.49 12.19 -10.29
CA ASN B 135 -29.86 12.48 -10.80
C ASN B 135 -30.77 11.29 -10.54
N LEU B 136 -30.23 10.07 -10.45
CA LEU B 136 -31.03 8.85 -10.26
C LEU B 136 -30.83 8.23 -8.88
N GLY B 137 -29.85 8.68 -8.11
CA GLY B 137 -29.59 8.03 -6.83
C GLY B 137 -28.68 6.83 -6.94
N VAL B 138 -27.91 6.74 -8.01
CA VAL B 138 -26.97 5.62 -8.22
C VAL B 138 -25.70 5.77 -7.39
N PRO B 139 -25.35 4.74 -6.59
CA PRO B 139 -24.08 4.69 -5.87
C PRO B 139 -22.92 4.28 -6.79
N TYR B 140 -22.40 5.21 -7.57
CA TYR B 140 -21.35 4.90 -8.57
C TYR B 140 -20.20 4.18 -7.85
N ASN B 141 -19.59 3.21 -8.52
CA ASN B 141 -18.62 2.30 -7.86
C ASN B 141 -17.23 2.95 -7.75
N LEU B 142 -16.40 2.44 -6.86
CA LEU B 142 -15.05 2.99 -6.56
CA LEU B 142 -15.06 2.95 -6.56
C LEU B 142 -14.21 3.09 -7.85
N VAL B 143 -14.10 2.01 -8.61
CA VAL B 143 -13.26 2.00 -9.83
C VAL B 143 -13.76 3.11 -10.76
N GLY B 144 -15.08 3.19 -10.91
CA GLY B 144 -15.70 4.15 -11.84
C GLY B 144 -15.38 5.56 -11.40
N ILE B 145 -15.49 5.86 -10.10
CA ILE B 145 -15.16 7.23 -9.60
C ILE B 145 -13.67 7.51 -9.81
N HIS B 146 -12.82 6.57 -9.47
CA HIS B 146 -11.36 6.71 -9.59
C HIS B 146 -11.02 7.13 -11.02
N ASN B 147 -11.73 6.56 -12.01
CA ASN B 147 -11.48 6.83 -13.45
C ASN B 147 -11.75 8.30 -13.79
N LEU B 148 -12.46 9.05 -12.93
CA LEU B 148 -12.79 10.48 -13.16
C LEU B 148 -11.83 11.43 -12.45
N THR B 149 -10.80 10.93 -11.73
CA THR B 149 -9.95 11.74 -10.83
C THR B 149 -8.52 11.98 -11.33
N ARG B 150 -8.18 11.64 -12.56
CA ARG B 150 -6.77 11.65 -13.02
C ARG B 150 -6.46 12.85 -13.89
N ASP B 151 -7.46 13.72 -14.09
CA ASP B 151 -7.32 14.87 -15.03
C ASP B 151 -7.59 16.20 -14.32
N ALA B 152 -8.83 16.49 -13.98
CA ALA B 152 -9.21 17.67 -13.20
C ALA B 152 -9.04 17.36 -11.72
N GLY B 153 -8.88 18.41 -10.94
CA GLY B 153 -8.72 18.28 -9.49
C GLY B 153 -10.00 17.92 -8.76
N PHE B 154 -9.87 17.62 -7.47
CA PHE B 154 -10.95 17.08 -6.63
C PHE B 154 -12.13 18.06 -6.58
N HIS B 155 -11.91 19.36 -6.39
CA HIS B 155 -13.02 20.36 -6.30
CA HIS B 155 -13.03 20.34 -6.29
C HIS B 155 -13.83 20.37 -7.60
N ILE B 156 -13.14 20.29 -8.70
CA ILE B 156 -13.83 20.33 -10.02
C ILE B 156 -14.63 19.04 -10.19
N VAL B 157 -14.02 17.90 -9.88
CA VAL B 157 -14.74 16.61 -10.00
C VAL B 157 -16.00 16.66 -9.13
N LYS B 158 -15.87 17.12 -7.89
CA LYS B 158 -17.02 17.11 -7.00
C LYS B 158 -18.11 18.05 -7.55
N GLU B 159 -17.74 19.20 -8.06
CA GLU B 159 -18.75 20.09 -8.70
C GLU B 159 -19.47 19.34 -9.83
N LEU B 160 -18.72 18.67 -10.69
CA LEU B 160 -19.36 17.92 -11.81
C LEU B 160 -20.33 16.89 -11.25
N ILE B 161 -19.90 16.10 -10.25
CA ILE B 161 -20.70 14.94 -9.83
C ILE B 161 -21.87 15.42 -8.98
N PHE B 162 -21.65 16.36 -8.07
CA PHE B 162 -22.69 16.75 -7.10
C PHE B 162 -23.74 17.59 -7.79
N THR B 163 -23.38 18.38 -8.80
CA THR B 163 -24.39 19.23 -9.51
C THR B 163 -25.05 18.48 -10.63
N ALA B 164 -24.38 17.50 -11.22
CA ALA B 164 -24.75 16.87 -12.50
C ALA B 164 -25.02 17.92 -13.58
N SER B 165 -24.40 19.09 -13.51
CA SER B 165 -24.63 20.17 -14.49
C SER B 165 -23.62 19.99 -15.61
N PRO B 166 -24.02 20.24 -16.88
CA PRO B 166 -23.09 20.14 -17.98
C PRO B 166 -22.05 21.26 -17.94
N ILE B 167 -20.85 20.95 -18.42
CA ILE B 167 -19.86 22.01 -18.67
C ILE B 167 -19.55 22.05 -20.17
N THR B 168 -19.10 23.19 -20.61
CA THR B 168 -18.72 23.40 -22.02
C THR B 168 -17.39 22.72 -22.28
N ALA B 169 -17.08 22.57 -23.55
CA ALA B 169 -15.76 22.14 -24.05
C ALA B 169 -14.69 23.11 -23.55
N GLN B 170 -14.98 24.40 -23.57
CA GLN B 170 -14.00 25.42 -23.18
C GLN B 170 -13.65 25.26 -21.69
N ARG B 171 -14.64 25.05 -20.84
CA ARG B 171 -14.36 24.79 -19.40
C ARG B 171 -13.68 23.43 -19.23
N ALA B 172 -14.07 22.38 -19.95
CA ALA B 172 -13.41 21.06 -19.86
C ALA B 172 -11.95 21.14 -20.30
N LEU B 173 -11.62 21.97 -21.27
CA LEU B 173 -10.21 22.23 -21.64
C LEU B 173 -9.52 22.92 -20.46
N ALA B 174 -10.11 23.95 -19.89
CA ALA B 174 -9.45 24.82 -18.87
C ALA B 174 -9.15 23.98 -17.62
N VAL B 175 -10.01 23.05 -17.28
CA VAL B 175 -9.82 22.28 -16.03
C VAL B 175 -8.97 21.05 -16.27
N GLY B 176 -8.58 20.69 -17.49
CA GLY B 176 -7.65 19.58 -17.68
C GLY B 176 -8.31 18.28 -18.15
N ILE B 177 -9.61 18.28 -18.43
CA ILE B 177 -10.32 17.08 -18.93
C ILE B 177 -9.91 16.82 -20.39
N LEU B 178 -9.93 17.84 -21.22
CA LEU B 178 -9.70 17.70 -22.67
C LEU B 178 -8.25 18.03 -23.03
N ASN B 179 -7.81 17.47 -24.15
CA ASN B 179 -6.51 17.80 -24.74
C ASN B 179 -6.64 19.04 -25.65
N HIS B 180 -7.69 19.06 -26.47
CA HIS B 180 -7.87 20.10 -27.50
C HIS B 180 -9.34 20.29 -27.77
N VAL B 181 -9.66 21.52 -28.08
CA VAL B 181 -11.00 21.92 -28.53
C VAL B 181 -10.82 22.54 -29.91
N VAL B 182 -11.61 22.06 -30.84
CA VAL B 182 -11.49 22.45 -32.27
CA VAL B 182 -11.50 22.55 -32.24
C VAL B 182 -12.90 22.82 -32.80
N GLU B 183 -13.00 23.71 -33.80
CA GLU B 183 -14.29 23.97 -34.47
C GLU B 183 -14.78 22.67 -35.10
N VAL B 184 -16.10 22.41 -35.10
CA VAL B 184 -16.60 21.07 -35.50
C VAL B 184 -16.14 20.72 -36.92
N GLU B 185 -15.98 21.70 -37.82
CA GLU B 185 -15.60 21.46 -39.24
CA GLU B 185 -15.61 21.47 -39.24
C GLU B 185 -14.15 20.98 -39.32
N GLU B 186 -13.33 21.27 -38.30
CA GLU B 186 -11.89 20.90 -38.27
C GLU B 186 -11.65 19.63 -37.41
N LEU B 187 -12.66 19.14 -36.71
CA LEU B 187 -12.46 18.10 -35.64
C LEU B 187 -11.88 16.83 -36.24
N GLU B 188 -12.47 16.30 -37.32
N GLU B 188 -12.49 16.29 -37.31
CA GLU B 188 -12.03 15.00 -37.87
CA GLU B 188 -12.05 15.03 -37.95
C GLU B 188 -10.59 15.13 -38.39
C GLU B 188 -10.58 15.15 -38.37
N ASP B 189 -10.25 16.18 -39.13
CA ASP B 189 -8.89 16.31 -39.69
C ASP B 189 -7.87 16.54 -38.59
N PHE B 190 -8.20 17.34 -37.58
CA PHE B 190 -7.25 17.63 -36.47
C PHE B 190 -6.91 16.32 -35.77
N THR B 191 -7.96 15.54 -35.49
CA THR B 191 -7.84 14.27 -34.76
C THR B 191 -7.07 13.24 -35.58
N LEU B 192 -7.42 13.06 -36.83
CA LEU B 192 -6.68 12.15 -37.73
C LEU B 192 -5.23 12.53 -37.81
N GLN B 193 -4.89 13.81 -37.97
CA GLN B 193 -3.44 14.12 -38.12
C GLN B 193 -2.70 13.78 -36.84
N MET B 194 -3.30 13.98 -35.68
CA MET B 194 -2.61 13.60 -34.43
C MET B 194 -2.45 12.09 -34.38
N ALA B 195 -3.46 11.31 -34.81
CA ALA B 195 -3.43 9.83 -34.75
C ALA B 195 -2.35 9.35 -35.71
N HIS B 196 -2.25 9.95 -36.90
CA HIS B 196 -1.24 9.49 -37.89
CA HIS B 196 -1.24 9.48 -37.88
C HIS B 196 0.17 9.79 -37.34
N HIS B 197 0.29 10.91 -36.68
CA HIS B 197 1.58 11.35 -36.10
C HIS B 197 1.99 10.36 -35.03
N ILE B 198 1.09 10.04 -34.11
CA ILE B 198 1.37 9.00 -33.06
C ILE B 198 1.78 7.68 -33.70
N SER B 199 1.17 7.32 -34.82
CA SER B 199 1.35 6.01 -35.47
CA SER B 199 1.35 6.01 -35.47
C SER B 199 2.75 5.91 -36.09
N GLU B 200 3.50 7.01 -36.20
CA GLU B 200 4.90 6.89 -36.70
CA GLU B 200 4.92 7.07 -36.66
C GLU B 200 5.86 6.65 -35.51
N LYS B 201 5.36 6.67 -34.28
CA LYS B 201 6.27 6.47 -33.11
C LYS B 201 6.36 4.99 -32.76
N ALA B 202 7.22 4.65 -31.80
CA ALA B 202 7.57 3.25 -31.45
C ALA B 202 6.38 2.63 -30.72
N PRO B 203 5.66 1.65 -31.31
CA PRO B 203 4.48 1.11 -30.65
C PRO B 203 4.75 0.32 -29.36
N LEU B 204 5.89 -0.36 -29.27
CA LEU B 204 6.17 -1.17 -28.06
C LEU B 204 6.49 -0.24 -26.89
N ALA B 205 7.10 0.91 -27.17
CA ALA B 205 7.41 1.90 -26.15
C ALA B 205 6.08 2.54 -25.72
N ILE B 206 5.25 2.93 -26.67
CA ILE B 206 3.92 3.50 -26.32
C ILE B 206 3.19 2.51 -25.43
N ALA B 207 3.15 1.24 -25.80
CA ALA B 207 2.37 0.21 -25.05
C ALA B 207 2.89 0.08 -23.60
N VAL B 208 4.19 -0.07 -23.41
CA VAL B 208 4.69 -0.26 -22.03
C VAL B 208 4.51 1.04 -21.24
N ILE B 209 4.68 2.22 -21.83
CA ILE B 209 4.48 3.47 -21.05
C ILE B 209 3.00 3.65 -20.73
N LYS B 210 2.10 3.30 -21.64
CA LYS B 210 0.63 3.35 -21.33
C LYS B 210 0.33 2.40 -20.16
N GLU B 211 0.92 1.20 -20.17
CA GLU B 211 0.66 0.19 -19.13
C GLU B 211 1.26 0.66 -17.80
N GLU B 212 2.45 1.29 -17.82
CA GLU B 212 3.06 1.85 -16.58
C GLU B 212 2.13 2.93 -16.03
N LEU B 213 1.62 3.83 -16.91
CA LEU B 213 0.67 4.85 -16.44
C LEU B 213 -0.57 4.17 -15.86
N ARG B 214 -1.08 3.11 -16.50
CA ARG B 214 -2.32 2.46 -16.01
C ARG B 214 -2.06 1.97 -14.59
N VAL B 215 -0.99 1.24 -14.38
CA VAL B 215 -0.77 0.62 -13.03
CA VAL B 215 -0.63 0.61 -13.06
C VAL B 215 -0.41 1.70 -12.00
N LEU B 216 0.28 2.77 -12.35
CA LEU B 216 0.48 3.89 -11.39
C LEU B 216 -0.87 4.53 -11.07
N GLY B 217 -1.76 4.71 -12.06
CA GLY B 217 -3.07 5.33 -11.81
C GLY B 217 -3.95 4.47 -10.92
N GLU B 218 -3.78 3.15 -10.98
CA GLU B 218 -4.57 2.19 -10.15
CA GLU B 218 -4.57 2.21 -10.15
C GLU B 218 -3.97 2.08 -8.74
N ALA B 219 -2.72 2.51 -8.53
CA ALA B 219 -1.90 2.17 -7.33
C ALA B 219 -2.31 3.06 -6.15
N HIS B 220 -3.60 3.24 -5.95
CA HIS B 220 -4.17 3.83 -4.72
C HIS B 220 -4.73 2.65 -3.95
N THR B 221 -4.10 2.27 -2.86
CA THR B 221 -4.36 0.96 -2.22
C THR B 221 -5.06 1.21 -0.87
N MET B 222 -5.88 0.25 -0.48
CA MET B 222 -6.61 0.29 0.82
CA MET B 222 -6.59 0.29 0.83
C MET B 222 -6.70 -1.13 1.38
N ASN B 223 -7.04 -1.24 2.65
CA ASN B 223 -7.25 -2.55 3.28
C ASN B 223 -8.66 -3.08 3.01
N SER B 224 -8.83 -4.36 3.29
CA SER B 224 -10.07 -5.09 2.97
C SER B 224 -11.21 -4.45 3.74
N ASP B 225 -10.99 -4.08 4.99
CA ASP B 225 -12.09 -3.56 5.84
C ASP B 225 -12.64 -2.29 5.16
N GLU B 226 -11.76 -1.43 4.67
CA GLU B 226 -12.24 -0.16 4.08
CA GLU B 226 -12.11 -0.15 3.98
C GLU B 226 -13.04 -0.46 2.80
N PHE B 227 -12.61 -1.40 1.97
CA PHE B 227 -13.39 -1.77 0.75
CA PHE B 227 -13.41 -1.73 0.76
C PHE B 227 -14.76 -2.31 1.16
N GLU B 228 -14.81 -3.21 2.16
CA GLU B 228 -16.09 -3.85 2.56
C GLU B 228 -17.00 -2.82 3.19
N ARG B 229 -16.43 -1.86 3.92
CA ARG B 229 -17.22 -0.76 4.50
C ARG B 229 -17.88 0.07 3.37
N ILE B 230 -17.14 0.39 2.31
CA ILE B 230 -17.69 1.14 1.15
C ILE B 230 -18.79 0.30 0.49
N GLN B 231 -18.55 -1.00 0.32
CA GLN B 231 -19.58 -1.84 -0.36
C GLN B 231 -20.86 -1.82 0.46
N GLY B 232 -20.78 -1.88 1.79
CA GLY B 232 -21.98 -1.80 2.66
C GLY B 232 -22.74 -0.51 2.42
N MET B 233 -22.01 0.59 2.29
CA MET B 233 -22.62 1.92 2.05
C MET B 233 -23.28 1.86 0.69
N ARG B 234 -22.61 1.33 -0.35
CA ARG B 234 -23.25 1.28 -1.69
C ARG B 234 -24.54 0.45 -1.63
N ARG B 235 -24.49 -0.70 -0.94
CA ARG B 235 -25.67 -1.59 -0.91
C ARG B 235 -26.81 -0.83 -0.23
N ALA B 236 -26.50 -0.08 0.82
CA ALA B 236 -27.56 0.71 1.51
C ALA B 236 -28.17 1.68 0.50
N VAL B 237 -27.40 2.28 -0.41
CA VAL B 237 -27.95 3.20 -1.45
C VAL B 237 -28.86 2.42 -2.42
N TYR B 238 -28.40 1.28 -2.90
CA TYR B 238 -29.21 0.41 -3.80
C TYR B 238 -30.49 -0.04 -3.11
N ASP B 239 -30.48 -0.25 -1.80
CA ASP B 239 -31.69 -0.70 -1.05
C ASP B 239 -32.61 0.47 -0.70
N SER B 240 -32.27 1.72 -1.04
CA SER B 240 -32.98 2.94 -0.56
C SER B 240 -34.29 3.17 -1.33
N GLU B 241 -35.21 3.88 -0.70
CA GLU B 241 -36.45 4.36 -1.38
C GLU B 241 -36.04 5.34 -2.47
N ASP B 242 -35.03 6.16 -2.20
CA ASP B 242 -34.54 7.18 -3.16
C ASP B 242 -34.09 6.50 -4.44
N TYR B 243 -33.42 5.35 -4.36
CA TYR B 243 -32.91 4.69 -5.59
C TYR B 243 -34.10 4.30 -6.47
N GLN B 244 -35.16 3.74 -5.87
CA GLN B 244 -36.43 3.39 -6.58
C GLN B 244 -37.02 4.65 -7.23
N GLU B 245 -37.08 5.74 -6.47
CA GLU B 245 -37.67 7.03 -6.93
C GLU B 245 -36.85 7.59 -8.09
N GLY B 246 -35.51 7.54 -7.99
CA GLY B 246 -34.67 8.06 -9.07
C GLY B 246 -34.91 7.30 -10.37
N MET B 247 -35.02 5.97 -10.31
CA MET B 247 -35.18 5.18 -11.56
CA MET B 247 -35.20 5.14 -11.54
C MET B 247 -36.60 5.41 -12.10
N ASN B 248 -37.61 5.40 -11.23
CA ASN B 248 -39.02 5.55 -11.67
C ASN B 248 -39.22 6.94 -12.26
N ALA B 249 -38.64 7.96 -11.63
CA ALA B 249 -38.77 9.35 -12.12
C ALA B 249 -38.20 9.44 -13.53
N PHE B 250 -37.03 8.85 -13.78
CA PHE B 250 -36.40 8.93 -15.12
C PHE B 250 -37.31 8.18 -16.12
N LEU B 251 -37.77 6.98 -15.80
CA LEU B 251 -38.68 6.18 -16.70
C LEU B 251 -39.97 6.97 -16.96
N GLU B 252 -40.54 7.63 -15.96
CA GLU B 252 -41.85 8.35 -16.06
C GLU B 252 -41.67 9.80 -16.51
N LYS B 253 -40.44 10.25 -16.79
CA LYS B 253 -40.16 11.62 -17.31
C LYS B 253 -40.71 12.67 -16.36
N ARG B 254 -40.39 12.57 -15.08
CA ARG B 254 -40.82 13.54 -14.05
C ARG B 254 -39.61 13.81 -13.14
N LYS B 255 -39.71 14.86 -12.33
CA LYS B 255 -38.67 15.30 -11.39
C LYS B 255 -38.70 14.35 -10.20
N PRO B 256 -37.58 13.72 -9.77
CA PRO B 256 -37.66 12.87 -8.60
C PRO B 256 -37.84 13.70 -7.34
N ASN B 257 -38.43 13.09 -6.36
CA ASN B 257 -38.56 13.67 -4.99
C ASN B 257 -37.67 12.86 -4.06
N PHE B 258 -36.39 13.25 -3.90
CA PHE B 258 -35.48 12.52 -2.98
C PHE B 258 -35.70 13.00 -1.53
N VAL B 259 -35.65 12.05 -0.60
CA VAL B 259 -35.95 12.29 0.84
C VAL B 259 -34.82 11.79 1.74
N GLY B 260 -33.83 11.06 1.21
CA GLY B 260 -32.66 10.69 2.02
C GLY B 260 -32.84 9.41 2.83
N HIS B 261 -33.66 8.49 2.35
CA HIS B 261 -33.70 7.08 2.82
C HIS B 261 -34.20 6.21 1.66
N ALA C 2 35.70 25.38 -9.51
CA ALA C 2 35.96 24.08 -8.88
C ALA C 2 35.41 22.95 -9.76
N TYR C 3 34.58 23.26 -10.77
CA TYR C 3 33.91 22.22 -11.62
C TYR C 3 34.15 22.51 -13.09
N GLN C 4 34.42 21.44 -13.85
CA GLN C 4 34.63 21.54 -15.31
C GLN C 4 33.31 21.84 -16.03
N TYR C 5 32.21 21.17 -15.67
CA TYR C 5 30.99 21.13 -16.50
C TYR C 5 29.83 21.95 -15.91
N VAL C 6 30.07 22.63 -14.78
CA VAL C 6 29.10 23.63 -14.26
C VAL C 6 29.84 24.85 -13.71
N ASN C 7 29.12 25.96 -13.58
CA ASN C 7 29.63 27.21 -12.95
C ASN C 7 28.67 27.57 -11.83
N VAL C 8 29.16 27.91 -10.65
CA VAL C 8 28.29 28.23 -9.50
C VAL C 8 28.51 29.68 -9.08
N VAL C 9 27.42 30.40 -8.85
CA VAL C 9 27.46 31.80 -8.32
CA VAL C 9 27.57 31.75 -8.22
C VAL C 9 26.60 31.84 -7.06
N THR C 10 27.10 32.39 -5.96
CA THR C 10 26.33 32.52 -4.71
C THR C 10 25.99 33.98 -4.49
N ILE C 11 24.69 34.28 -4.40
CA ILE C 11 24.18 35.64 -4.16
C ILE C 11 23.36 35.60 -2.86
N ASN C 12 23.95 36.08 -1.78
CA ASN C 12 23.42 36.00 -0.40
C ASN C 12 23.19 34.53 -0.07
N LYS C 13 21.95 34.07 0.02
CA LYS C 13 21.64 32.67 0.39
C LYS C 13 21.22 31.87 -0.84
N VAL C 14 21.26 32.44 -2.04
CA VAL C 14 20.81 31.76 -3.27
C VAL C 14 22.05 31.29 -4.05
N ALA C 15 22.08 30.02 -4.50
CA ALA C 15 23.18 29.52 -5.37
C ALA C 15 22.61 29.23 -6.76
N VAL C 16 23.23 29.79 -7.79
CA VAL C 16 22.84 29.59 -9.20
C VAL C 16 23.84 28.63 -9.83
N ILE C 17 23.39 27.44 -10.21
CA ILE C 17 24.22 26.43 -10.89
C ILE C 17 23.92 26.54 -12.38
N GLU C 18 24.93 26.94 -13.15
CA GLU C 18 24.79 27.15 -14.61
CA GLU C 18 24.84 27.19 -14.61
C GLU C 18 25.51 26.02 -15.34
N PHE C 19 24.82 25.36 -16.24
CA PHE C 19 25.43 24.30 -17.08
C PHE C 19 26.58 24.91 -17.89
N ASN C 20 27.64 24.14 -18.04
CA ASN C 20 28.83 24.52 -18.84
C ASN C 20 29.19 23.34 -19.76
N TYR C 21 28.20 22.82 -20.48
CA TYR C 21 28.40 21.68 -21.39
C TYR C 21 27.72 21.99 -22.72
N GLY C 22 27.77 23.25 -23.16
CA GLY C 22 26.98 23.79 -24.28
C GLY C 22 27.46 23.24 -25.61
N ARG C 23 28.64 22.65 -25.64
CA ARG C 23 29.23 22.17 -26.90
C ARG C 23 28.53 20.86 -27.27
N LYS C 24 27.87 20.24 -26.28
CA LYS C 24 27.00 19.06 -26.45
C LYS C 24 25.56 19.40 -26.02
N LEU C 25 25.19 20.67 -26.09
CA LEU C 25 23.82 21.16 -25.79
C LEU C 25 23.36 20.62 -24.43
N ASN C 26 24.29 20.49 -23.48
CA ASN C 26 23.97 20.14 -22.07
C ASN C 26 23.24 18.80 -22.06
N ALA C 27 23.56 17.93 -23.01
CA ALA C 27 23.13 16.51 -23.00
C ALA C 27 23.56 15.91 -21.68
N LEU C 28 22.77 14.97 -21.17
CA LEU C 28 22.91 14.40 -19.83
C LEU C 28 24.03 13.32 -19.80
N SER C 29 25.19 13.63 -20.36
CA SER C 29 26.38 12.77 -20.29
C SER C 29 26.72 12.56 -18.81
N LYS C 30 27.23 11.38 -18.48
CA LYS C 30 27.67 11.05 -17.12
C LYS C 30 28.62 12.14 -16.57
N VAL C 31 29.59 12.62 -17.37
CA VAL C 31 30.60 13.54 -16.77
C VAL C 31 29.90 14.84 -16.34
N PHE C 32 28.91 15.30 -17.09
CA PHE C 32 28.13 16.52 -16.82
C PHE C 32 27.29 16.29 -15.56
N ILE C 33 26.55 15.19 -15.50
CA ILE C 33 25.60 14.93 -14.39
C ILE C 33 26.38 14.71 -13.11
N ASP C 34 27.54 14.04 -13.20
CA ASP C 34 28.39 13.87 -12.01
C ASP C 34 28.84 15.23 -11.45
N ASP C 35 29.20 16.20 -12.30
CA ASP C 35 29.63 17.55 -11.84
C ASP C 35 28.43 18.29 -11.25
N LEU C 36 27.29 18.18 -11.90
CA LEU C 36 26.05 18.79 -11.36
C LEU C 36 25.74 18.26 -9.96
N MET C 37 25.80 16.95 -9.77
CA MET C 37 25.54 16.32 -8.45
C MET C 37 26.62 16.73 -7.43
N GLN C 38 27.87 16.89 -7.84
CA GLN C 38 28.94 17.32 -6.90
C GLN C 38 28.69 18.76 -6.46
N ALA C 39 28.34 19.64 -7.39
CA ALA C 39 28.13 21.08 -7.10
C ALA C 39 26.92 21.23 -6.18
N LEU C 40 25.89 20.40 -6.40
CA LEU C 40 24.68 20.41 -5.53
CA LEU C 40 24.68 20.46 -5.55
C LEU C 40 25.06 19.93 -4.15
N SER C 41 25.75 18.79 -4.06
CA SER C 41 26.18 18.24 -2.76
C SER C 41 26.97 19.31 -1.99
N ASP C 42 27.91 19.96 -2.67
CA ASP C 42 28.81 20.97 -2.06
C ASP C 42 27.97 22.13 -1.52
N LEU C 43 26.79 22.39 -2.08
CA LEU C 43 25.88 23.47 -1.66
C LEU C 43 24.97 23.05 -0.52
N ASN C 44 25.08 21.83 0.01
CA ASN C 44 24.18 21.37 1.10
C ASN C 44 24.76 21.84 2.43
N ARG C 45 24.63 23.12 2.66
CA ARG C 45 25.20 23.79 3.85
CA ARG C 45 25.27 23.92 3.73
C ARG C 45 24.18 24.77 4.35
N PRO C 46 24.21 25.08 5.66
CA PRO C 46 23.10 25.82 6.25
C PRO C 46 22.89 27.23 5.69
N GLU C 47 23.97 27.85 5.21
CA GLU C 47 23.89 29.26 4.74
C GLU C 47 23.42 29.34 3.29
N ILE C 48 23.15 28.19 2.65
CA ILE C 48 22.53 28.16 1.29
C ILE C 48 21.06 27.73 1.50
N ARG C 49 20.11 28.47 0.94
CA ARG C 49 18.67 28.31 1.26
C ARG C 49 17.85 27.97 0.02
N CYS C 50 18.37 28.22 -1.17
CA CYS C 50 17.63 27.99 -2.40
C CYS C 50 18.62 27.82 -3.54
N ILE C 51 18.28 26.93 -4.48
CA ILE C 51 19.11 26.62 -5.64
C ILE C 51 18.34 27.02 -6.90
N ILE C 52 19.03 27.59 -7.87
CA ILE C 52 18.51 27.73 -9.24
C ILE C 52 19.39 26.91 -10.18
N LEU C 53 18.77 26.11 -11.06
CA LEU C 53 19.46 25.42 -12.15
C LEU C 53 19.14 26.21 -13.42
N ARG C 54 20.16 26.45 -14.23
CA ARG C 54 19.97 27.19 -15.49
C ARG C 54 20.98 26.73 -16.53
N ALA C 55 20.62 27.00 -17.78
CA ALA C 55 21.53 26.98 -18.93
C ALA C 55 22.12 28.39 -19.03
N PRO C 56 23.27 28.56 -19.68
CA PRO C 56 23.76 29.91 -19.91
C PRO C 56 22.73 30.82 -20.59
N SER C 57 22.77 32.06 -20.18
CA SER C 57 22.03 33.16 -20.83
C SER C 57 22.18 33.05 -22.35
N GLY C 58 21.05 33.09 -23.06
CA GLY C 58 20.99 33.08 -24.53
C GLY C 58 20.90 31.70 -25.12
N SER C 59 20.89 30.64 -24.30
CA SER C 59 20.95 29.27 -24.85
C SER C 59 19.72 29.02 -25.71
N LYS C 60 19.96 28.50 -26.91
CA LYS C 60 18.90 27.96 -27.77
C LYS C 60 18.38 26.65 -27.17
N VAL C 61 19.29 25.80 -26.69
CA VAL C 61 18.93 24.48 -26.12
C VAL C 61 19.26 24.51 -24.63
N PHE C 62 18.23 24.36 -23.78
CA PHE C 62 18.45 24.24 -22.32
C PHE C 62 19.22 22.95 -22.05
N SER C 63 18.66 21.81 -22.48
CA SER C 63 19.35 20.50 -22.45
C SER C 63 18.73 19.58 -23.51
N ALA C 64 19.61 18.92 -24.27
CA ALA C 64 19.23 17.98 -25.34
C ALA C 64 18.82 16.61 -24.80
N GLY C 65 18.75 16.42 -23.50
CA GLY C 65 18.33 15.13 -22.93
C GLY C 65 19.42 14.08 -22.98
N HIS C 66 19.03 12.81 -23.01
CA HIS C 66 20.01 11.69 -22.93
C HIS C 66 21.04 11.79 -24.05
N ASP C 67 22.28 11.45 -23.68
CA ASP C 67 23.42 11.38 -24.61
C ASP C 67 23.28 10.06 -25.38
N ILE C 68 23.12 10.12 -26.69
CA ILE C 68 22.90 8.90 -27.52
C ILE C 68 24.11 7.96 -27.42
N HIS C 69 25.30 8.52 -27.25
CA HIS C 69 26.58 7.76 -27.32
CA HIS C 69 26.58 7.75 -27.30
C HIS C 69 26.74 6.94 -26.02
N GLU C 70 25.93 7.24 -25.00
CA GLU C 70 25.98 6.53 -23.69
C GLU C 70 24.79 5.57 -23.61
N LEU C 71 24.03 5.43 -24.70
CA LEU C 71 22.84 4.51 -24.74
C LEU C 71 23.35 3.11 -25.12
N PRO C 72 23.30 2.11 -24.21
CA PRO C 72 23.80 0.76 -24.50
C PRO C 72 22.97 -0.02 -25.54
N SER C 73 23.64 -0.51 -26.60
CA SER C 73 23.07 -1.37 -27.69
C SER C 73 22.78 -2.77 -27.14
N GLY C 74 23.84 -3.50 -26.75
CA GLY C 74 23.75 -4.84 -26.14
C GLY C 74 23.10 -4.81 -24.78
N GLY C 75 21.78 -5.06 -24.74
CA GLY C 75 21.00 -5.39 -23.53
C GLY C 75 20.78 -4.19 -22.61
N ARG C 76 21.79 -3.85 -21.81
CA ARG C 76 21.76 -2.96 -20.61
C ARG C 76 20.65 -1.90 -20.69
N ASP C 77 19.70 -1.96 -19.76
CA ASP C 77 18.78 -0.85 -19.38
C ASP C 77 19.56 0.43 -19.07
N PRO C 78 19.43 1.52 -19.87
CA PRO C 78 20.07 2.79 -19.54
C PRO C 78 19.27 3.60 -18.53
N LEU C 79 18.13 3.06 -18.08
CA LEU C 79 17.31 3.73 -17.05
C LEU C 79 17.29 2.86 -15.79
N SER C 80 18.40 2.20 -15.51
CA SER C 80 18.63 1.43 -14.27
C SER C 80 18.90 2.40 -13.10
N TYR C 81 18.85 1.91 -11.89
CA TYR C 81 18.72 2.72 -10.66
C TYR C 81 19.91 3.67 -10.52
N ASP C 82 21.08 3.23 -10.98
CA ASP C 82 22.30 4.07 -10.76
CA ASP C 82 22.45 3.80 -10.89
C ASP C 82 22.75 4.74 -12.07
N ASP C 83 21.90 4.80 -13.08
CA ASP C 83 22.22 5.63 -14.26
C ASP C 83 22.11 7.10 -13.87
N PRO C 84 22.94 7.96 -14.48
CA PRO C 84 23.05 9.35 -14.01
C PRO C 84 21.73 10.11 -13.90
N LEU C 85 20.83 10.00 -14.86
CA LEU C 85 19.52 10.72 -14.82
C LEU C 85 18.72 10.20 -13.63
N ARG C 86 18.77 8.90 -13.36
CA ARG C 86 18.00 8.32 -12.22
C ARG C 86 18.64 8.83 -10.93
N GLN C 87 19.97 8.96 -10.86
CA GLN C 87 20.65 9.49 -9.65
C GLN C 87 20.28 10.98 -9.45
N ILE C 88 20.30 11.78 -10.49
CA ILE C 88 20.16 13.25 -10.29
C ILE C 88 18.70 13.58 -9.95
N THR C 89 17.73 12.88 -10.51
CA THR C 89 16.33 13.15 -10.10
C THR C 89 16.14 12.74 -8.63
N ARG C 90 16.71 11.62 -8.15
CA ARG C 90 16.59 11.31 -6.71
C ARG C 90 17.26 12.40 -5.89
N MET C 91 18.43 12.84 -6.31
CA MET C 91 19.19 13.84 -5.51
C MET C 91 18.43 15.16 -5.44
N ILE C 92 17.87 15.58 -6.56
CA ILE C 92 17.06 16.83 -6.60
C ILE C 92 15.89 16.67 -5.65
N GLN C 93 15.20 15.53 -5.64
CA GLN C 93 13.94 15.38 -4.88
C GLN C 93 14.26 15.25 -3.40
N LYS C 94 15.43 14.72 -3.06
CA LYS C 94 15.82 14.52 -1.66
C LYS C 94 16.55 15.75 -1.09
N PHE C 95 16.93 16.70 -1.94
CA PHE C 95 17.75 17.86 -1.53
C PHE C 95 16.94 18.73 -0.60
N PRO C 96 17.44 19.05 0.60
CA PRO C 96 16.61 19.71 1.61
C PRO C 96 16.39 21.21 1.41
N LYS C 97 16.72 21.71 0.23
CA LYS C 97 16.50 23.12 -0.15
C LYS C 97 15.60 23.08 -1.37
N PRO C 98 14.78 24.10 -1.64
CA PRO C 98 14.13 24.16 -2.92
C PRO C 98 15.13 24.31 -4.07
N ILE C 99 14.77 23.69 -5.19
CA ILE C 99 15.52 23.72 -6.44
C ILE C 99 14.57 24.23 -7.51
N ILE C 100 14.87 25.39 -8.06
CA ILE C 100 14.06 26.05 -9.12
C ILE C 100 14.79 25.83 -10.44
N SER C 101 14.10 25.29 -11.42
CA SER C 101 14.64 25.19 -12.79
C SER C 101 14.27 26.51 -13.48
N MET C 102 15.26 27.24 -13.93
CA MET C 102 15.05 28.55 -14.59
C MET C 102 15.36 28.32 -16.06
N VAL C 103 14.32 28.21 -16.88
CA VAL C 103 14.47 27.63 -18.23
C VAL C 103 14.47 28.70 -19.32
N GLU C 104 15.55 28.68 -20.10
CA GLU C 104 15.71 29.42 -21.38
C GLU C 104 16.09 28.37 -22.41
N GLY C 105 15.42 28.33 -23.58
CA GLY C 105 15.72 27.39 -24.65
C GLY C 105 14.82 26.16 -24.64
N SER C 106 15.14 25.18 -25.46
CA SER C 106 14.38 23.94 -25.66
C SER C 106 14.82 22.85 -24.66
N VAL C 107 13.83 22.13 -24.14
CA VAL C 107 14.03 21.08 -23.11
C VAL C 107 13.58 19.76 -23.67
N TRP C 108 14.41 18.71 -23.62
CA TRP C 108 14.13 17.45 -24.33
C TRP C 108 14.26 16.24 -23.42
N GLY C 109 13.26 15.38 -23.46
CA GLY C 109 13.34 14.01 -22.93
C GLY C 109 13.77 13.93 -21.48
N GLY C 110 14.88 13.29 -21.23
CA GLY C 110 15.40 13.14 -19.85
C GLY C 110 15.58 14.47 -19.18
N ALA C 111 15.89 15.55 -19.91
CA ALA C 111 16.02 16.89 -19.31
C ALA C 111 14.65 17.41 -18.90
N PHE C 112 13.60 16.98 -19.59
CA PHE C 112 12.22 17.35 -19.20
C PHE C 112 11.92 16.64 -17.88
N GLU C 113 12.18 15.35 -17.80
CA GLU C 113 11.99 14.65 -16.52
C GLU C 113 12.81 15.39 -15.44
N MET C 114 14.06 15.72 -15.72
CA MET C 114 14.93 16.38 -14.73
C MET C 114 14.24 17.65 -14.19
N ILE C 115 13.79 18.59 -15.05
CA ILE C 115 13.13 19.83 -14.54
C ILE C 115 11.80 19.49 -13.90
N MET C 116 11.11 18.43 -14.33
CA MET C 116 9.83 18.08 -13.65
C MET C 116 10.11 17.59 -12.23
N SER C 117 11.27 16.97 -11.97
CA SER C 117 11.65 16.48 -10.63
C SER C 117 11.97 17.63 -9.67
N SER C 118 12.31 18.81 -10.20
CA SER C 118 12.65 19.99 -9.40
C SER C 118 11.37 20.63 -8.83
N ASP C 119 11.51 21.58 -7.95
CA ASP C 119 10.41 22.06 -7.08
C ASP C 119 9.52 23.08 -7.82
N LEU C 120 10.14 23.98 -8.57
CA LEU C 120 9.43 25.02 -9.33
C LEU C 120 10.12 25.11 -10.69
N ILE C 121 9.38 25.56 -11.69
CA ILE C 121 9.91 25.80 -13.04
C ILE C 121 9.40 27.18 -13.47
N ILE C 122 10.36 28.05 -13.75
CA ILE C 122 10.08 29.41 -14.24
C ILE C 122 10.73 29.45 -15.61
N ALA C 123 9.98 29.81 -16.66
CA ALA C 123 10.47 29.67 -18.05
C ALA C 123 10.32 30.94 -18.85
N ALA C 124 11.21 31.11 -19.82
CA ALA C 124 11.13 32.18 -20.81
C ALA C 124 9.93 31.89 -21.73
N SER C 125 9.32 32.96 -22.22
CA SER C 125 8.16 32.87 -23.13
C SER C 125 8.52 32.11 -24.40
N THR C 126 9.79 32.01 -24.77
CA THR C 126 10.22 31.31 -26.02
C THR C 126 10.67 29.85 -25.78
N SER C 127 10.71 29.41 -24.53
CA SER C 127 11.13 28.03 -24.17
CA SER C 127 11.13 28.04 -24.20
C SER C 127 10.11 27.02 -24.72
N THR C 128 10.57 25.79 -24.98
CA THR C 128 9.74 24.69 -25.51
C THR C 128 10.13 23.40 -24.81
N PHE C 129 9.19 22.46 -24.79
CA PHE C 129 9.27 21.26 -23.93
C PHE C 129 8.79 20.05 -24.71
N SER C 130 9.58 18.99 -24.73
CA SER C 130 9.24 17.71 -25.41
CA SER C 130 9.14 17.71 -25.34
C SER C 130 9.62 16.52 -24.52
N MET C 131 8.85 15.46 -24.55
CA MET C 131 9.24 14.16 -23.95
C MET C 131 9.38 13.14 -25.09
N THR C 132 10.57 12.58 -25.29
CA THR C 132 10.95 11.96 -26.57
C THR C 132 11.17 10.45 -26.60
N PRO C 133 10.98 9.61 -25.56
CA PRO C 133 11.42 8.21 -25.66
C PRO C 133 10.70 7.40 -26.74
N VAL C 134 9.51 7.82 -27.18
CA VAL C 134 8.81 7.00 -28.22
C VAL C 134 9.47 7.30 -29.56
N ASN C 135 10.30 8.34 -29.65
CA ASN C 135 11.07 8.57 -30.90
C ASN C 135 12.13 7.50 -31.11
N LEU C 136 12.65 6.91 -30.02
CA LEU C 136 13.75 5.90 -30.11
C LEU C 136 13.30 4.49 -29.73
N GLY C 137 12.07 4.30 -29.25
CA GLY C 137 11.60 2.98 -28.84
C GLY C 137 12.09 2.61 -27.45
N VAL C 138 12.35 3.59 -26.60
CA VAL C 138 12.87 3.38 -25.22
C VAL C 138 11.69 3.06 -24.32
N PRO C 139 11.73 1.95 -23.55
CA PRO C 139 10.72 1.68 -22.53
C PRO C 139 11.03 2.43 -21.24
N TYR C 140 10.59 3.67 -21.17
CA TYR C 140 10.92 4.56 -20.01
C TYR C 140 10.46 3.88 -18.72
N ASN C 141 11.26 4.01 -17.65
CA ASN C 141 11.06 3.22 -16.42
C ASN C 141 9.93 3.80 -15.56
N LEU C 142 9.38 3.00 -14.67
CA LEU C 142 8.21 3.39 -13.81
C LEU C 142 8.53 4.69 -13.05
N VAL C 143 9.66 4.74 -12.38
CA VAL C 143 9.94 5.92 -11.52
C VAL C 143 10.00 7.16 -12.42
N GLY C 144 10.65 7.05 -13.57
CA GLY C 144 10.80 8.17 -14.50
C GLY C 144 9.44 8.63 -15.00
N ILE C 145 8.55 7.70 -15.33
CA ILE C 145 7.17 8.07 -15.80
C ILE C 145 6.41 8.72 -14.64
N HIS C 146 6.51 8.16 -13.43
CA HIS C 146 5.82 8.70 -12.23
CA HIS C 146 5.82 8.70 -12.23
C HIS C 146 6.22 10.17 -12.04
N ASN C 147 7.49 10.48 -12.28
CA ASN C 147 8.02 11.86 -12.10
C ASN C 147 7.31 12.83 -13.03
N LEU C 148 6.66 12.34 -14.08
CA LEU C 148 5.98 13.20 -15.08
C LEU C 148 4.48 13.35 -14.80
N THR C 149 3.93 12.81 -13.71
CA THR C 149 2.46 12.68 -13.51
C THR C 149 1.91 13.58 -12.38
N ARG C 150 2.74 14.41 -11.74
CA ARG C 150 2.35 15.14 -10.51
C ARG C 150 1.91 16.59 -10.80
N ASP C 151 1.90 17.00 -12.06
CA ASP C 151 1.61 18.40 -12.44
C ASP C 151 0.42 18.48 -13.37
N ALA C 152 0.55 18.07 -14.61
CA ALA C 152 -0.55 18.00 -15.60
C ALA C 152 -1.31 16.70 -15.41
N GLY C 153 -2.52 16.64 -15.92
CA GLY C 153 -3.37 15.44 -15.84
C GLY C 153 -2.95 14.35 -16.80
N PHE C 154 -3.55 13.17 -16.64
CA PHE C 154 -3.16 11.97 -17.42
C PHE C 154 -3.32 12.19 -18.92
N HIS C 155 -4.46 12.70 -19.38
CA HIS C 155 -4.68 12.92 -20.84
CA HIS C 155 -4.66 12.88 -20.84
C HIS C 155 -3.56 13.77 -21.42
N ILE C 156 -3.20 14.85 -20.74
CA ILE C 156 -2.13 15.76 -21.24
C ILE C 156 -0.79 15.00 -21.28
N VAL C 157 -0.44 14.32 -20.20
CA VAL C 157 0.84 13.55 -20.11
C VAL C 157 0.89 12.57 -21.27
N LYS C 158 -0.19 11.85 -21.52
CA LYS C 158 -0.19 10.87 -22.61
C LYS C 158 -0.06 11.54 -23.97
N GLU C 159 -0.67 12.70 -24.18
CA GLU C 159 -0.43 13.46 -25.42
C GLU C 159 1.07 13.79 -25.55
N LEU C 160 1.67 14.30 -24.46
CA LEU C 160 3.10 14.69 -24.51
CA LEU C 160 3.09 14.70 -24.51
C LEU C 160 3.97 13.49 -24.87
N ILE C 161 3.72 12.34 -24.25
CA ILE C 161 4.59 11.18 -24.41
C ILE C 161 4.32 10.49 -25.76
N PHE C 162 3.06 10.30 -26.13
CA PHE C 162 2.70 9.51 -27.32
C PHE C 162 3.05 10.32 -28.58
N THR C 163 2.92 11.62 -28.54
CA THR C 163 3.23 12.47 -29.74
C THR C 163 4.73 12.78 -29.78
N ALA C 164 5.41 12.88 -28.63
CA ALA C 164 6.76 13.44 -28.53
C ALA C 164 6.82 14.83 -29.20
N SER C 165 5.71 15.54 -29.31
CA SER C 165 5.65 16.87 -29.95
C SER C 165 6.01 17.93 -28.92
N PRO C 166 6.70 19.00 -29.34
CA PRO C 166 7.00 20.09 -28.43
C PRO C 166 5.77 20.88 -28.05
N ILE C 167 5.75 21.37 -26.82
CA ILE C 167 4.72 22.34 -26.39
C ILE C 167 5.37 23.67 -26.04
N THR C 168 4.61 24.72 -26.22
CA THR C 168 5.07 26.08 -25.91
C THR C 168 5.12 26.26 -24.41
N ALA C 169 5.83 27.27 -23.98
CA ALA C 169 5.79 27.69 -22.57
C ALA C 169 4.36 28.04 -22.17
N GLN C 170 3.59 28.71 -23.03
CA GLN C 170 2.24 29.17 -22.68
C GLN C 170 1.35 27.95 -22.44
N ARG C 171 1.50 26.91 -23.22
CA ARG C 171 0.69 25.67 -23.05
C ARG C 171 1.19 24.97 -21.80
N ALA C 172 2.50 24.88 -21.58
CA ALA C 172 3.05 24.24 -20.37
C ALA C 172 2.51 24.95 -19.10
N LEU C 173 2.38 26.27 -19.12
CA LEU C 173 1.77 27.05 -18.02
C LEU C 173 0.30 26.66 -17.87
N ALA C 174 -0.43 26.59 -18.98
CA ALA C 174 -1.90 26.39 -18.95
C ALA C 174 -2.22 25.00 -18.38
N VAL C 175 -1.39 24.00 -18.65
CA VAL C 175 -1.69 22.61 -18.23
C VAL C 175 -1.14 22.30 -16.83
N GLY C 176 -0.38 23.21 -16.22
CA GLY C 176 0.12 23.06 -14.84
C GLY C 176 1.56 22.58 -14.74
N ILE C 177 2.31 22.48 -15.82
CA ILE C 177 3.73 22.02 -15.77
C ILE C 177 4.61 23.14 -15.19
N LEU C 178 4.40 24.37 -15.59
CA LEU C 178 5.24 25.55 -15.21
C LEU C 178 4.54 26.38 -14.14
N ASN C 179 5.33 27.03 -13.31
CA ASN C 179 4.86 28.00 -12.30
C ASN C 179 4.57 29.35 -12.99
N HIS C 180 5.55 29.84 -13.73
CA HIS C 180 5.52 31.18 -14.38
C HIS C 180 6.20 31.17 -15.72
N VAL C 181 5.68 32.00 -16.62
CA VAL C 181 6.33 32.29 -17.91
C VAL C 181 6.59 33.81 -17.94
N VAL C 182 7.80 34.18 -18.25
CA VAL C 182 8.17 35.62 -18.29
C VAL C 182 8.92 35.89 -19.59
N GLU C 183 8.97 37.13 -20.02
CA GLU C 183 9.89 37.55 -21.12
C GLU C 183 11.34 37.23 -20.75
N VAL C 184 12.15 36.82 -21.71
CA VAL C 184 13.53 36.31 -21.43
C VAL C 184 14.34 37.38 -20.71
N GLU C 185 14.10 38.66 -20.98
CA GLU C 185 14.86 39.77 -20.35
CA GLU C 185 14.89 39.75 -20.33
C GLU C 185 14.52 39.87 -18.84
N GLU C 186 13.37 39.32 -18.42
CA GLU C 186 12.89 39.40 -16.99
C GLU C 186 13.21 38.08 -16.25
N LEU C 187 13.72 37.06 -16.92
CA LEU C 187 13.83 35.70 -16.33
C LEU C 187 14.72 35.73 -15.08
N GLU C 188 15.93 36.30 -15.13
CA GLU C 188 16.83 36.32 -13.98
C GLU C 188 16.18 37.10 -12.85
N ASP C 189 15.65 38.31 -13.11
CA ASP C 189 15.15 39.19 -12.02
C ASP C 189 13.99 38.46 -11.36
N PHE C 190 13.05 37.94 -12.14
CA PHE C 190 11.81 37.31 -11.61
C PHE C 190 12.24 36.13 -10.73
N THR C 191 13.17 35.32 -11.22
CA THR C 191 13.53 34.03 -10.57
C THR C 191 14.33 34.30 -9.29
N LEU C 192 15.30 35.22 -9.35
CA LEU C 192 16.09 35.58 -8.17
C LEU C 192 15.24 36.27 -7.15
N GLN C 193 14.28 37.13 -7.54
CA GLN C 193 13.44 37.77 -6.52
C GLN C 193 12.70 36.67 -5.72
N MET C 194 12.17 35.67 -6.40
CA MET C 194 11.43 34.59 -5.71
C MET C 194 12.41 33.80 -4.85
N ALA C 195 13.57 33.46 -5.40
CA ALA C 195 14.56 32.63 -4.69
C ALA C 195 15.01 33.36 -3.42
N HIS C 196 15.27 34.67 -3.49
CA HIS C 196 15.68 35.46 -2.30
CA HIS C 196 15.68 35.46 -2.31
C HIS C 196 14.54 35.48 -1.28
N HIS C 197 13.31 35.52 -1.74
CA HIS C 197 12.13 35.59 -0.85
C HIS C 197 12.03 34.27 -0.06
N ILE C 198 12.16 33.15 -0.78
CA ILE C 198 12.15 31.79 -0.19
C ILE C 198 13.26 31.71 0.87
N SER C 199 14.39 32.33 0.59
CA SER C 199 15.59 32.25 1.45
C SER C 199 15.38 33.00 2.77
N GLU C 200 14.33 33.81 2.91
CA GLU C 200 13.91 34.50 4.15
CA GLU C 200 14.05 34.43 4.22
C GLU C 200 13.10 33.57 5.08
N LYS C 201 12.62 32.45 4.54
CA LYS C 201 11.67 31.56 5.25
C LYS C 201 12.40 30.50 6.07
N ALA C 202 11.67 29.73 6.85
CA ALA C 202 12.27 28.79 7.83
C ALA C 202 12.77 27.56 7.07
N PRO C 203 14.09 27.36 6.94
CA PRO C 203 14.62 26.30 6.07
C PRO C 203 14.24 24.90 6.57
N LEU C 204 14.18 24.70 7.88
CA LEU C 204 13.91 23.33 8.39
C LEU C 204 12.43 22.97 8.11
N ALA C 205 11.51 23.92 8.22
CA ALA C 205 10.09 23.71 7.83
C ALA C 205 9.99 23.43 6.33
N ILE C 206 10.70 24.22 5.52
CA ILE C 206 10.73 23.97 4.06
C ILE C 206 11.24 22.54 3.82
N ALA C 207 12.36 22.12 4.43
CA ALA C 207 12.96 20.78 4.16
C ALA C 207 11.95 19.70 4.52
N VAL C 208 11.27 19.82 5.66
CA VAL C 208 10.48 18.63 6.10
C VAL C 208 9.22 18.63 5.22
N ILE C 209 8.68 19.78 4.81
CA ILE C 209 7.48 19.80 3.93
C ILE C 209 7.87 19.22 2.57
N LYS C 210 9.03 19.60 2.01
CA LYS C 210 9.47 19.05 0.72
C LYS C 210 9.52 17.51 0.80
N GLU C 211 10.13 16.99 1.87
CA GLU C 211 10.28 15.55 2.08
C GLU C 211 8.91 14.89 2.25
N GLU C 212 7.97 15.52 2.95
CA GLU C 212 6.58 14.99 3.05
C GLU C 212 5.96 14.90 1.68
N LEU C 213 6.10 15.94 0.87
CA LEU C 213 5.56 15.91 -0.50
C LEU C 213 6.26 14.82 -1.31
N ARG C 214 7.58 14.64 -1.14
CA ARG C 214 8.31 13.61 -1.91
C ARG C 214 7.73 12.21 -1.58
N VAL C 215 7.64 11.90 -0.30
CA VAL C 215 7.10 10.57 0.09
C VAL C 215 5.63 10.41 -0.31
N LEU C 216 4.78 11.41 -0.19
CA LEU C 216 3.37 11.29 -0.62
C LEU C 216 3.35 11.10 -2.13
N GLY C 217 4.20 11.81 -2.84
CA GLY C 217 4.25 11.67 -4.30
C GLY C 217 4.67 10.26 -4.70
N GLU C 218 5.53 9.62 -3.92
CA GLU C 218 6.02 8.27 -4.24
C GLU C 218 5.04 7.19 -3.76
N ALA C 219 4.04 7.53 -2.95
CA ALA C 219 3.20 6.54 -2.20
C ALA C 219 2.08 5.96 -3.08
N HIS C 220 2.41 5.58 -4.30
CA HIS C 220 1.55 4.78 -5.21
C HIS C 220 2.15 3.38 -5.17
N THR C 221 1.56 2.47 -4.41
CA THR C 221 2.21 1.19 -4.08
C THR C 221 1.57 0.05 -4.86
N MET C 222 2.39 -0.95 -5.17
CA MET C 222 1.94 -2.14 -5.93
CA MET C 222 1.93 -2.15 -5.91
C MET C 222 2.64 -3.37 -5.34
N ASN C 223 2.16 -4.55 -5.72
CA ASN C 223 2.75 -5.79 -5.21
C ASN C 223 3.92 -6.20 -6.10
N SER C 224 4.71 -7.15 -5.61
CA SER C 224 5.93 -7.59 -6.31
C SER C 224 5.57 -8.15 -7.69
N ASP C 225 4.46 -8.88 -7.80
CA ASP C 225 4.14 -9.53 -9.11
C ASP C 225 3.91 -8.44 -10.17
N GLU C 226 3.22 -7.36 -9.82
CA GLU C 226 2.91 -6.27 -10.78
C GLU C 226 4.24 -5.65 -11.24
N PHE C 227 5.16 -5.36 -10.32
CA PHE C 227 6.51 -4.80 -10.67
CA PHE C 227 6.47 -4.78 -10.72
C PHE C 227 7.23 -5.74 -11.63
N GLU C 228 7.27 -7.03 -11.30
CA GLU C 228 8.06 -8.00 -12.11
C GLU C 228 7.42 -8.10 -13.51
N ARG C 229 6.11 -8.09 -13.57
CA ARG C 229 5.35 -8.14 -14.86
C ARG C 229 5.76 -6.94 -15.73
N ILE C 230 5.74 -5.76 -15.16
CA ILE C 230 6.16 -4.53 -15.90
C ILE C 230 7.62 -4.67 -16.34
N GLN C 231 8.50 -5.16 -15.47
CA GLN C 231 9.93 -5.28 -15.86
CA GLN C 231 9.95 -5.40 -15.74
C GLN C 231 10.07 -6.27 -17.00
N GLY C 232 9.28 -7.34 -17.03
CA GLY C 232 9.31 -8.27 -18.17
C GLY C 232 8.89 -7.56 -19.46
N MET C 233 7.86 -6.72 -19.40
CA MET C 233 7.42 -5.94 -20.60
C MET C 233 8.54 -4.99 -21.04
N ARG C 234 9.18 -4.31 -20.10
CA ARG C 234 10.31 -3.39 -20.41
C ARG C 234 11.45 -4.17 -21.06
N ARG C 235 11.75 -5.37 -20.56
CA ARG C 235 12.86 -6.16 -21.14
C ARG C 235 12.51 -6.52 -22.58
N ALA C 236 11.28 -6.89 -22.85
CA ALA C 236 10.82 -7.26 -24.23
C ALA C 236 10.99 -6.06 -25.17
N VAL C 237 10.73 -4.85 -24.69
CA VAL C 237 10.98 -3.64 -25.55
C VAL C 237 12.48 -3.49 -25.78
N TYR C 238 13.34 -3.59 -24.75
CA TYR C 238 14.81 -3.49 -24.91
C TYR C 238 15.34 -4.56 -25.87
N ASP C 239 14.69 -5.71 -25.94
CA ASP C 239 15.13 -6.85 -26.80
C ASP C 239 14.53 -6.70 -28.19
N SER C 240 13.78 -5.64 -28.49
CA SER C 240 12.99 -5.54 -29.75
C SER C 240 13.89 -5.11 -30.93
N GLU C 241 13.49 -5.45 -32.14
CA GLU C 241 14.12 -4.88 -33.35
C GLU C 241 13.85 -3.37 -33.43
N ASP C 242 12.67 -2.94 -32.98
CA ASP C 242 12.31 -1.49 -32.95
C ASP C 242 13.30 -0.70 -32.12
N TYR C 243 13.74 -1.24 -31.00
CA TYR C 243 14.70 -0.51 -30.13
C TYR C 243 16.01 -0.29 -30.89
N GLN C 244 16.47 -1.32 -31.60
CA GLN C 244 17.73 -1.19 -32.39
C GLN C 244 17.52 -0.11 -33.46
N GLU C 245 16.39 -0.18 -34.16
CA GLU C 245 16.01 0.79 -35.22
C GLU C 245 15.96 2.20 -34.65
N GLY C 246 15.36 2.42 -33.46
CA GLY C 246 15.29 3.77 -32.91
C GLY C 246 16.66 4.34 -32.63
N MET C 247 17.57 3.57 -32.04
CA MET C 247 18.92 4.07 -31.74
C MET C 247 19.68 4.30 -33.05
N ASN C 248 19.61 3.34 -33.97
CA ASN C 248 20.36 3.43 -35.26
C ASN C 248 19.87 4.64 -36.04
N ALA C 249 18.55 4.86 -36.12
CA ALA C 249 17.98 6.03 -36.84
C ALA C 249 18.46 7.34 -36.20
N PHE C 250 18.49 7.43 -34.88
CA PHE C 250 18.96 8.67 -34.23
C PHE C 250 20.43 8.89 -34.60
N LEU C 251 21.24 7.86 -34.48
CA LEU C 251 22.71 7.90 -34.82
C LEU C 251 22.92 8.25 -36.31
N GLU C 252 22.06 7.79 -37.23
CA GLU C 252 22.22 8.00 -38.69
C GLU C 252 21.48 9.28 -39.13
N LYS C 253 20.90 10.05 -38.20
CA LYS C 253 20.10 11.27 -38.49
C LYS C 253 19.07 10.98 -39.58
N ARG C 254 18.22 9.96 -39.39
CA ARG C 254 17.18 9.55 -40.34
C ARG C 254 15.91 9.21 -39.56
N LYS C 255 14.78 9.17 -40.25
CA LYS C 255 13.48 8.82 -39.65
C LYS C 255 13.43 7.32 -39.40
N PRO C 256 13.14 6.88 -38.13
CA PRO C 256 12.95 5.46 -37.87
C PRO C 256 11.70 4.91 -38.54
N ASN C 257 11.77 3.67 -38.93
CA ASN C 257 10.61 2.88 -39.43
C ASN C 257 10.32 1.76 -38.43
N PHE C 258 9.39 1.98 -37.51
CA PHE C 258 9.03 0.97 -36.47
C PHE C 258 8.02 -0.02 -37.02
N VAL C 259 8.11 -1.28 -36.59
CA VAL C 259 7.29 -2.40 -37.13
C VAL C 259 6.53 -3.14 -36.04
N GLY C 260 6.74 -2.86 -34.76
CA GLY C 260 5.93 -3.48 -33.68
C GLY C 260 6.52 -4.79 -33.18
N HIS C 261 7.80 -5.04 -33.44
CA HIS C 261 8.57 -6.18 -32.84
C HIS C 261 10.03 -5.77 -32.74
N ALA D 2 -1.83 -37.48 -23.98
CA ALA D 2 -0.61 -38.01 -23.31
C ALA D 2 0.47 -36.93 -23.35
N TYR D 3 1.43 -37.04 -22.45
CA TYR D 3 2.50 -36.04 -22.23
C TYR D 3 3.81 -36.81 -22.20
N GLN D 4 4.88 -36.21 -22.70
CA GLN D 4 6.22 -36.82 -22.64
C GLN D 4 6.78 -36.87 -21.21
N TYR D 5 6.57 -35.81 -20.39
CA TYR D 5 7.33 -35.62 -19.13
C TYR D 5 6.43 -35.74 -17.90
N VAL D 6 5.14 -36.00 -18.08
CA VAL D 6 4.24 -36.34 -16.92
C VAL D 6 3.31 -37.46 -17.31
N ASN D 7 2.79 -38.17 -16.29
CA ASN D 7 1.69 -39.15 -16.43
C ASN D 7 0.52 -38.68 -15.58
N VAL D 8 -0.68 -38.64 -16.13
CA VAL D 8 -1.90 -38.18 -15.42
C VAL D 8 -2.82 -39.38 -15.22
N VAL D 9 -3.30 -39.59 -14.01
CA VAL D 9 -4.38 -40.58 -13.69
C VAL D 9 -5.48 -39.86 -12.96
N THR D 10 -6.70 -39.97 -13.43
CA THR D 10 -7.86 -39.38 -12.71
C THR D 10 -8.72 -40.52 -12.17
N ILE D 11 -9.18 -40.43 -10.94
CA ILE D 11 -10.31 -41.29 -10.51
C ILE D 11 -11.35 -40.42 -9.87
N ASN D 12 -12.56 -40.46 -10.44
CA ASN D 12 -13.72 -39.71 -9.91
C ASN D 12 -13.31 -38.25 -10.11
N LYS D 13 -13.10 -37.53 -9.02
CA LYS D 13 -12.86 -36.07 -9.07
C LYS D 13 -11.42 -35.72 -8.75
N VAL D 14 -10.54 -36.69 -8.55
CA VAL D 14 -9.15 -36.40 -8.15
C VAL D 14 -8.21 -36.76 -9.31
N ALA D 15 -7.32 -35.84 -9.68
CA ALA D 15 -6.28 -36.08 -10.72
C ALA D 15 -4.91 -36.11 -10.05
N VAL D 16 -4.15 -37.15 -10.37
CA VAL D 16 -2.74 -37.27 -9.94
C VAL D 16 -1.83 -36.99 -11.11
N ILE D 17 -1.00 -35.97 -10.98
CA ILE D 17 0.04 -35.65 -11.98
C ILE D 17 1.36 -36.15 -11.45
N GLU D 18 1.91 -37.18 -12.10
CA GLU D 18 3.16 -37.82 -11.68
C GLU D 18 4.29 -37.41 -12.61
N PHE D 19 5.41 -36.97 -12.05
CA PHE D 19 6.55 -36.50 -12.87
C PHE D 19 7.05 -37.72 -13.65
N ASN D 20 7.43 -37.50 -14.90
CA ASN D 20 8.09 -38.57 -15.69
C ASN D 20 9.39 -38.03 -16.31
N TYR D 21 10.32 -37.57 -15.46
CA TYR D 21 11.60 -36.93 -15.89
C TYR D 21 12.70 -37.36 -14.96
N GLY D 22 12.59 -38.61 -14.46
CA GLY D 22 13.56 -39.11 -13.48
C GLY D 22 14.98 -39.18 -14.04
N ARG D 23 15.15 -39.33 -15.33
CA ARG D 23 16.53 -39.43 -15.90
C ARG D 23 17.27 -38.11 -15.68
N LYS D 24 16.54 -37.03 -15.38
CA LYS D 24 17.17 -35.74 -14.99
C LYS D 24 16.66 -35.31 -13.61
N LEU D 25 16.28 -36.27 -12.78
CA LEU D 25 15.87 -36.01 -11.37
C LEU D 25 14.75 -34.98 -11.31
N ASN D 26 13.88 -34.99 -12.30
CA ASN D 26 12.71 -34.07 -12.41
C ASN D 26 13.21 -32.63 -12.22
N ALA D 27 14.38 -32.31 -12.77
CA ALA D 27 14.86 -30.92 -12.86
C ALA D 27 13.80 -30.10 -13.57
N LEU D 28 13.63 -28.85 -13.15
CA LEU D 28 12.63 -27.93 -13.70
C LEU D 28 13.11 -27.34 -15.04
N SER D 29 13.47 -28.20 -16.00
CA SER D 29 13.74 -27.83 -17.41
CA SER D 29 13.73 -27.84 -17.42
C SER D 29 12.47 -27.25 -18.04
N LYS D 30 12.61 -26.35 -19.02
CA LYS D 30 11.44 -25.75 -19.69
C LYS D 30 10.51 -26.85 -20.24
N VAL D 31 11.06 -27.91 -20.84
CA VAL D 31 10.17 -28.90 -21.52
C VAL D 31 9.28 -29.62 -20.48
N PHE D 32 9.82 -29.86 -19.30
CA PHE D 32 9.14 -30.53 -18.18
C PHE D 32 8.05 -29.58 -17.66
N ILE D 33 8.40 -28.34 -17.34
CA ILE D 33 7.40 -27.37 -16.81
C ILE D 33 6.33 -27.10 -17.84
N ASP D 34 6.66 -26.99 -19.14
CA ASP D 34 5.62 -26.79 -20.17
C ASP D 34 4.64 -27.96 -20.14
N ASP D 35 5.10 -29.19 -19.96
CA ASP D 35 4.18 -30.36 -19.95
C ASP D 35 3.34 -30.35 -18.67
N LEU D 36 3.92 -30.04 -17.54
CA LEU D 36 3.16 -29.92 -16.25
C LEU D 36 2.08 -28.85 -16.38
N MET D 37 2.42 -27.69 -16.96
CA MET D 37 1.41 -26.63 -17.10
C MET D 37 0.33 -27.09 -18.10
N GLN D 38 0.68 -27.84 -19.15
CA GLN D 38 -0.36 -28.28 -20.12
C GLN D 38 -1.30 -29.29 -19.45
N ALA D 39 -0.75 -30.19 -18.66
CA ALA D 39 -1.54 -31.23 -17.96
C ALA D 39 -2.46 -30.53 -16.96
N LEU D 40 -1.96 -29.51 -16.24
CA LEU D 40 -2.83 -28.76 -15.26
C LEU D 40 -3.97 -28.08 -16.01
N SER D 41 -3.65 -27.36 -17.10
CA SER D 41 -4.65 -26.67 -17.94
C SER D 41 -5.73 -27.65 -18.45
N ASP D 42 -5.32 -28.82 -18.94
CA ASP D 42 -6.22 -29.89 -19.45
C ASP D 42 -7.17 -30.33 -18.33
N LEU D 43 -6.74 -30.24 -17.06
CA LEU D 43 -7.54 -30.72 -15.88
C LEU D 43 -8.43 -29.61 -15.32
N ASN D 44 -8.44 -28.42 -15.92
CA ASN D 44 -9.29 -27.29 -15.45
C ASN D 44 -10.68 -27.47 -16.04
N ARG D 45 -11.39 -28.44 -15.51
CA ARG D 45 -12.71 -28.93 -15.94
C ARG D 45 -13.56 -29.07 -14.69
N PRO D 46 -14.88 -28.90 -14.81
CA PRO D 46 -15.76 -28.90 -13.65
C PRO D 46 -15.77 -30.20 -12.86
N GLU D 47 -15.52 -31.33 -13.52
CA GLU D 47 -15.65 -32.65 -12.86
C GLU D 47 -14.35 -33.01 -12.15
N ILE D 48 -13.25 -32.23 -12.30
CA ILE D 48 -11.99 -32.41 -11.53
C ILE D 48 -12.08 -31.43 -10.39
N ARG D 49 -11.83 -31.87 -9.16
CA ARG D 49 -12.00 -31.02 -7.96
C ARG D 49 -10.72 -30.87 -7.14
N CYS D 50 -9.70 -31.71 -7.35
CA CYS D 50 -8.47 -31.66 -6.54
C CYS D 50 -7.36 -32.30 -7.35
N ILE D 51 -6.17 -31.71 -7.26
CA ILE D 51 -4.96 -32.19 -7.97
C ILE D 51 -3.95 -32.64 -6.95
N ILE D 52 -3.22 -33.72 -7.24
CA ILE D 52 -2.02 -34.15 -6.49
C ILE D 52 -0.84 -34.10 -7.45
N LEU D 53 0.24 -33.47 -7.04
CA LEU D 53 1.53 -33.50 -7.77
C LEU D 53 2.42 -34.49 -7.06
N ARG D 54 3.08 -35.41 -7.75
CA ARG D 54 3.96 -36.39 -7.07
C ARG D 54 5.09 -36.78 -8.02
N ALA D 55 6.17 -37.27 -7.43
CA ALA D 55 7.23 -38.03 -8.17
C ALA D 55 6.84 -39.50 -8.16
N PRO D 56 7.42 -40.32 -9.06
CA PRO D 56 7.12 -41.76 -9.02
C PRO D 56 7.42 -42.38 -7.65
N SER D 57 6.69 -43.46 -7.31
CA SER D 57 6.92 -44.27 -6.10
CA SER D 57 6.92 -44.27 -6.08
C SER D 57 8.39 -44.74 -6.03
N GLY D 58 9.06 -44.53 -4.92
CA GLY D 58 10.46 -44.94 -4.69
C GLY D 58 11.49 -43.91 -5.08
N SER D 59 11.07 -42.75 -5.58
CA SER D 59 12.00 -41.68 -5.97
C SER D 59 12.89 -41.30 -4.81
N LYS D 60 14.20 -41.22 -5.06
CA LYS D 60 15.16 -40.67 -4.10
C LYS D 60 15.11 -39.14 -4.13
N VAL D 61 14.93 -38.61 -5.32
CA VAL D 61 14.93 -37.13 -5.55
C VAL D 61 13.53 -36.81 -6.09
N PHE D 62 12.75 -36.02 -5.34
CA PHE D 62 11.45 -35.54 -5.82
C PHE D 62 11.68 -34.61 -7.03
N SER D 63 12.51 -33.58 -6.85
CA SER D 63 12.97 -32.70 -7.94
C SER D 63 14.26 -32.01 -7.55
N ALA D 64 15.23 -32.04 -8.47
CA ALA D 64 16.54 -31.40 -8.34
C ALA D 64 16.48 -29.88 -8.53
N GLY D 65 15.29 -29.30 -8.69
CA GLY D 65 15.15 -27.83 -8.84
C GLY D 65 15.59 -27.37 -10.21
N HIS D 66 16.01 -26.11 -10.33
CA HIS D 66 16.44 -25.51 -11.63
C HIS D 66 17.45 -26.39 -12.34
N ASP D 67 17.25 -26.52 -13.64
CA ASP D 67 18.25 -27.12 -14.53
C ASP D 67 19.38 -26.10 -14.69
N ILE D 68 20.59 -26.42 -14.22
N ILE D 68 20.57 -26.43 -14.22
CA ILE D 68 21.72 -25.45 -14.29
CA ILE D 68 21.74 -25.49 -14.28
C ILE D 68 22.16 -25.26 -15.75
C ILE D 68 22.18 -25.27 -15.74
N HIS D 69 21.89 -26.21 -16.65
CA HIS D 69 22.14 -26.04 -18.11
C HIS D 69 21.29 -24.91 -18.70
N GLU D 70 20.13 -24.55 -18.11
CA GLU D 70 19.22 -23.52 -18.68
C GLU D 70 19.37 -22.20 -17.92
N LEU D 71 20.34 -22.08 -17.01
CA LEU D 71 20.58 -20.79 -16.30
C LEU D 71 21.55 -19.95 -17.15
N PRO D 72 21.16 -18.74 -17.60
CA PRO D 72 22.00 -17.94 -18.49
C PRO D 72 23.26 -17.43 -17.76
N SER D 73 24.39 -17.39 -18.46
CA SER D 73 25.70 -16.86 -17.98
C SER D 73 26.07 -15.59 -18.75
N GLY D 74 25.14 -15.04 -19.54
CA GLY D 74 25.34 -13.91 -20.46
C GLY D 74 25.02 -12.57 -19.82
N GLY D 75 24.19 -12.55 -18.77
CA GLY D 75 23.69 -11.33 -18.10
C GLY D 75 22.18 -11.20 -18.17
N ARG D 76 21.47 -12.27 -18.55
CA ARG D 76 19.99 -12.37 -18.49
C ARG D 76 19.59 -12.76 -17.06
N ASP D 77 18.54 -12.13 -16.53
CA ASP D 77 17.93 -12.60 -15.26
C ASP D 77 17.34 -13.98 -15.51
N PRO D 78 17.72 -15.03 -14.75
CA PRO D 78 17.18 -16.38 -14.91
C PRO D 78 15.87 -16.58 -14.16
N LEU D 79 15.43 -15.57 -13.42
CA LEU D 79 14.16 -15.64 -12.67
C LEU D 79 13.26 -14.47 -13.10
N SER D 80 13.27 -14.20 -14.40
CA SER D 80 12.40 -13.19 -15.07
C SER D 80 10.95 -13.72 -15.08
N TYR D 81 10.01 -12.83 -15.36
CA TYR D 81 8.57 -13.07 -15.15
C TYR D 81 8.11 -14.32 -15.91
N ASP D 82 8.69 -14.54 -17.09
CA ASP D 82 8.25 -15.65 -17.98
C ASP D 82 9.21 -16.83 -17.93
N ASP D 83 10.16 -16.90 -16.98
CA ASP D 83 10.97 -18.12 -16.63
CA ASP D 83 10.93 -18.13 -16.78
C ASP D 83 9.97 -19.22 -16.30
N PRO D 84 10.21 -20.48 -16.67
CA PRO D 84 9.26 -21.54 -16.35
C PRO D 84 8.86 -21.71 -14.87
N LEU D 85 9.81 -21.65 -13.94
CA LEU D 85 9.46 -21.71 -12.50
C LEU D 85 8.51 -20.57 -12.13
N ARG D 86 8.74 -19.36 -12.68
CA ARG D 86 7.92 -18.18 -12.33
C ARG D 86 6.51 -18.43 -12.89
N GLN D 87 6.42 -19.02 -14.07
CA GLN D 87 5.12 -19.32 -14.72
C GLN D 87 4.36 -20.39 -13.90
N ILE D 88 5.02 -21.45 -13.53
CA ILE D 88 4.28 -22.58 -12.87
C ILE D 88 3.83 -22.18 -11.47
N THR D 89 4.59 -21.40 -10.71
CA THR D 89 4.16 -20.95 -9.36
C THR D 89 2.93 -20.05 -9.53
N ARG D 90 2.91 -19.12 -10.51
CA ARG D 90 1.69 -18.33 -10.75
C ARG D 90 0.53 -19.26 -11.13
N MET D 91 0.76 -20.18 -12.05
CA MET D 91 -0.34 -21.05 -12.50
C MET D 91 -0.89 -21.90 -11.34
N ILE D 92 -0.06 -22.46 -10.48
CA ILE D 92 -0.51 -23.25 -9.31
C ILE D 92 -1.35 -22.35 -8.40
N GLN D 93 -0.90 -21.12 -8.17
CA GLN D 93 -1.56 -20.22 -7.18
C GLN D 93 -2.91 -19.73 -7.71
N LYS D 94 -3.02 -19.57 -9.01
CA LYS D 94 -4.23 -19.08 -9.69
C LYS D 94 -5.20 -20.20 -10.00
N PHE D 95 -4.75 -21.45 -9.87
CA PHE D 95 -5.55 -22.60 -10.31
C PHE D 95 -6.77 -22.72 -9.41
N PRO D 96 -8.00 -22.81 -9.95
CA PRO D 96 -9.19 -22.72 -9.09
C PRO D 96 -9.55 -24.02 -8.37
N LYS D 97 -8.60 -24.93 -8.27
CA LYS D 97 -8.80 -26.20 -7.52
C LYS D 97 -7.67 -26.30 -6.53
N PRO D 98 -7.82 -27.01 -5.39
CA PRO D 98 -6.67 -27.28 -4.53
C PRO D 98 -5.63 -28.15 -5.24
N ILE D 99 -4.39 -27.80 -5.02
CA ILE D 99 -3.20 -28.55 -5.52
C ILE D 99 -2.41 -29.02 -4.30
N ILE D 100 -2.31 -30.33 -4.13
CA ILE D 100 -1.57 -30.97 -3.01
C ILE D 100 -0.24 -31.48 -3.55
N SER D 101 0.86 -31.08 -2.95
CA SER D 101 2.18 -31.68 -3.24
C SER D 101 2.34 -32.91 -2.33
N MET D 102 2.49 -34.08 -2.94
CA MET D 102 2.67 -35.37 -2.22
C MET D 102 4.12 -35.78 -2.40
N VAL D 103 4.93 -35.58 -1.38
CA VAL D 103 6.40 -35.56 -1.55
C VAL D 103 6.98 -36.88 -1.03
N GLU D 104 7.73 -37.53 -1.92
CA GLU D 104 8.65 -38.61 -1.55
C GLU D 104 10.03 -38.20 -2.07
N GLY D 105 11.08 -38.36 -1.28
CA GLY D 105 12.43 -38.03 -1.76
C GLY D 105 12.84 -36.62 -1.40
N SER D 106 14.02 -36.20 -1.86
CA SER D 106 14.65 -34.89 -1.57
C SER D 106 14.13 -33.78 -2.53
N VAL D 107 13.98 -32.58 -1.98
CA VAL D 107 13.35 -31.42 -2.67
C VAL D 107 14.36 -30.29 -2.60
N TRP D 108 14.68 -29.70 -3.77
CA TRP D 108 15.82 -28.76 -3.89
C TRP D 108 15.39 -27.47 -4.58
N GLY D 109 15.74 -26.33 -3.97
CA GLY D 109 15.78 -24.99 -4.63
C GLY D 109 14.43 -24.63 -5.22
N GLY D 110 14.35 -24.37 -6.53
CA GLY D 110 13.11 -24.00 -7.18
C GLY D 110 11.97 -24.98 -6.99
N ALA D 111 12.28 -26.27 -6.79
CA ALA D 111 11.26 -27.30 -6.54
C ALA D 111 10.69 -27.05 -5.15
N PHE D 112 11.52 -26.56 -4.23
CA PHE D 112 11.06 -26.21 -2.86
C PHE D 112 10.07 -25.07 -2.99
N GLU D 113 10.45 -24.02 -3.71
CA GLU D 113 9.49 -22.92 -3.98
C GLU D 113 8.21 -23.47 -4.61
N MET D 114 8.32 -24.32 -5.60
CA MET D 114 7.14 -24.84 -6.31
C MET D 114 6.22 -25.54 -5.32
N ILE D 115 6.70 -26.48 -4.47
CA ILE D 115 5.77 -27.12 -3.51
C ILE D 115 5.24 -26.08 -2.50
N MET D 116 6.02 -25.06 -2.16
CA MET D 116 5.55 -24.03 -1.16
C MET D 116 4.40 -23.23 -1.79
N SER D 117 4.40 -23.05 -3.10
CA SER D 117 3.35 -22.32 -3.84
C SER D 117 2.05 -23.13 -3.87
N SER D 118 2.11 -24.45 -3.69
CA SER D 118 0.91 -25.31 -3.71
C SER D 118 0.15 -25.13 -2.39
N ASP D 119 -1.02 -25.71 -2.29
CA ASP D 119 -1.99 -25.37 -1.22
C ASP D 119 -1.74 -26.23 0.04
N LEU D 120 -1.38 -27.50 -0.14
CA LEU D 120 -1.04 -28.41 0.98
C LEU D 120 0.19 -29.21 0.59
N ILE D 121 0.95 -29.60 1.59
CA ILE D 121 2.11 -30.51 1.39
C ILE D 121 1.98 -31.68 2.38
N ILE D 122 1.97 -32.86 1.82
CA ILE D 122 1.96 -34.13 2.60
C ILE D 122 3.24 -34.87 2.19
N ALA D 123 4.04 -35.26 3.14
CA ALA D 123 5.39 -35.77 2.85
C ALA D 123 5.64 -37.08 3.58
N ALA D 124 6.46 -37.91 2.96
CA ALA D 124 7.05 -39.09 3.62
C ALA D 124 7.98 -38.67 4.74
N SER D 125 8.12 -39.52 5.75
CA SER D 125 8.96 -39.28 6.92
C SER D 125 10.43 -39.21 6.53
N THR D 126 10.78 -39.78 5.39
CA THR D 126 12.18 -39.79 4.89
C THR D 126 12.47 -38.63 3.92
N SER D 127 11.48 -37.80 3.58
CA SER D 127 11.66 -36.68 2.63
C SER D 127 12.53 -35.62 3.26
N THR D 128 13.26 -34.89 2.41
CA THR D 128 14.11 -33.77 2.90
C THR D 128 13.94 -32.55 2.00
N PHE D 129 14.30 -31.37 2.53
CA PHE D 129 13.97 -30.09 1.86
C PHE D 129 15.17 -29.17 2.00
N SER D 130 15.60 -28.55 0.90
CA SER D 130 16.74 -27.59 0.88
C SER D 130 16.38 -26.44 -0.05
N MET D 131 16.79 -25.24 0.34
CA MET D 131 16.67 -24.04 -0.50
C MET D 131 18.09 -23.60 -0.82
N THR D 132 18.54 -23.66 -2.08
CA THR D 132 19.97 -23.65 -2.45
C THR D 132 20.47 -22.47 -3.28
N PRO D 133 19.77 -21.34 -3.55
CA PRO D 133 20.37 -20.31 -4.42
C PRO D 133 21.74 -19.80 -3.91
N VAL D 134 22.01 -19.84 -2.59
CA VAL D 134 23.28 -19.27 -2.09
C VAL D 134 24.42 -20.24 -2.39
N ASN D 135 24.10 -21.45 -2.85
CA ASN D 135 25.12 -22.42 -3.30
C ASN D 135 25.68 -22.02 -4.65
N LEU D 136 24.90 -21.28 -5.45
CA LEU D 136 25.31 -20.88 -6.81
C LEU D 136 25.50 -19.39 -6.95
N GLY D 137 25.08 -18.59 -5.97
CA GLY D 137 25.25 -17.13 -6.10
C GLY D 137 24.08 -16.47 -6.82
N VAL D 138 22.93 -17.12 -6.85
CA VAL D 138 21.75 -16.64 -7.63
C VAL D 138 21.00 -15.60 -6.80
N PRO D 139 20.67 -14.42 -7.34
CA PRO D 139 19.85 -13.44 -6.61
C PRO D 139 18.37 -13.76 -6.81
N TYR D 140 17.83 -14.58 -5.93
CA TYR D 140 16.43 -15.04 -6.00
C TYR D 140 15.53 -13.79 -6.03
N ASN D 141 14.47 -13.84 -6.82
CA ASN D 141 13.60 -12.68 -7.10
C ASN D 141 12.58 -12.46 -5.98
N LEU D 142 12.05 -11.24 -5.86
CA LEU D 142 11.11 -10.86 -4.79
C LEU D 142 9.94 -11.84 -4.73
N VAL D 143 9.24 -12.07 -5.85
CA VAL D 143 8.05 -12.94 -5.86
C VAL D 143 8.47 -14.32 -5.32
N GLY D 144 9.58 -14.86 -5.79
CA GLY D 144 9.99 -16.20 -5.36
C GLY D 144 10.31 -16.26 -3.88
N ILE D 145 10.96 -15.26 -3.33
CA ILE D 145 11.28 -15.20 -1.88
C ILE D 145 9.96 -15.06 -1.13
N HIS D 146 9.06 -14.22 -1.63
CA HIS D 146 7.78 -13.99 -0.92
C HIS D 146 7.01 -15.32 -0.79
N ASN D 147 7.07 -16.14 -1.83
CA ASN D 147 6.42 -17.50 -1.86
C ASN D 147 6.95 -18.40 -0.74
N LEU D 148 8.10 -18.09 -0.15
CA LEU D 148 8.70 -18.93 0.90
C LEU D 148 8.37 -18.42 2.30
N THR D 149 7.60 -17.33 2.44
CA THR D 149 7.45 -16.59 3.71
C THR D 149 6.09 -16.75 4.36
N ARG D 150 5.21 -17.59 3.83
CA ARG D 150 3.80 -17.65 4.32
C ARG D 150 3.53 -18.84 5.27
N ASP D 151 4.56 -19.61 5.61
CA ASP D 151 4.36 -20.85 6.41
C ASP D 151 5.22 -20.82 7.68
N ALA D 152 6.51 -20.90 7.54
CA ALA D 152 7.47 -20.75 8.65
C ALA D 152 7.79 -19.29 8.88
N GLY D 153 8.34 -18.98 10.06
CA GLY D 153 8.71 -17.60 10.39
C GLY D 153 9.99 -17.13 9.74
N PHE D 154 10.28 -15.84 9.87
CA PHE D 154 11.44 -15.21 9.19
C PHE D 154 12.75 -15.86 9.64
N HIS D 155 12.95 -16.04 10.93
CA HIS D 155 14.23 -16.65 11.41
C HIS D 155 14.44 -18.00 10.76
N ILE D 156 13.40 -18.83 10.70
N ILE D 156 13.40 -18.80 10.64
CA ILE D 156 13.50 -20.20 10.12
CA ILE D 156 13.55 -20.18 10.11
C ILE D 156 13.85 -20.06 8.63
C ILE D 156 13.79 -20.12 8.60
N VAL D 157 13.12 -19.19 7.91
CA VAL D 157 13.30 -19.01 6.46
C VAL D 157 14.76 -18.56 6.21
N LYS D 158 15.29 -17.66 7.02
CA LYS D 158 16.64 -17.16 6.83
C LYS D 158 17.66 -18.26 7.13
N GLU D 159 17.41 -19.11 8.12
CA GLU D 159 18.28 -20.29 8.33
C GLU D 159 18.29 -21.15 7.07
N LEU D 160 17.11 -21.50 6.54
CA LEU D 160 17.00 -22.39 5.35
CA LEU D 160 17.04 -22.41 5.38
C LEU D 160 17.81 -21.80 4.19
N ILE D 161 17.64 -20.50 3.96
CA ILE D 161 18.23 -19.87 2.77
C ILE D 161 19.73 -19.64 3.00
N PHE D 162 20.13 -19.12 4.16
CA PHE D 162 21.52 -18.68 4.35
C PHE D 162 22.41 -19.92 4.50
N THR D 163 21.93 -21.02 5.08
CA THR D 163 22.74 -22.26 5.24
C THR D 163 22.63 -23.16 3.99
N ALA D 164 21.54 -23.09 3.25
CA ALA D 164 21.23 -24.08 2.19
C ALA D 164 21.28 -25.53 2.73
N SER D 165 21.10 -25.71 4.03
CA SER D 165 21.25 -27.05 4.65
C SER D 165 19.91 -27.76 4.54
N PRO D 166 19.90 -29.10 4.45
N PRO D 166 19.85 -29.08 4.25
CA PRO D 166 18.65 -29.85 4.33
CA PRO D 166 18.57 -29.78 4.26
C PRO D 166 17.94 -29.88 5.69
C PRO D 166 17.94 -29.82 5.66
N ILE D 167 16.62 -29.86 5.68
CA ILE D 167 15.85 -30.14 6.92
C ILE D 167 15.03 -31.41 6.66
N THR D 168 14.77 -32.12 7.73
CA THR D 168 13.97 -33.34 7.72
C THR D 168 12.49 -32.96 7.55
N ALA D 169 11.69 -33.94 7.21
CA ALA D 169 10.23 -33.82 7.21
C ALA D 169 9.75 -33.49 8.62
N GLN D 170 10.33 -34.08 9.64
CA GLN D 170 9.87 -33.82 11.03
C GLN D 170 10.08 -32.32 11.35
N ARG D 171 11.22 -31.77 11.02
CA ARG D 171 11.48 -30.35 11.29
C ARG D 171 10.58 -29.48 10.40
N ALA D 172 10.38 -29.86 9.14
CA ALA D 172 9.54 -29.10 8.18
C ALA D 172 8.12 -29.07 8.74
N LEU D 173 7.68 -30.18 9.35
CA LEU D 173 6.34 -30.20 10.02
C LEU D 173 6.36 -29.26 11.25
N ALA D 174 7.38 -29.31 12.09
CA ALA D 174 7.42 -28.57 13.36
C ALA D 174 7.37 -27.07 13.07
N VAL D 175 8.03 -26.62 11.99
CA VAL D 175 8.19 -25.15 11.72
C VAL D 175 7.02 -24.63 10.87
N GLY D 176 6.08 -25.46 10.44
CA GLY D 176 4.84 -25.06 9.76
C GLY D 176 4.87 -25.15 8.25
N ILE D 177 5.90 -25.70 7.64
CA ILE D 177 6.02 -25.87 6.18
C ILE D 177 5.05 -26.96 5.71
N LEU D 178 5.03 -28.10 6.38
CA LEU D 178 4.23 -29.28 5.94
C LEU D 178 2.89 -29.34 6.67
N ASN D 179 1.92 -29.95 6.03
CA ASN D 179 0.64 -30.27 6.68
C ASN D 179 0.73 -31.58 7.48
N HIS D 180 1.26 -32.61 6.86
CA HIS D 180 1.32 -33.96 7.45
C HIS D 180 2.63 -34.62 7.07
N VAL D 181 3.14 -35.45 7.98
CA VAL D 181 4.26 -36.38 7.65
C VAL D 181 3.75 -37.79 7.95
N VAL D 182 3.89 -38.68 7.01
CA VAL D 182 3.43 -40.08 7.20
C VAL D 182 4.55 -41.03 6.75
N GLU D 183 4.48 -42.29 7.21
CA GLU D 183 5.44 -43.29 6.73
C GLU D 183 5.22 -43.47 5.25
N VAL D 184 6.28 -43.69 4.50
CA VAL D 184 6.17 -43.68 3.02
C VAL D 184 5.11 -44.67 2.54
N GLU D 185 4.93 -45.82 3.20
CA GLU D 185 3.96 -46.83 2.73
C GLU D 185 2.51 -46.35 2.89
N GLU D 186 2.26 -45.29 3.66
CA GLU D 186 0.92 -44.69 3.89
C GLU D 186 0.71 -43.43 3.02
N LEU D 187 1.76 -42.98 2.33
CA LEU D 187 1.73 -41.64 1.71
C LEU D 187 0.64 -41.57 0.64
N GLU D 188 0.54 -42.50 -0.29
CA GLU D 188 -0.51 -42.46 -1.35
CA GLU D 188 -0.51 -42.43 -1.33
C GLU D 188 -1.90 -42.54 -0.68
N ASP D 189 -2.10 -43.51 0.20
CA ASP D 189 -3.46 -43.75 0.75
C ASP D 189 -3.92 -42.51 1.56
N PHE D 190 -3.03 -41.95 2.38
CA PHE D 190 -3.35 -40.79 3.24
C PHE D 190 -3.72 -39.61 2.34
N THR D 191 -2.92 -39.37 1.30
CA THR D 191 -3.10 -38.20 0.42
C THR D 191 -4.37 -38.37 -0.42
N LEU D 192 -4.62 -39.56 -0.97
CA LEU D 192 -5.85 -39.80 -1.77
C LEU D 192 -7.07 -39.64 -0.88
N GLN D 193 -7.01 -40.09 0.37
CA GLN D 193 -8.17 -39.98 1.30
C GLN D 193 -8.49 -38.49 1.45
N MET D 194 -7.48 -37.69 1.67
CA MET D 194 -7.70 -36.23 1.92
C MET D 194 -8.21 -35.58 0.64
N ALA D 195 -7.61 -35.90 -0.52
CA ALA D 195 -8.00 -35.29 -1.83
C ALA D 195 -9.44 -35.65 -2.18
N HIS D 196 -9.85 -36.89 -1.98
CA HIS D 196 -11.25 -37.30 -2.28
CA HIS D 196 -11.24 -37.32 -2.26
C HIS D 196 -12.21 -36.62 -1.29
N HIS D 197 -11.82 -36.49 -0.04
CA HIS D 197 -12.60 -35.76 1.00
C HIS D 197 -12.84 -34.31 0.53
N ILE D 198 -11.78 -33.62 0.10
CA ILE D 198 -11.88 -32.19 -0.37
C ILE D 198 -12.82 -32.13 -1.59
N SER D 199 -12.80 -33.14 -2.43
CA SER D 199 -13.58 -33.14 -3.70
CA SER D 199 -13.57 -33.17 -3.70
C SER D 199 -15.09 -33.23 -3.44
N GLU D 200 -15.51 -33.58 -2.22
CA GLU D 200 -16.96 -33.62 -1.85
C GLU D 200 -17.45 -32.25 -1.38
N LYS D 201 -16.53 -31.29 -1.24
CA LYS D 201 -16.87 -29.92 -0.74
C LYS D 201 -17.21 -29.01 -1.91
N ALA D 202 -17.72 -27.81 -1.61
CA ALA D 202 -18.25 -26.87 -2.63
C ALA D 202 -17.11 -26.25 -3.44
N PRO D 203 -16.95 -26.60 -4.72
CA PRO D 203 -15.75 -26.18 -5.47
C PRO D 203 -15.71 -24.65 -5.68
N LEU D 204 -16.87 -23.99 -5.79
CA LEU D 204 -16.85 -22.55 -6.11
C LEU D 204 -16.45 -21.80 -4.85
N ALA D 205 -16.86 -22.28 -3.69
CA ALA D 205 -16.41 -21.69 -2.41
C ALA D 205 -14.92 -21.92 -2.27
N ILE D 206 -14.41 -23.14 -2.48
CA ILE D 206 -12.95 -23.39 -2.39
C ILE D 206 -12.20 -22.44 -3.35
N ALA D 207 -12.66 -22.30 -4.59
CA ALA D 207 -11.95 -21.50 -5.62
C ALA D 207 -11.89 -20.04 -5.15
N VAL D 208 -12.99 -19.47 -4.67
CA VAL D 208 -12.94 -18.01 -4.31
C VAL D 208 -12.16 -17.80 -3.01
N ILE D 209 -12.20 -18.74 -2.07
CA ILE D 209 -11.38 -18.59 -0.84
C ILE D 209 -9.89 -18.74 -1.18
N LYS D 210 -9.53 -19.68 -2.06
CA LYS D 210 -8.12 -19.84 -2.49
C LYS D 210 -7.67 -18.51 -3.13
N GLU D 211 -8.50 -17.92 -3.96
CA GLU D 211 -8.14 -16.66 -4.67
C GLU D 211 -8.03 -15.50 -3.67
N GLU D 212 -8.93 -15.41 -2.70
CA GLU D 212 -8.84 -14.40 -1.60
C GLU D 212 -7.53 -14.59 -0.86
N LEU D 213 -7.17 -15.82 -0.51
CA LEU D 213 -5.87 -16.05 0.16
C LEU D 213 -4.71 -15.64 -0.74
N ARG D 214 -4.81 -15.90 -2.02
CA ARG D 214 -3.70 -15.60 -2.94
C ARG D 214 -3.49 -14.07 -2.95
N VAL D 215 -4.57 -13.31 -3.09
CA VAL D 215 -4.52 -11.82 -3.20
CA VAL D 215 -4.37 -11.85 -3.24
C VAL D 215 -4.00 -11.27 -1.86
N LEU D 216 -4.50 -11.81 -0.74
CA LEU D 216 -4.04 -11.31 0.58
C LEU D 216 -2.55 -11.63 0.74
N GLY D 217 -2.15 -12.81 0.33
CA GLY D 217 -0.73 -13.19 0.41
C GLY D 217 0.17 -12.28 -0.41
N GLU D 218 -0.28 -11.81 -1.56
CA GLU D 218 0.52 -10.92 -2.42
C GLU D 218 0.44 -9.48 -1.95
N ALA D 219 -0.45 -9.12 -1.01
CA ALA D 219 -0.81 -7.71 -0.73
C ALA D 219 0.22 -7.09 0.22
N HIS D 220 1.50 -7.32 -0.05
CA HIS D 220 2.63 -6.61 0.60
C HIS D 220 3.13 -5.61 -0.44
N THR D 221 2.80 -4.34 -0.30
CA THR D 221 2.98 -3.38 -1.40
C THR D 221 4.16 -2.43 -1.09
N MET D 222 4.83 -1.98 -2.15
CA MET D 222 6.02 -1.10 -2.09
CA MET D 222 5.99 -1.05 -2.06
C MET D 222 5.90 -0.08 -3.23
N ASN D 223 6.63 1.01 -3.12
CA ASN D 223 6.65 2.03 -4.18
C ASN D 223 7.68 1.64 -5.25
N SER D 224 7.57 2.32 -6.38
CA SER D 224 8.36 1.98 -7.59
C SER D 224 9.84 2.13 -7.26
N ASP D 225 10.21 3.16 -6.52
CA ASP D 225 11.63 3.40 -6.22
C ASP D 225 12.19 2.16 -5.48
N GLU D 226 11.46 1.64 -4.49
CA GLU D 226 11.96 0.49 -3.70
C GLU D 226 12.16 -0.71 -4.64
N PHE D 227 11.23 -0.96 -5.56
CA PHE D 227 11.37 -2.11 -6.46
CA PHE D 227 11.35 -2.09 -6.50
C PHE D 227 12.56 -1.90 -7.39
N GLU D 228 12.73 -0.68 -7.95
CA GLU D 228 13.83 -0.42 -8.89
C GLU D 228 15.17 -0.53 -8.14
N ARG D 229 15.23 -0.14 -6.88
CA ARG D 229 16.47 -0.25 -6.03
C ARG D 229 16.82 -1.73 -5.84
N ILE D 230 15.83 -2.54 -5.53
CA ILE D 230 16.02 -4.01 -5.42
C ILE D 230 16.49 -4.59 -6.75
N GLN D 231 15.86 -4.20 -7.85
CA GLN D 231 16.23 -4.66 -9.22
CA GLN D 231 16.27 -4.78 -9.15
C GLN D 231 17.72 -4.38 -9.45
N GLY D 232 18.16 -3.17 -9.08
CA GLY D 232 19.56 -2.77 -9.29
C GLY D 232 20.49 -3.70 -8.50
N MET D 233 20.07 -4.07 -7.29
CA MET D 233 20.89 -4.94 -6.42
C MET D 233 20.95 -6.31 -7.07
N ARG D 234 19.82 -6.80 -7.60
CA ARG D 234 19.79 -8.18 -8.16
C ARG D 234 20.69 -8.19 -9.40
N ARG D 235 20.65 -7.13 -10.20
CA ARG D 235 21.48 -7.05 -11.43
C ARG D 235 22.94 -7.08 -11.05
N ALA D 236 23.37 -6.39 -10.00
CA ALA D 236 24.79 -6.38 -9.59
C ALA D 236 25.19 -7.81 -9.20
N VAL D 237 24.26 -8.57 -8.61
CA VAL D 237 24.55 -10.00 -8.29
C VAL D 237 24.68 -10.80 -9.58
N TYR D 238 23.78 -10.68 -10.55
CA TYR D 238 23.94 -11.50 -11.78
CA TYR D 238 23.87 -11.34 -11.88
C TYR D 238 25.14 -11.00 -12.61
N ASP D 239 25.68 -9.80 -12.36
CA ASP D 239 26.88 -9.31 -13.09
C ASP D 239 28.13 -9.70 -12.31
N SER D 240 28.01 -10.47 -11.20
CA SER D 240 29.11 -10.71 -10.23
CA SER D 240 29.13 -10.68 -10.26
C SER D 240 30.06 -11.79 -10.79
N GLU D 241 31.32 -11.69 -10.36
CA GLU D 241 32.32 -12.79 -10.49
C GLU D 241 31.73 -14.00 -9.78
N ASP D 242 31.16 -13.80 -8.60
CA ASP D 242 30.64 -14.93 -7.77
C ASP D 242 29.59 -15.72 -8.51
N TYR D 243 28.69 -15.05 -9.28
CA TYR D 243 27.62 -15.73 -10.02
C TYR D 243 28.22 -16.63 -11.10
N GLN D 244 29.23 -16.13 -11.82
CA GLN D 244 29.99 -16.96 -12.79
C GLN D 244 30.64 -18.13 -12.04
N GLU D 245 31.34 -17.86 -10.95
CA GLU D 245 32.03 -18.92 -10.15
C GLU D 245 31.00 -19.96 -9.72
N GLY D 246 29.85 -19.52 -9.19
CA GLY D 246 28.83 -20.49 -8.73
C GLY D 246 28.34 -21.42 -9.82
N MET D 247 28.06 -20.90 -11.03
CA MET D 247 27.59 -21.75 -12.15
CA MET D 247 27.62 -21.69 -12.21
C MET D 247 28.75 -22.63 -12.63
N ASN D 248 29.97 -22.10 -12.72
CA ASN D 248 31.18 -22.86 -13.19
C ASN D 248 31.46 -24.01 -12.22
N ALA D 249 31.46 -23.75 -10.92
CA ALA D 249 31.70 -24.80 -9.89
C ALA D 249 30.65 -25.88 -10.06
N PHE D 250 29.39 -25.52 -10.23
CA PHE D 250 28.34 -26.54 -10.37
C PHE D 250 28.60 -27.40 -11.64
N LEU D 251 28.92 -26.78 -12.76
CA LEU D 251 29.16 -27.51 -14.04
C LEU D 251 30.41 -28.41 -13.89
N GLU D 252 31.45 -27.92 -13.23
CA GLU D 252 32.74 -28.66 -13.02
C GLU D 252 32.65 -29.68 -11.86
N LYS D 253 31.56 -29.73 -11.09
CA LYS D 253 31.35 -30.68 -9.97
C LYS D 253 32.42 -30.48 -8.89
N ARG D 254 32.63 -29.23 -8.53
CA ARG D 254 33.56 -28.85 -7.45
C ARG D 254 32.85 -27.82 -6.58
N LYS D 255 33.47 -27.49 -5.47
CA LYS D 255 32.95 -26.46 -4.54
C LYS D 255 33.33 -25.08 -5.04
N PRO D 256 32.41 -24.10 -5.02
CA PRO D 256 32.79 -22.76 -5.42
C PRO D 256 33.62 -22.04 -4.38
N ASN D 257 34.45 -21.12 -4.84
CA ASN D 257 35.19 -20.19 -3.96
C ASN D 257 34.60 -18.79 -4.14
N PHE D 258 33.66 -18.40 -3.29
CA PHE D 258 33.00 -17.08 -3.39
C PHE D 258 33.89 -16.04 -2.71
N VAL D 259 33.96 -14.83 -3.28
CA VAL D 259 34.86 -13.74 -2.79
C VAL D 259 34.14 -12.42 -2.48
N GLY D 260 32.87 -12.25 -2.86
CA GLY D 260 32.12 -11.03 -2.49
C GLY D 260 32.27 -9.93 -3.52
N HIS D 261 32.46 -10.32 -4.80
CA HIS D 261 32.54 -9.51 -6.05
C HIS D 261 31.98 -10.29 -7.22
N ALA E 2 -28.79 -6.49 33.09
CA ALA E 2 -28.77 -7.91 32.72
C ALA E 2 -29.06 -8.05 31.22
N TYR E 3 -28.86 -9.25 30.70
CA TYR E 3 -28.98 -9.55 29.26
C TYR E 3 -29.72 -10.86 29.13
N GLN E 4 -30.47 -11.03 28.07
CA GLN E 4 -31.25 -12.27 27.87
C GLN E 4 -30.27 -13.39 27.50
N TYR E 5 -29.22 -13.09 26.72
CA TYR E 5 -28.46 -14.18 26.05
C TYR E 5 -27.00 -14.24 26.50
N VAL E 6 -26.55 -13.43 27.47
CA VAL E 6 -25.23 -13.62 28.10
C VAL E 6 -25.37 -13.35 29.59
N ASN E 7 -24.47 -13.91 30.36
CA ASN E 7 -24.36 -13.70 31.83
C ASN E 7 -23.00 -13.06 32.09
N VAL E 8 -22.94 -11.94 32.83
CA VAL E 8 -21.65 -11.25 33.09
C VAL E 8 -21.29 -11.35 34.56
N VAL E 9 -20.08 -11.77 34.86
CA VAL E 9 -19.52 -11.74 36.24
C VAL E 9 -18.27 -10.86 36.21
N THR E 10 -18.09 -10.00 37.20
CA THR E 10 -16.88 -9.17 37.33
CA THR E 10 -16.84 -9.21 37.30
C THR E 10 -16.12 -9.57 38.59
N ILE E 11 -14.82 -9.80 38.45
CA ILE E 11 -13.96 -10.22 39.58
C ILE E 11 -12.80 -9.20 39.59
N ASN E 12 -12.92 -8.16 40.41
CA ASN E 12 -11.94 -7.03 40.42
C ASN E 12 -11.87 -6.41 39.02
N LYS E 13 -10.74 -6.56 38.34
CA LYS E 13 -10.55 -5.94 37.01
C LYS E 13 -10.90 -6.89 35.86
N VAL E 14 -11.29 -8.13 36.14
CA VAL E 14 -11.58 -9.12 35.06
C VAL E 14 -13.08 -9.25 34.92
N ALA E 15 -13.59 -9.24 33.70
CA ALA E 15 -15.01 -9.51 33.40
C ALA E 15 -15.11 -10.79 32.61
N VAL E 16 -16.00 -11.68 33.02
CA VAL E 16 -16.26 -12.95 32.30
C VAL E 16 -17.61 -12.83 31.64
N ILE E 17 -17.67 -12.95 30.33
CA ILE E 17 -18.97 -12.95 29.61
C ILE E 17 -19.26 -14.39 29.21
N GLU E 18 -20.30 -14.97 29.81
CA GLU E 18 -20.65 -16.38 29.57
C GLU E 18 -21.85 -16.44 28.63
N PHE E 19 -21.74 -17.19 27.54
CA PHE E 19 -22.86 -17.30 26.58
C PHE E 19 -24.07 -17.97 27.29
N ASN E 20 -25.26 -17.48 26.99
CA ASN E 20 -26.51 -18.07 27.57
C ASN E 20 -27.52 -18.32 26.43
N TYR E 21 -27.10 -19.05 25.39
CA TYR E 21 -27.92 -19.28 24.18
C TYR E 21 -27.85 -20.77 23.86
N GLY E 22 -27.87 -21.61 24.89
CA GLY E 22 -27.80 -23.07 24.80
C GLY E 22 -28.90 -23.67 23.92
N ARG E 23 -30.08 -23.04 23.90
CA ARG E 23 -31.27 -23.38 23.06
C ARG E 23 -30.83 -23.59 21.62
N LYS E 24 -29.90 -22.77 21.11
CA LYS E 24 -29.39 -22.92 19.72
C LYS E 24 -27.88 -23.16 19.73
N LEU E 25 -27.36 -23.78 20.80
CA LEU E 25 -25.91 -24.10 20.97
C LEU E 25 -25.03 -22.88 20.66
N ASN E 26 -25.46 -21.70 21.09
CA ASN E 26 -24.65 -20.44 20.99
C ASN E 26 -24.35 -20.13 19.51
N ALA E 27 -25.25 -20.48 18.60
CA ALA E 27 -25.20 -20.05 17.19
C ALA E 27 -25.21 -18.53 17.17
N LEU E 28 -24.52 -17.93 16.20
CA LEU E 28 -24.29 -16.47 16.20
C LEU E 28 -25.52 -15.77 15.62
N SER E 29 -26.70 -16.03 16.19
CA SER E 29 -27.95 -15.32 15.84
C SER E 29 -27.78 -13.84 16.17
N LYS E 30 -28.51 -12.97 15.46
CA LYS E 30 -28.44 -11.51 15.71
C LYS E 30 -28.76 -11.20 17.18
N VAL E 31 -29.80 -11.82 17.76
CA VAL E 31 -30.19 -11.44 19.14
C VAL E 31 -29.09 -11.79 20.14
N PHE E 32 -28.37 -12.88 19.93
CA PHE E 32 -27.26 -13.31 20.81
C PHE E 32 -26.07 -12.36 20.63
N ILE E 33 -25.65 -12.13 19.39
CA ILE E 33 -24.52 -11.21 19.12
C ILE E 33 -24.82 -9.78 19.57
N ASP E 34 -26.05 -9.29 19.44
CA ASP E 34 -26.38 -7.93 19.92
C ASP E 34 -26.18 -7.85 21.43
N ASP E 35 -26.57 -8.86 22.20
CA ASP E 35 -26.38 -8.90 23.66
C ASP E 35 -24.88 -9.01 23.99
N LEU E 36 -24.15 -9.84 23.25
CA LEU E 36 -22.70 -9.95 23.47
C LEU E 36 -22.06 -8.57 23.26
N MET E 37 -22.43 -7.83 22.20
CA MET E 37 -21.80 -6.52 21.91
C MET E 37 -22.22 -5.49 22.96
N GLN E 38 -23.48 -5.54 23.38
CA GLN E 38 -23.94 -4.62 24.44
C GLN E 38 -23.15 -4.89 25.72
N ALA E 39 -23.00 -6.15 26.09
CA ALA E 39 -22.24 -6.50 27.31
C ALA E 39 -20.80 -5.97 27.19
N LEU E 40 -20.14 -6.19 26.06
CA LEU E 40 -18.75 -5.66 25.89
C LEU E 40 -18.76 -4.15 26.05
N SER E 41 -19.70 -3.46 25.41
CA SER E 41 -19.76 -1.98 25.43
C SER E 41 -19.89 -1.51 26.88
N ASP E 42 -20.77 -2.18 27.62
CA ASP E 42 -21.07 -1.84 29.03
C ASP E 42 -19.79 -2.01 29.88
N LEU E 43 -18.88 -2.89 29.47
CA LEU E 43 -17.65 -3.20 30.22
C LEU E 43 -16.48 -2.29 29.77
N ASN E 44 -16.67 -1.40 28.80
CA ASN E 44 -15.62 -0.46 28.33
C ASN E 44 -15.54 0.67 29.34
N ARG E 45 -14.96 0.38 30.53
CA ARG E 45 -14.83 1.32 31.65
C ARG E 45 -13.43 1.20 32.19
N PRO E 46 -12.83 2.26 32.77
CA PRO E 46 -11.46 2.26 33.25
C PRO E 46 -11.03 1.17 34.25
N GLU E 47 -11.97 0.70 35.06
CA GLU E 47 -11.74 -0.25 36.16
C GLU E 47 -11.86 -1.70 35.66
N ILE E 48 -12.23 -1.91 34.40
CA ILE E 48 -12.16 -3.25 33.76
C ILE E 48 -10.92 -3.25 32.90
N ARG E 49 -10.17 -4.33 33.00
CA ARG E 49 -8.84 -4.40 32.33
C ARG E 49 -8.71 -5.62 31.42
N CYS E 50 -9.54 -6.64 31.56
CA CYS E 50 -9.36 -7.90 30.80
C CYS E 50 -10.72 -8.58 30.71
N ILE E 51 -11.10 -9.05 29.53
CA ILE E 51 -12.36 -9.76 29.27
C ILE E 51 -12.05 -11.22 29.00
N ILE E 52 -12.88 -12.12 29.51
CA ILE E 52 -12.90 -13.54 29.12
C ILE E 52 -14.25 -13.82 28.44
N LEU E 53 -14.25 -14.48 27.28
CA LEU E 53 -15.48 -15.01 26.63
C LEU E 53 -15.52 -16.52 26.85
N ARG E 54 -16.65 -17.07 27.27
CA ARG E 54 -16.75 -18.52 27.52
C ARG E 54 -18.17 -18.99 27.25
N ALA E 55 -18.27 -20.29 27.01
CA ALA E 55 -19.51 -21.06 27.07
C ALA E 55 -19.69 -21.56 28.50
N PRO E 56 -20.92 -21.92 28.93
CA PRO E 56 -21.11 -22.43 30.29
C PRO E 56 -20.22 -23.64 30.55
N SER E 57 -19.79 -23.78 31.79
CA SER E 57 -19.00 -24.93 32.26
C SER E 57 -19.68 -26.24 31.85
N GLY E 58 -18.92 -27.16 31.25
CA GLY E 58 -19.41 -28.48 30.88
C GLY E 58 -19.95 -28.54 29.48
N SER E 59 -20.03 -27.42 28.78
CA SER E 59 -20.70 -27.41 27.45
C SER E 59 -19.97 -28.35 26.47
N LYS E 60 -20.70 -29.19 25.75
CA LYS E 60 -20.13 -30.03 24.66
C LYS E 60 -19.86 -29.14 23.42
N VAL E 61 -20.71 -28.13 23.19
CA VAL E 61 -20.60 -27.16 22.08
C VAL E 61 -20.24 -25.79 22.65
N PHE E 62 -19.13 -25.21 22.24
CA PHE E 62 -18.78 -23.82 22.57
C PHE E 62 -19.72 -22.89 21.79
N SER E 63 -19.74 -23.06 20.47
CA SER E 63 -20.65 -22.34 19.54
C SER E 63 -20.79 -23.08 18.23
N ALA E 64 -22.03 -23.26 17.78
CA ALA E 64 -22.37 -23.95 16.51
C ALA E 64 -22.11 -23.04 15.30
N GLY E 65 -21.57 -21.84 15.49
CA GLY E 65 -21.26 -20.93 14.37
C GLY E 65 -22.46 -20.17 13.83
N HIS E 66 -22.40 -19.80 12.55
CA HIS E 66 -23.42 -18.95 11.90
C HIS E 66 -24.81 -19.57 12.07
N ASP E 67 -25.82 -18.78 12.40
CA ASP E 67 -27.20 -19.31 12.45
C ASP E 67 -27.65 -19.46 10.99
N ILE E 68 -27.92 -20.66 10.53
CA ILE E 68 -28.16 -20.85 9.07
CA ILE E 68 -28.20 -20.93 9.09
C ILE E 68 -29.62 -20.45 8.75
N HIS E 69 -30.53 -20.46 9.73
CA HIS E 69 -31.90 -19.88 9.53
C HIS E 69 -31.83 -18.37 9.27
N GLU E 70 -30.65 -17.74 9.40
CA GLU E 70 -30.43 -16.27 9.23
C GLU E 70 -29.50 -15.99 8.03
N LEU E 71 -28.80 -17.00 7.49
CA LEU E 71 -28.04 -16.84 6.20
C LEU E 71 -29.09 -16.82 5.10
N PRO E 72 -29.26 -15.67 4.41
CA PRO E 72 -30.33 -15.54 3.41
C PRO E 72 -30.04 -16.42 2.19
N SER E 73 -31.01 -17.28 1.84
CA SER E 73 -31.02 -18.15 0.63
C SER E 73 -31.59 -17.37 -0.56
N GLY E 74 -32.00 -16.11 -0.35
CA GLY E 74 -32.37 -15.14 -1.40
C GLY E 74 -31.17 -14.80 -2.27
N GLY E 75 -30.72 -13.54 -2.26
CA GLY E 75 -29.56 -13.08 -3.05
C GLY E 75 -28.48 -12.44 -2.20
N ARG E 76 -28.84 -11.82 -1.07
CA ARG E 76 -27.95 -10.85 -0.38
C ARG E 76 -26.73 -11.63 0.14
N ASP E 77 -25.58 -11.00 0.08
CA ASP E 77 -24.34 -11.45 0.77
C ASP E 77 -24.63 -11.64 2.27
N PRO E 78 -24.51 -12.85 2.84
CA PRO E 78 -24.71 -13.06 4.28
C PRO E 78 -23.47 -12.65 5.11
N LEU E 79 -22.37 -12.28 4.46
CA LEU E 79 -21.19 -11.77 5.20
C LEU E 79 -20.90 -10.31 4.83
N SER E 80 -21.97 -9.50 4.76
CA SER E 80 -21.89 -8.05 4.51
CA SER E 80 -21.84 -8.06 4.50
C SER E 80 -21.39 -7.35 5.78
N TYR E 81 -20.98 -6.11 5.64
CA TYR E 81 -20.25 -5.37 6.67
C TYR E 81 -21.05 -5.35 7.99
N ASP E 82 -22.37 -5.31 7.94
CA ASP E 82 -23.11 -5.16 9.23
CA ASP E 82 -23.31 -5.14 9.09
C ASP E 82 -23.83 -6.48 9.61
N ASP E 83 -23.45 -7.61 9.01
CA ASP E 83 -23.80 -8.98 9.50
CA ASP E 83 -23.90 -8.92 9.54
C ASP E 83 -23.26 -9.12 10.92
N PRO E 84 -23.97 -9.80 11.84
CA PRO E 84 -23.52 -9.90 13.23
C PRO E 84 -22.09 -10.41 13.42
N LEU E 85 -21.66 -11.42 12.67
CA LEU E 85 -20.30 -12.00 12.83
C LEU E 85 -19.31 -10.89 12.45
N ARG E 86 -19.60 -10.16 11.39
CA ARG E 86 -18.70 -9.10 10.89
C ARG E 86 -18.61 -8.01 11.96
N GLN E 87 -19.74 -7.64 12.59
CA GLN E 87 -19.73 -6.61 13.64
C GLN E 87 -18.93 -7.08 14.86
N ILE E 88 -19.15 -8.29 15.31
CA ILE E 88 -18.55 -8.75 16.61
C ILE E 88 -17.03 -8.88 16.41
N THR E 89 -16.55 -9.32 15.26
CA THR E 89 -15.08 -9.43 15.08
C THR E 89 -14.45 -8.04 15.10
N ARG E 90 -15.05 -7.08 14.43
CA ARG E 90 -14.52 -5.69 14.46
C ARG E 90 -14.53 -5.17 15.90
N MET E 91 -15.60 -5.43 16.62
CA MET E 91 -15.73 -4.88 18.01
C MET E 91 -14.66 -5.51 18.90
N ILE E 92 -14.47 -6.83 18.81
CA ILE E 92 -13.44 -7.52 19.61
C ILE E 92 -12.07 -6.95 19.28
N GLN E 93 -11.77 -6.74 17.99
CA GLN E 93 -10.42 -6.29 17.58
C GLN E 93 -10.17 -4.83 17.98
N LYS E 94 -11.22 -3.98 18.02
CA LYS E 94 -11.09 -2.54 18.34
C LYS E 94 -11.21 -2.28 19.84
N PHE E 95 -11.55 -3.30 20.61
CA PHE E 95 -11.85 -3.14 22.06
C PHE E 95 -10.54 -2.87 22.75
N PRO E 96 -10.43 -1.80 23.56
CA PRO E 96 -9.15 -1.39 24.12
C PRO E 96 -8.63 -2.18 25.33
N LYS E 97 -9.17 -3.35 25.52
CA LYS E 97 -8.72 -4.26 26.58
C LYS E 97 -8.51 -5.60 25.92
N PRO E 98 -7.64 -6.45 26.46
CA PRO E 98 -7.45 -7.80 25.96
C PRO E 98 -8.76 -8.59 26.15
N ILE E 99 -9.08 -9.38 25.14
CA ILE E 99 -10.22 -10.33 25.15
C ILE E 99 -9.63 -11.73 25.00
N ILE E 100 -9.88 -12.59 25.98
CA ILE E 100 -9.37 -13.98 26.00
C ILE E 100 -10.56 -14.90 25.70
N SER E 101 -10.44 -15.74 24.69
CA SER E 101 -11.44 -16.79 24.40
C SER E 101 -11.04 -17.98 25.26
N MET E 102 -11.90 -18.35 26.22
CA MET E 102 -11.70 -19.54 27.08
C MET E 102 -12.63 -20.64 26.57
N VAL E 103 -12.08 -21.63 25.90
CA VAL E 103 -12.87 -22.57 25.07
C VAL E 103 -12.99 -23.95 25.74
N GLU E 104 -14.22 -24.37 25.94
CA GLU E 104 -14.64 -25.75 26.29
C GLU E 104 -15.67 -26.12 25.24
N GLY E 105 -15.49 -27.27 24.61
CA GLY E 105 -16.43 -27.74 23.60
C GLY E 105 -15.96 -27.54 22.19
N SER E 106 -16.84 -27.89 21.27
CA SER E 106 -16.61 -27.84 19.82
C SER E 106 -16.87 -26.42 19.32
N VAL E 107 -15.99 -25.93 18.48
CA VAL E 107 -16.06 -24.58 17.87
C VAL E 107 -16.21 -24.73 16.37
N TRP E 108 -17.22 -24.07 15.77
CA TRP E 108 -17.60 -24.22 14.38
C TRP E 108 -17.59 -22.90 13.62
N GLY E 109 -16.99 -22.92 12.43
CA GLY E 109 -17.24 -21.92 11.36
C GLY E 109 -17.05 -20.50 11.85
N GLY E 110 -18.13 -19.74 11.84
CA GLY E 110 -18.04 -18.34 12.27
C GLY E 110 -17.54 -18.20 13.68
N ALA E 111 -17.84 -19.14 14.58
CA ALA E 111 -17.38 -19.08 15.98
C ALA E 111 -15.88 -19.28 16.00
N PHE E 112 -15.33 -20.00 15.04
CA PHE E 112 -13.86 -20.19 14.96
C PHE E 112 -13.24 -18.86 14.53
N GLU E 113 -13.82 -18.19 13.53
CA GLU E 113 -13.34 -16.85 13.16
C GLU E 113 -13.47 -15.90 14.36
N MET E 114 -14.54 -15.99 15.15
CA MET E 114 -14.74 -15.08 16.28
C MET E 114 -13.62 -15.29 17.31
N ILE E 115 -13.27 -16.51 17.69
CA ILE E 115 -12.21 -16.72 18.69
C ILE E 115 -10.86 -16.36 18.06
N MET E 116 -10.69 -16.56 16.75
CA MET E 116 -9.40 -16.21 16.11
C MET E 116 -9.23 -14.68 16.13
N SER E 117 -10.33 -13.91 16.11
CA SER E 117 -10.25 -12.42 16.16
C SER E 117 -9.90 -11.92 17.58
N SER E 118 -10.04 -12.75 18.60
CA SER E 118 -9.72 -12.40 19.99
C SER E 118 -8.22 -12.44 20.19
N ASP E 119 -7.76 -11.94 21.34
CA ASP E 119 -6.30 -11.69 21.58
C ASP E 119 -5.56 -12.97 21.97
N LEU E 120 -6.15 -13.79 22.83
CA LEU E 120 -5.56 -15.05 23.33
C LEU E 120 -6.64 -16.11 23.29
N ILE E 121 -6.27 -17.35 23.04
CA ILE E 121 -7.19 -18.50 23.16
C ILE E 121 -6.58 -19.55 24.08
N ILE E 122 -7.30 -19.88 25.15
CA ILE E 122 -6.89 -20.92 26.13
C ILE E 122 -8.01 -21.96 26.04
N ALA E 123 -7.68 -23.22 25.86
CA ALA E 123 -8.70 -24.21 25.53
C ALA E 123 -8.52 -25.48 26.37
N ALA E 124 -9.64 -26.13 26.59
CA ALA E 124 -9.66 -27.46 27.22
C ALA E 124 -8.99 -28.45 26.28
N SER E 125 -8.37 -29.49 26.88
CA SER E 125 -7.70 -30.59 26.12
C SER E 125 -8.70 -31.32 25.22
N THR E 126 -10.00 -31.25 25.49
CA THR E 126 -11.03 -31.98 24.73
C THR E 126 -11.73 -31.10 23.69
N SER E 127 -11.41 -29.81 23.59
CA SER E 127 -12.08 -28.86 22.66
C SER E 127 -11.63 -29.22 21.23
N THR E 128 -12.48 -28.97 20.26
CA THR E 128 -12.21 -29.21 18.82
C THR E 128 -12.61 -27.97 18.00
N PHE E 129 -12.05 -27.88 16.80
CA PHE E 129 -12.06 -26.63 15.99
C PHE E 129 -12.26 -27.01 14.54
N SER E 130 -13.23 -26.38 13.90
CA SER E 130 -13.57 -26.62 12.47
CA SER E 130 -13.46 -26.58 12.45
C SER E 130 -13.88 -25.27 11.78
N MET E 131 -13.49 -25.13 10.52
CA MET E 131 -13.90 -23.98 9.70
C MET E 131 -14.72 -24.50 8.52
N THR E 132 -16.03 -24.17 8.42
CA THR E 132 -17.02 -24.97 7.66
C THR E 132 -17.67 -24.29 6.44
N PRO E 133 -17.28 -23.12 5.91
CA PRO E 133 -18.02 -22.58 4.77
C PRO E 133 -18.05 -23.46 3.53
N VAL E 134 -17.02 -24.29 3.29
CA VAL E 134 -17.04 -25.13 2.06
C VAL E 134 -18.07 -26.27 2.22
N ASN E 135 -18.63 -26.49 3.41
CA ASN E 135 -19.70 -27.51 3.59
C ASN E 135 -21.00 -27.00 2.98
N LEU E 136 -21.19 -25.68 2.94
CA LEU E 136 -22.44 -25.02 2.55
C LEU E 136 -22.30 -24.31 1.21
N GLY E 137 -21.08 -24.15 0.69
CA GLY E 137 -20.87 -23.38 -0.56
C GLY E 137 -20.82 -21.90 -0.33
N VAL E 138 -20.46 -21.47 0.88
CA VAL E 138 -20.46 -20.02 1.23
C VAL E 138 -19.17 -19.38 0.72
N PRO E 139 -19.26 -18.28 -0.04
CA PRO E 139 -18.07 -17.50 -0.41
C PRO E 139 -17.65 -16.58 0.74
N TYR E 140 -16.82 -17.08 1.63
CA TYR E 140 -16.38 -16.33 2.81
C TYR E 140 -15.75 -15.03 2.34
N ASN E 141 -15.90 -13.95 3.09
CA ASN E 141 -15.44 -12.60 2.69
C ASN E 141 -13.96 -12.37 3.02
N LEU E 142 -13.34 -11.42 2.34
CA LEU E 142 -11.90 -11.12 2.49
C LEU E 142 -11.56 -10.88 3.95
N VAL E 143 -12.27 -9.96 4.64
CA VAL E 143 -11.90 -9.61 6.03
C VAL E 143 -11.92 -10.89 6.87
N GLY E 144 -12.95 -11.71 6.67
CA GLY E 144 -13.20 -12.94 7.46
C GLY E 144 -12.06 -13.92 7.24
N ILE E 145 -11.64 -14.07 5.99
CA ILE E 145 -10.48 -14.96 5.67
C ILE E 145 -9.19 -14.38 6.26
N HIS E 146 -8.98 -13.08 6.11
CA HIS E 146 -7.80 -12.41 6.67
C HIS E 146 -7.68 -12.72 8.16
N ASN E 147 -8.79 -12.69 8.88
CA ASN E 147 -8.82 -12.95 10.34
C ASN E 147 -8.35 -14.35 10.70
N LEU E 148 -8.27 -15.27 9.73
CA LEU E 148 -7.80 -16.66 10.01
C LEU E 148 -6.33 -16.85 9.62
N THR E 149 -5.61 -15.83 9.19
CA THR E 149 -4.26 -15.99 8.61
C THR E 149 -3.15 -15.45 9.51
N ARG E 150 -3.41 -15.07 10.77
CA ARG E 150 -2.39 -14.34 11.56
C ARG E 150 -1.75 -15.25 12.60
N ASP E 151 -2.05 -16.54 12.56
CA ASP E 151 -1.57 -17.44 13.62
C ASP E 151 -0.89 -18.65 12.98
N ALA E 152 -1.62 -19.50 12.31
CA ALA E 152 -1.04 -20.65 11.58
C ALA E 152 -0.69 -20.24 10.15
N GLY E 153 0.24 -20.97 9.55
CA GLY E 153 0.69 -20.72 8.17
C GLY E 153 -0.37 -21.01 7.09
N PHE E 154 -0.12 -20.54 5.86
CA PHE E 154 -1.05 -20.68 4.73
C PHE E 154 -1.42 -22.14 4.48
N HIS E 155 -0.46 -23.07 4.41
CA HIS E 155 -0.79 -24.47 4.10
C HIS E 155 -1.77 -25.01 5.17
N ILE E 156 -1.51 -24.71 6.42
CA ILE E 156 -2.37 -25.18 7.55
C ILE E 156 -3.75 -24.55 7.39
N VAL E 157 -3.85 -23.25 7.19
CA VAL E 157 -5.16 -22.60 6.99
C VAL E 157 -5.90 -23.25 5.82
N LYS E 158 -5.24 -23.49 4.69
CA LYS E 158 -5.94 -24.05 3.52
C LYS E 158 -6.43 -25.47 3.83
N GLU E 159 -5.68 -26.26 4.61
CA GLU E 159 -6.17 -27.60 4.99
C GLU E 159 -7.46 -27.41 5.81
N LEU E 160 -7.45 -26.52 6.79
CA LEU E 160 -8.62 -26.32 7.67
C LEU E 160 -9.83 -25.95 6.82
N ILE E 161 -9.68 -24.97 5.94
CA ILE E 161 -10.82 -24.44 5.15
C ILE E 161 -11.22 -25.44 4.06
N PHE E 162 -10.28 -26.05 3.31
CA PHE E 162 -10.65 -26.90 2.18
C PHE E 162 -11.25 -28.23 2.68
N THR E 163 -10.80 -28.75 3.80
CA THR E 163 -11.30 -30.06 4.32
C THR E 163 -12.54 -29.84 5.18
N ALA E 164 -12.64 -28.70 5.87
CA ALA E 164 -13.68 -28.43 6.90
C ALA E 164 -13.64 -29.52 8.00
N SER E 165 -12.51 -30.16 8.19
CA SER E 165 -12.34 -31.26 9.18
C SER E 165 -11.96 -30.63 10.49
N PRO E 166 -12.44 -31.22 11.60
CA PRO E 166 -12.06 -30.76 12.91
C PRO E 166 -10.62 -31.10 13.26
N ILE E 167 -9.99 -30.19 14.00
CA ILE E 167 -8.66 -30.46 14.60
C ILE E 167 -8.83 -30.48 16.10
N THR E 168 -7.97 -31.25 16.73
CA THR E 168 -7.87 -31.30 18.19
C THR E 168 -7.25 -30.03 18.78
N ALA E 169 -7.42 -29.86 20.07
CA ALA E 169 -6.77 -28.78 20.83
C ALA E 169 -5.24 -28.92 20.75
N GLN E 170 -4.73 -30.15 20.76
CA GLN E 170 -3.27 -30.42 20.71
C GLN E 170 -2.70 -29.99 19.35
N ARG E 171 -3.40 -30.23 18.27
CA ARG E 171 -2.97 -29.81 16.92
C ARG E 171 -3.11 -28.30 16.81
N ALA E 172 -4.19 -27.73 17.30
CA ALA E 172 -4.39 -26.26 17.27
C ALA E 172 -3.28 -25.55 18.04
N LEU E 173 -2.77 -26.11 19.14
CA LEU E 173 -1.62 -25.56 19.89
C LEU E 173 -0.39 -25.68 18.98
N ALA E 174 -0.16 -26.85 18.43
CA ALA E 174 1.10 -27.14 17.69
C ALA E 174 1.22 -26.19 16.48
N VAL E 175 0.11 -25.85 15.83
CA VAL E 175 0.16 -25.03 14.59
C VAL E 175 0.10 -23.54 14.90
N GLY E 176 -0.11 -23.15 16.17
CA GLY E 176 -0.03 -21.76 16.62
C GLY E 176 -1.38 -21.07 16.77
N ILE E 177 -2.50 -21.78 16.65
CA ILE E 177 -3.83 -21.19 16.82
C ILE E 177 -4.04 -20.86 18.31
N LEU E 178 -3.68 -21.78 19.22
CA LEU E 178 -3.97 -21.61 20.65
C LEU E 178 -2.74 -21.09 21.40
N ASN E 179 -2.97 -20.45 22.54
CA ASN E 179 -1.92 -20.07 23.50
C ASN E 179 -1.59 -21.25 24.43
N HIS E 180 -2.63 -21.81 25.03
CA HIS E 180 -2.48 -22.89 26.03
C HIS E 180 -3.61 -23.88 25.88
N VAL E 181 -3.26 -25.13 26.20
CA VAL E 181 -4.21 -26.24 26.36
C VAL E 181 -4.11 -26.74 27.80
N VAL E 182 -5.24 -26.81 28.49
CA VAL E 182 -5.39 -27.09 29.96
CA VAL E 182 -5.18 -27.32 29.89
C VAL E 182 -6.35 -28.28 30.13
N GLU E 183 -6.20 -29.09 31.16
CA GLU E 183 -7.27 -30.04 31.50
C GLU E 183 -8.52 -29.21 31.84
N VAL E 184 -9.69 -29.69 31.48
CA VAL E 184 -10.95 -28.92 31.61
C VAL E 184 -11.18 -28.47 33.05
N GLU E 185 -10.82 -29.29 34.05
CA GLU E 185 -11.06 -28.95 35.47
CA GLU E 185 -11.01 -28.98 35.49
C GLU E 185 -10.11 -27.80 35.92
N GLU E 186 -9.06 -27.48 35.14
CA GLU E 186 -8.13 -26.38 35.47
C GLU E 186 -8.33 -25.16 34.56
N LEU E 187 -9.23 -25.25 33.59
CA LEU E 187 -9.39 -24.21 32.54
C LEU E 187 -9.74 -22.87 33.16
N GLU E 188 -10.74 -22.81 34.01
CA GLU E 188 -11.18 -21.51 34.57
CA GLU E 188 -11.21 -21.52 34.60
C GLU E 188 -10.08 -20.92 35.45
N ASP E 189 -9.52 -21.73 36.36
CA ASP E 189 -8.51 -21.22 37.32
C ASP E 189 -7.33 -20.65 36.52
N PHE E 190 -6.89 -21.39 35.52
CA PHE E 190 -5.69 -21.03 34.73
C PHE E 190 -5.95 -19.70 34.01
N THR E 191 -7.12 -19.58 33.40
CA THR E 191 -7.48 -18.41 32.55
C THR E 191 -7.63 -17.20 33.46
N LEU E 192 -8.32 -17.38 34.59
CA LEU E 192 -8.51 -16.24 35.52
C LEU E 192 -7.18 -15.80 36.09
N GLN E 193 -6.26 -16.72 36.35
CA GLN E 193 -4.98 -16.31 36.93
C GLN E 193 -4.27 -15.42 35.90
N MET E 194 -4.28 -15.79 34.63
CA MET E 194 -3.61 -14.99 33.58
C MET E 194 -4.31 -13.64 33.40
N ALA E 195 -5.65 -13.63 33.43
CA ALA E 195 -6.45 -12.42 33.28
C ALA E 195 -6.15 -11.45 34.44
N HIS E 196 -6.06 -11.93 35.68
CA HIS E 196 -5.75 -11.05 36.83
CA HIS E 196 -5.75 -11.05 36.84
C HIS E 196 -4.34 -10.47 36.66
N HIS E 197 -3.40 -11.29 36.17
CA HIS E 197 -2.00 -10.86 35.99
CA HIS E 197 -1.99 -10.89 35.97
C HIS E 197 -1.91 -9.73 34.96
N ILE E 198 -2.57 -9.91 33.81
CA ILE E 198 -2.61 -8.88 32.74
C ILE E 198 -3.17 -7.61 33.35
N SER E 199 -4.18 -7.73 34.22
CA SER E 199 -4.94 -6.60 34.78
C SER E 199 -4.05 -5.75 35.68
N GLU E 200 -2.88 -6.26 36.11
CA GLU E 200 -1.92 -5.50 36.93
C GLU E 200 -1.03 -4.60 36.05
N LYS E 201 -1.02 -4.80 34.73
CA LYS E 201 -0.13 -4.07 33.81
C LYS E 201 -0.79 -2.76 33.40
N ALA E 202 -0.05 -1.95 32.67
CA ALA E 202 -0.48 -0.58 32.31
C ALA E 202 -1.53 -0.65 31.21
N PRO E 203 -2.79 -0.27 31.50
CA PRO E 203 -3.86 -0.45 30.51
C PRO E 203 -3.71 0.41 29.26
N LEU E 204 -3.19 1.63 29.41
CA LEU E 204 -3.08 2.55 28.24
C LEU E 204 -2.01 2.00 27.30
N ALA E 205 -0.96 1.38 27.82
CA ALA E 205 0.08 0.76 26.97
C ALA E 205 -0.50 -0.46 26.27
N ILE E 206 -1.20 -1.35 27.00
CA ILE E 206 -1.87 -2.53 26.41
C ILE E 206 -2.77 -2.05 25.27
N ALA E 207 -3.61 -1.04 25.50
CA ALA E 207 -4.59 -0.60 24.48
C ALA E 207 -3.87 -0.14 23.22
N VAL E 208 -2.86 0.75 23.35
CA VAL E 208 -2.18 1.28 22.13
C VAL E 208 -1.40 0.16 21.44
N ILE E 209 -0.82 -0.79 22.15
CA ILE E 209 -0.07 -1.89 21.46
C ILE E 209 -1.07 -2.80 20.77
N LYS E 210 -2.22 -3.03 21.40
CA LYS E 210 -3.24 -3.86 20.77
C LYS E 210 -3.68 -3.19 19.46
N GLU E 211 -3.93 -1.88 19.49
CA GLU E 211 -4.38 -1.15 18.29
C GLU E 211 -3.29 -1.15 17.22
N GLU E 212 -2.01 -1.01 17.62
CA GLU E 212 -0.87 -1.07 16.69
C GLU E 212 -0.85 -2.43 16.00
N LEU E 213 -1.04 -3.50 16.77
CA LEU E 213 -1.12 -4.82 16.13
C LEU E 213 -2.33 -4.92 15.22
N ARG E 214 -3.49 -4.39 15.62
CA ARG E 214 -4.69 -4.47 14.76
C ARG E 214 -4.40 -3.82 13.40
N VAL E 215 -3.85 -2.62 13.41
CA VAL E 215 -3.66 -1.91 12.11
CA VAL E 215 -3.58 -1.84 12.16
C VAL E 215 -2.55 -2.60 11.30
N LEU E 216 -1.52 -3.13 11.93
CA LEU E 216 -0.48 -3.84 11.17
C LEU E 216 -1.08 -5.11 10.60
N GLY E 217 -1.91 -5.79 11.38
CA GLY E 217 -2.63 -6.98 10.92
C GLY E 217 -3.45 -6.72 9.68
N GLU E 218 -4.08 -5.56 9.61
CA GLU E 218 -4.99 -5.16 8.51
C GLU E 218 -4.24 -4.56 7.32
N ALA E 219 -2.95 -4.27 7.44
CA ALA E 219 -2.19 -3.47 6.45
C ALA E 219 -1.68 -4.35 5.30
N HIS E 220 -2.56 -5.17 4.74
CA HIS E 220 -2.36 -5.86 3.43
C HIS E 220 -3.27 -5.13 2.44
N THR E 221 -2.71 -4.25 1.60
CA THR E 221 -3.50 -3.29 0.85
C THR E 221 -3.54 -3.73 -0.62
N MET E 222 -4.67 -3.45 -1.27
CA MET E 222 -4.89 -3.77 -2.71
CA MET E 222 -4.91 -3.77 -2.70
C MET E 222 -5.62 -2.60 -3.36
N ASN E 223 -5.61 -2.57 -4.69
CA ASN E 223 -6.31 -1.51 -5.42
C ASN E 223 -7.79 -1.88 -5.57
N SER E 224 -8.58 -0.87 -5.94
CA SER E 224 -10.05 -0.96 -6.09
C SER E 224 -10.40 -2.04 -7.10
N ASP E 225 -9.69 -2.14 -8.22
CA ASP E 225 -10.01 -3.14 -9.24
C ASP E 225 -9.92 -4.56 -8.66
N GLU E 226 -8.87 -4.84 -7.90
CA GLU E 226 -8.69 -6.19 -7.30
C GLU E 226 -9.85 -6.50 -6.35
N PHE E 227 -10.24 -5.56 -5.51
CA PHE E 227 -11.38 -5.75 -4.59
CA PHE E 227 -11.38 -5.72 -4.59
C PHE E 227 -12.67 -5.98 -5.38
N GLU E 228 -12.92 -5.18 -6.42
CA GLU E 228 -14.16 -5.36 -7.22
C GLU E 228 -14.12 -6.72 -7.94
N ARG E 229 -12.96 -7.15 -8.41
CA ARG E 229 -12.82 -8.45 -9.10
C ARG E 229 -13.20 -9.58 -8.12
N ILE E 230 -12.69 -9.54 -6.89
CA ILE E 230 -13.03 -10.52 -5.83
C ILE E 230 -14.51 -10.44 -5.51
N GLN E 231 -15.07 -9.24 -5.39
CA GLN E 231 -16.52 -9.04 -5.14
CA GLN E 231 -16.52 -9.14 -5.08
C GLN E 231 -17.35 -9.75 -6.22
N GLY E 232 -16.94 -9.62 -7.48
CA GLY E 232 -17.70 -10.25 -8.58
C GLY E 232 -17.59 -11.77 -8.51
N MET E 233 -16.43 -12.30 -8.14
CA MET E 233 -16.29 -13.76 -7.92
C MET E 233 -17.21 -14.18 -6.77
N ARG E 234 -17.27 -13.44 -5.65
CA ARG E 234 -18.10 -13.85 -4.50
C ARG E 234 -19.56 -13.82 -4.94
N ARG E 235 -20.01 -12.80 -5.70
CA ARG E 235 -21.43 -12.74 -6.13
C ARG E 235 -21.77 -13.97 -6.99
N ALA E 236 -20.89 -14.36 -7.91
CA ALA E 236 -21.11 -15.55 -8.75
C ALA E 236 -21.34 -16.75 -7.83
N VAL E 237 -20.62 -16.85 -6.72
CA VAL E 237 -20.78 -17.99 -5.79
C VAL E 237 -22.15 -17.90 -5.11
N TYR E 238 -22.54 -16.75 -4.60
CA TYR E 238 -23.85 -16.69 -3.90
CA TYR E 238 -23.86 -16.51 -3.98
C TYR E 238 -25.00 -16.75 -4.94
N ASP E 239 -24.73 -16.57 -6.22
CA ASP E 239 -25.77 -16.77 -7.27
C ASP E 239 -25.77 -18.23 -7.78
N SER E 240 -24.93 -19.14 -7.25
CA SER E 240 -24.73 -20.49 -7.84
C SER E 240 -25.84 -21.45 -7.39
N GLU E 241 -26.06 -22.49 -8.19
CA GLU E 241 -26.92 -23.64 -7.78
C GLU E 241 -26.33 -24.27 -6.52
N ASP E 242 -24.98 -24.38 -6.45
CA ASP E 242 -24.26 -25.04 -5.32
C ASP E 242 -24.55 -24.33 -4.01
N TYR E 243 -24.64 -23.00 -4.02
CA TYR E 243 -24.97 -22.24 -2.80
C TYR E 243 -26.38 -22.64 -2.38
N GLN E 244 -27.35 -22.71 -3.30
CA GLN E 244 -28.74 -23.08 -2.87
C GLN E 244 -28.73 -24.51 -2.31
N GLU E 245 -28.02 -25.40 -2.98
CA GLU E 245 -27.89 -26.81 -2.57
C GLU E 245 -27.26 -26.90 -1.19
N GLY E 246 -26.16 -26.17 -0.93
CA GLY E 246 -25.51 -26.27 0.39
C GLY E 246 -26.44 -25.83 1.50
N MET E 247 -27.16 -24.73 1.32
CA MET E 247 -28.04 -24.19 2.39
C MET E 247 -29.18 -25.21 2.61
N ASN E 248 -29.75 -25.72 1.53
CA ASN E 248 -30.92 -26.64 1.57
C ASN E 248 -30.50 -27.95 2.24
N ALA E 249 -29.33 -28.47 1.87
CA ALA E 249 -28.80 -29.75 2.40
C ALA E 249 -28.56 -29.62 3.91
N PHE E 250 -28.08 -28.47 4.34
CA PHE E 250 -27.86 -28.20 5.77
C PHE E 250 -29.23 -28.20 6.51
N LEU E 251 -30.21 -27.45 6.00
CA LEU E 251 -31.59 -27.35 6.58
C LEU E 251 -32.25 -28.75 6.63
N GLU E 252 -32.07 -29.57 5.59
CA GLU E 252 -32.75 -30.89 5.41
C GLU E 252 -31.92 -32.00 6.06
N LYS E 253 -30.80 -31.67 6.71
CA LYS E 253 -29.87 -32.65 7.35
C LYS E 253 -29.54 -33.80 6.39
N ARG E 254 -29.16 -33.48 5.15
CA ARG E 254 -28.69 -34.47 4.15
C ARG E 254 -27.33 -34.03 3.60
N LYS E 255 -26.60 -34.91 2.93
CA LYS E 255 -25.29 -34.55 2.32
C LYS E 255 -25.54 -33.77 1.03
N PRO E 256 -24.88 -32.61 0.80
CA PRO E 256 -25.11 -31.86 -0.44
C PRO E 256 -24.46 -32.53 -1.65
N ASN E 257 -25.00 -32.29 -2.81
CA ASN E 257 -24.48 -32.77 -4.10
C ASN E 257 -23.97 -31.54 -4.86
N PHE E 258 -22.67 -31.22 -4.75
CA PHE E 258 -22.12 -30.02 -5.42
C PHE E 258 -21.73 -30.35 -6.87
N VAL E 259 -21.98 -29.46 -7.84
CA VAL E 259 -21.73 -29.71 -9.30
C VAL E 259 -20.84 -28.63 -9.95
N GLY E 260 -20.41 -27.59 -9.25
CA GLY E 260 -19.50 -26.60 -9.84
C GLY E 260 -20.20 -25.55 -10.68
N HIS E 261 -21.49 -25.32 -10.45
CA HIS E 261 -22.23 -24.12 -10.94
C HIS E 261 -23.39 -23.79 -10.02
N ALA F 2 39.86 -0.80 19.32
CA ALA F 2 39.08 -1.49 20.36
C ALA F 2 37.90 -0.60 20.80
N TYR F 3 37.09 -1.15 21.68
CA TYR F 3 35.81 -0.54 22.10
C TYR F 3 35.74 -0.63 23.60
N GLN F 4 35.16 0.34 24.25
CA GLN F 4 34.96 0.30 25.72
C GLN F 4 33.94 -0.80 26.10
N TYR F 5 32.84 -0.92 25.36
CA TYR F 5 31.65 -1.69 25.82
C TYR F 5 31.37 -2.93 24.98
N VAL F 6 32.24 -3.30 24.03
CA VAL F 6 32.16 -4.65 23.38
C VAL F 6 33.57 -5.18 23.18
N ASN F 7 33.67 -6.50 23.02
CA ASN F 7 34.93 -7.17 22.61
C ASN F 7 34.67 -7.90 21.29
N VAL F 8 35.56 -7.75 20.32
CA VAL F 8 35.37 -8.38 18.99
C VAL F 8 36.49 -9.39 18.77
N VAL F 9 36.15 -10.60 18.37
CA VAL F 9 37.15 -11.56 17.83
C VAL F 9 36.70 -12.06 16.45
N THR F 10 37.67 -12.26 15.56
CA THR F 10 37.43 -12.81 14.20
CA THR F 10 37.43 -12.81 14.20
C THR F 10 38.05 -14.21 14.17
N ILE F 11 37.30 -15.19 13.68
CA ILE F 11 37.77 -16.59 13.49
C ILE F 11 37.54 -16.89 12.01
N ASN F 12 38.58 -16.92 11.18
CA ASN F 12 38.43 -17.05 9.71
C ASN F 12 37.48 -15.92 9.23
N LYS F 13 36.30 -16.24 8.70
CA LYS F 13 35.38 -15.21 8.13
C LYS F 13 34.25 -14.88 9.10
N VAL F 14 34.29 -15.34 10.33
CA VAL F 14 33.21 -15.10 11.33
C VAL F 14 33.70 -14.08 12.34
N ALA F 15 32.87 -13.10 12.69
CA ALA F 15 33.23 -12.15 13.76
C ALA F 15 32.18 -12.34 14.87
N VAL F 16 32.67 -12.37 16.09
CA VAL F 16 31.85 -12.50 17.30
C VAL F 16 31.96 -11.18 18.01
N ILE F 17 30.84 -10.48 18.19
CA ILE F 17 30.77 -9.22 18.94
C ILE F 17 30.22 -9.61 20.32
N GLU F 18 31.04 -9.47 21.34
CA GLU F 18 30.66 -9.90 22.70
C GLU F 18 30.40 -8.65 23.54
N PHE F 19 29.29 -8.61 24.26
CA PHE F 19 28.94 -7.44 25.09
C PHE F 19 29.99 -7.31 26.22
N ASN F 20 30.32 -6.08 26.56
CA ASN F 20 31.23 -5.81 27.70
C ASN F 20 30.65 -4.67 28.53
N TYR F 21 29.44 -4.91 29.05
CA TYR F 21 28.67 -3.91 29.82
C TYR F 21 27.96 -4.61 30.97
N GLY F 22 28.59 -5.66 31.48
CA GLY F 22 28.02 -6.55 32.52
C GLY F 22 27.65 -5.81 33.81
N ARG F 23 28.35 -4.72 34.09
CA ARG F 23 28.11 -3.97 35.36
C ARG F 23 26.72 -3.33 35.29
N LYS F 24 26.13 -3.19 34.09
CA LYS F 24 24.77 -2.65 33.89
C LYS F 24 23.88 -3.70 33.21
N LEU F 25 24.28 -4.96 33.27
CA LEU F 25 23.55 -6.14 32.75
C LEU F 25 23.30 -5.95 31.25
N ASN F 26 24.24 -5.30 30.57
CA ASN F 26 24.16 -5.07 29.11
C ASN F 26 22.86 -4.34 28.75
N ALA F 27 22.37 -3.47 29.62
CA ALA F 27 21.24 -2.57 29.30
C ALA F 27 21.62 -1.73 28.09
N LEU F 28 20.63 -1.33 27.30
CA LEU F 28 20.86 -0.70 25.98
C LEU F 28 21.08 0.82 26.12
N SER F 29 21.97 1.22 27.02
CA SER F 29 22.48 2.61 27.14
C SER F 29 22.99 3.05 25.78
N LYS F 30 22.84 4.35 25.50
CA LYS F 30 23.40 4.97 24.30
C LYS F 30 24.88 4.62 24.14
N VAL F 31 25.69 4.67 25.20
CA VAL F 31 27.17 4.44 25.06
C VAL F 31 27.43 3.01 24.59
N PHE F 32 26.63 2.05 25.04
CA PHE F 32 26.76 0.63 24.65
C PHE F 32 26.36 0.43 23.20
N ILE F 33 25.17 0.91 22.85
CA ILE F 33 24.64 0.76 21.46
C ILE F 33 25.55 1.48 20.48
N ASP F 34 26.06 2.66 20.81
CA ASP F 34 26.99 3.40 19.91
C ASP F 34 28.24 2.57 19.63
N ASP F 35 28.75 1.86 20.63
CA ASP F 35 29.91 0.97 20.46
C ASP F 35 29.54 -0.27 19.65
N LEU F 36 28.42 -0.92 19.94
CA LEU F 36 27.92 -2.07 19.14
CA LEU F 36 27.90 -2.07 19.14
C LEU F 36 27.76 -1.66 17.67
N MET F 37 27.20 -0.48 17.39
CA MET F 37 27.04 -0.02 16.00
C MET F 37 28.41 0.30 15.39
N GLN F 38 29.34 0.86 16.14
CA GLN F 38 30.70 1.11 15.59
C GLN F 38 31.34 -0.24 15.22
N ALA F 39 31.25 -1.24 16.12
CA ALA F 39 31.84 -2.57 15.88
C ALA F 39 31.25 -3.17 14.62
N LEU F 40 29.92 -3.11 14.47
CA LEU F 40 29.27 -3.67 13.26
C LEU F 40 29.75 -2.96 12.01
N SER F 41 29.73 -1.62 11.98
CA SER F 41 30.21 -0.85 10.80
C SER F 41 31.65 -1.27 10.47
N ASP F 42 32.49 -1.42 11.49
CA ASP F 42 33.94 -1.75 11.33
C ASP F 42 34.08 -3.11 10.65
N LEU F 43 33.07 -3.97 10.82
CA LEU F 43 33.11 -5.37 10.33
C LEU F 43 32.41 -5.49 8.96
N ASN F 44 31.98 -4.40 8.36
CA ASN F 44 31.31 -4.43 7.04
C ASN F 44 32.43 -4.46 5.98
N ARG F 45 33.08 -5.60 5.88
CA ARG F 45 34.31 -5.80 5.04
C ARG F 45 34.12 -7.07 4.25
N PRO F 46 34.56 -7.17 2.97
N PRO F 46 34.86 -7.24 3.12
CA PRO F 46 34.36 -8.42 2.22
CA PRO F 46 34.58 -8.34 2.20
C PRO F 46 34.94 -9.70 2.86
C PRO F 46 34.95 -9.68 2.86
N GLU F 47 36.00 -9.65 3.69
CA GLU F 47 36.59 -10.82 4.38
C GLU F 47 35.78 -11.25 5.62
N ILE F 48 34.72 -10.52 5.98
CA ILE F 48 33.82 -10.95 7.09
C ILE F 48 32.54 -11.45 6.42
N ARG F 49 31.99 -12.59 6.84
CA ARG F 49 30.87 -13.22 6.11
CA ARG F 49 30.86 -13.17 6.09
C ARG F 49 29.65 -13.42 7.00
N CYS F 50 29.86 -13.46 8.31
CA CYS F 50 28.82 -13.78 9.30
C CYS F 50 29.21 -13.14 10.63
N ILE F 51 28.20 -12.62 11.31
CA ILE F 51 28.33 -11.99 12.64
C ILE F 51 27.59 -12.82 13.66
N ILE F 52 28.22 -13.02 14.83
CA ILE F 52 27.54 -13.52 16.04
C ILE F 52 27.50 -12.42 17.10
N LEU F 53 26.34 -12.12 17.66
CA LEU F 53 26.18 -11.24 18.84
C LEU F 53 26.01 -12.15 20.04
N ARG F 54 26.76 -11.92 21.12
CA ARG F 54 26.64 -12.72 22.36
C ARG F 54 26.94 -11.85 23.57
N ALA F 55 26.46 -12.33 24.70
CA ALA F 55 26.92 -11.90 26.03
C ALA F 55 28.08 -12.80 26.45
N PRO F 56 28.90 -12.35 27.42
CA PRO F 56 29.95 -13.21 27.96
C PRO F 56 29.45 -14.59 28.43
N SER F 57 30.31 -15.58 28.23
CA SER F 57 30.06 -16.95 28.76
C SER F 57 29.66 -16.88 30.23
N GLY F 58 28.63 -17.60 30.62
CA GLY F 58 28.16 -17.69 32.01
C GLY F 58 27.25 -16.56 32.42
N SER F 59 26.90 -15.63 31.51
CA SER F 59 26.02 -14.48 31.83
C SER F 59 24.67 -14.98 32.34
N LYS F 60 24.21 -14.44 33.47
CA LYS F 60 22.85 -14.72 33.96
C LYS F 60 21.86 -13.85 33.15
N VAL F 61 22.24 -12.61 32.83
CA VAL F 61 21.40 -11.64 32.08
C VAL F 61 22.08 -11.38 30.74
N PHE F 62 21.44 -11.78 29.65
CA PHE F 62 21.93 -11.49 28.29
C PHE F 62 21.91 -9.98 28.10
N SER F 63 20.76 -9.37 28.38
CA SER F 63 20.52 -7.91 28.33
C SER F 63 19.25 -7.55 29.08
N ALA F 64 19.35 -6.60 30.00
CA ALA F 64 18.25 -6.08 30.83
C ALA F 64 17.39 -5.11 30.02
N GLY F 65 17.67 -4.95 28.73
CA GLY F 65 16.79 -4.13 27.87
C GLY F 65 17.02 -2.66 28.05
N HIS F 66 16.01 -1.84 27.84
CA HIS F 66 16.19 -0.36 27.85
C HIS F 66 16.78 0.15 29.14
N ASP F 67 17.73 1.09 29.04
CA ASP F 67 18.26 1.81 30.22
C ASP F 67 17.15 2.77 30.67
N ILE F 68 16.55 2.54 31.83
N ILE F 68 16.57 2.50 31.84
CA ILE F 68 15.34 3.32 32.23
CA ILE F 68 15.38 3.24 32.36
C ILE F 68 15.79 4.69 32.76
C ILE F 68 15.81 4.68 32.69
N HIS F 69 17.07 4.89 33.08
CA HIS F 69 17.67 6.24 33.30
C HIS F 69 17.67 7.07 32.00
N GLU F 70 17.56 6.46 30.82
CA GLU F 70 17.61 7.23 29.54
C GLU F 70 16.20 7.36 28.98
N LEU F 71 15.17 6.90 29.68
CA LEU F 71 13.77 7.12 29.25
C LEU F 71 13.40 8.55 29.57
N PRO F 72 12.91 9.38 28.60
CA PRO F 72 12.46 10.73 28.92
C PRO F 72 11.20 10.75 29.81
N SER F 73 11.10 11.81 30.63
CA SER F 73 10.31 11.91 31.90
C SER F 73 8.79 11.96 31.66
N GLY F 74 8.37 12.39 30.47
CA GLY F 74 6.94 12.57 30.16
C GLY F 74 6.76 13.76 29.24
N GLY F 75 5.82 13.65 28.31
CA GLY F 75 5.61 14.68 27.28
C GLY F 75 6.49 14.43 26.08
N ARG F 76 7.43 13.48 26.15
CA ARG F 76 8.41 13.21 25.06
C ARG F 76 8.25 11.76 24.60
N ASP F 77 8.26 11.56 23.28
CA ASP F 77 8.19 10.18 22.71
C ASP F 77 9.43 9.42 23.18
N PRO F 78 9.31 8.29 23.91
CA PRO F 78 10.49 7.53 24.33
C PRO F 78 11.18 6.67 23.26
N LEU F 79 10.49 6.48 22.13
CA LEU F 79 10.99 5.56 21.05
C LEU F 79 10.92 6.25 19.71
N SER F 80 11.59 7.39 19.63
CA SER F 80 11.73 8.18 18.41
C SER F 80 12.69 7.47 17.45
N TYR F 81 12.66 7.89 16.20
CA TYR F 81 13.43 7.26 15.11
C TYR F 81 14.92 7.16 15.44
N ASP F 82 15.51 8.18 16.09
CA ASP F 82 16.98 8.17 16.28
C ASP F 82 17.35 7.73 17.71
N ASP F 83 16.43 7.13 18.46
CA ASP F 83 16.75 6.51 19.78
C ASP F 83 17.60 5.26 19.56
N PRO F 84 18.55 4.96 20.46
CA PRO F 84 19.52 3.90 20.18
C PRO F 84 18.95 2.52 19.78
N LEU F 85 17.91 2.04 20.44
CA LEU F 85 17.28 0.74 20.08
C LEU F 85 16.71 0.82 18.66
N ARG F 86 16.17 1.98 18.28
CA ARG F 86 15.56 2.11 16.93
C ARG F 86 16.70 2.11 15.91
N GLN F 87 17.83 2.77 16.22
CA GLN F 87 18.98 2.80 15.30
C GLN F 87 19.57 1.39 15.14
N ILE F 88 19.73 0.62 16.21
CA ILE F 88 20.50 -0.67 16.12
C ILE F 88 19.64 -1.72 15.40
N THR F 89 18.33 -1.75 15.61
CA THR F 89 17.44 -2.68 14.88
C THR F 89 17.48 -2.35 13.39
N ARG F 90 17.45 -1.07 12.98
CA ARG F 90 17.58 -0.76 11.53
C ARG F 90 18.94 -1.27 11.01
N MET F 91 19.98 -1.00 11.77
CA MET F 91 21.35 -1.32 11.34
C MET F 91 21.49 -2.83 11.22
N ILE F 92 21.01 -3.58 12.20
CA ILE F 92 21.01 -5.06 12.11
C ILE F 92 20.29 -5.52 10.82
N GLN F 93 19.11 -4.98 10.56
CA GLN F 93 18.23 -5.42 9.46
C GLN F 93 18.86 -5.08 8.11
N LYS F 94 19.57 -3.95 8.02
CA LYS F 94 20.13 -3.47 6.73
C LYS F 94 21.54 -4.01 6.55
N PHE F 95 22.10 -4.66 7.55
CA PHE F 95 23.51 -5.10 7.46
C PHE F 95 23.63 -6.22 6.44
N PRO F 96 24.57 -6.16 5.48
CA PRO F 96 24.56 -7.07 4.34
C PRO F 96 25.14 -8.46 4.62
N LYS F 97 25.34 -8.82 5.87
CA LYS F 97 25.79 -10.17 6.30
C LYS F 97 24.78 -10.69 7.30
N PRO F 98 24.69 -12.01 7.45
CA PRO F 98 23.85 -12.58 8.48
C PRO F 98 24.38 -12.18 9.85
N ILE F 99 23.44 -11.90 10.75
CA ILE F 99 23.70 -11.63 12.17
C ILE F 99 22.92 -12.68 12.97
N ILE F 100 23.65 -13.48 13.72
CA ILE F 100 23.12 -14.58 14.59
C ILE F 100 23.21 -14.14 16.03
N SER F 101 22.09 -14.07 16.73
CA SER F 101 22.07 -13.80 18.16
C SER F 101 22.31 -15.14 18.86
N MET F 102 23.38 -15.21 19.65
CA MET F 102 23.75 -16.43 20.40
C MET F 102 23.47 -16.13 21.86
N VAL F 103 22.35 -16.67 22.39
CA VAL F 103 21.77 -16.19 23.66
C VAL F 103 22.05 -17.15 24.80
N GLU F 104 22.70 -16.63 25.81
CA GLU F 104 22.84 -17.27 27.15
C GLU F 104 22.34 -16.24 28.15
N GLY F 105 21.43 -16.66 29.02
CA GLY F 105 20.89 -15.79 30.07
C GLY F 105 19.49 -15.27 29.73
N SER F 106 19.00 -14.32 30.51
CA SER F 106 17.63 -13.79 30.38
C SER F 106 17.67 -12.57 29.44
N VAL F 107 16.61 -12.43 28.61
CA VAL F 107 16.51 -11.37 27.57
C VAL F 107 15.24 -10.58 27.90
N TRP F 108 15.33 -9.24 27.98
CA TRP F 108 14.22 -8.39 28.44
C TRP F 108 13.97 -7.25 27.45
N GLY F 109 12.68 -7.09 27.07
CA GLY F 109 12.16 -5.82 26.55
C GLY F 109 12.86 -5.43 25.26
N GLY F 110 13.49 -4.26 25.22
CA GLY F 110 14.13 -3.83 23.97
C GLY F 110 15.17 -4.83 23.51
N ALA F 111 15.83 -5.57 24.43
CA ALA F 111 16.84 -6.58 24.04
C ALA F 111 16.18 -7.75 23.32
N PHE F 112 14.93 -8.05 23.67
CA PHE F 112 14.14 -9.06 22.97
C PHE F 112 13.86 -8.55 21.55
N GLU F 113 13.42 -7.32 21.41
CA GLU F 113 13.23 -6.76 20.05
C GLU F 113 14.55 -6.83 19.28
N MET F 114 15.65 -6.45 19.89
CA MET F 114 16.98 -6.48 19.23
C MET F 114 17.29 -7.87 18.69
N ILE F 115 17.18 -8.94 19.49
CA ILE F 115 17.51 -10.26 18.94
C ILE F 115 16.45 -10.65 17.87
N MET F 116 15.18 -10.26 18.04
CA MET F 116 14.15 -10.59 17.04
C MET F 116 14.51 -9.96 15.69
N SER F 117 15.14 -8.79 15.71
CA SER F 117 15.55 -8.06 14.49
C SER F 117 16.71 -8.75 13.79
N SER F 118 17.45 -9.60 14.50
CA SER F 118 18.56 -10.37 13.89
C SER F 118 18.02 -11.53 13.04
N ASP F 119 18.92 -12.19 12.32
CA ASP F 119 18.54 -13.13 11.24
C ASP F 119 18.24 -14.52 11.79
N LEU F 120 18.98 -14.94 12.80
CA LEU F 120 18.82 -16.26 13.43
C LEU F 120 19.03 -16.07 14.92
N ILE F 121 18.39 -16.92 15.72
CA ILE F 121 18.59 -16.91 17.18
C ILE F 121 18.88 -18.34 17.61
N ILE F 122 20.04 -18.54 18.23
CA ILE F 122 20.42 -19.85 18.82
CA ILE F 122 20.44 -19.85 18.82
C ILE F 122 20.58 -19.63 20.31
N ALA F 123 19.90 -20.41 21.13
CA ALA F 123 19.85 -20.12 22.56
C ALA F 123 20.20 -21.32 23.44
N ALA F 124 20.74 -21.02 24.60
CA ALA F 124 20.95 -22.00 25.69
C ALA F 124 19.60 -22.53 26.18
N SER F 125 19.54 -23.80 26.58
CA SER F 125 18.31 -24.42 27.14
C SER F 125 17.81 -23.68 28.39
N THR F 126 18.63 -22.88 29.06
CA THR F 126 18.30 -22.16 30.32
C THR F 126 17.95 -20.70 30.09
N SER F 127 18.03 -20.22 28.83
CA SER F 127 17.72 -18.81 28.48
CA SER F 127 17.71 -18.80 28.49
C SER F 127 16.22 -18.56 28.62
N THR F 128 15.85 -17.32 28.91
CA THR F 128 14.44 -16.91 29.09
C THR F 128 14.24 -15.59 28.37
N PHE F 129 13.02 -15.33 27.96
CA PHE F 129 12.67 -14.19 27.06
C PHE F 129 11.42 -13.52 27.59
N SER F 130 11.43 -12.21 27.74
CA SER F 130 10.18 -11.47 28.05
CA SER F 130 10.24 -11.41 28.17
C SER F 130 10.13 -10.12 27.32
N MET F 131 8.93 -9.64 27.07
CA MET F 131 8.74 -8.30 26.46
C MET F 131 8.01 -7.45 27.48
N THR F 132 8.62 -6.39 28.00
CA THR F 132 8.19 -5.76 29.27
C THR F 132 7.60 -4.37 29.19
N PRO F 133 7.29 -3.71 28.03
CA PRO F 133 6.86 -2.32 28.12
C PRO F 133 5.59 -2.08 28.96
N VAL F 134 4.68 -3.03 29.02
CA VAL F 134 3.42 -2.81 29.79
C VAL F 134 3.73 -2.78 31.30
N ASN F 135 4.89 -3.27 31.74
CA ASN F 135 5.31 -3.13 33.16
C ASN F 135 5.52 -1.67 33.55
N LEU F 136 5.88 -0.79 32.59
CA LEU F 136 6.19 0.62 32.83
C LEU F 136 5.15 1.57 32.23
N GLY F 137 4.25 1.10 31.39
CA GLY F 137 3.27 1.99 30.76
C GLY F 137 3.83 2.60 29.49
N VAL F 138 4.83 2.02 28.89
CA VAL F 138 5.49 2.57 27.67
C VAL F 138 4.65 2.27 26.43
N PRO F 139 4.31 3.29 25.63
CA PRO F 139 3.66 3.07 24.34
C PRO F 139 4.70 2.67 23.29
N TYR F 140 4.91 1.37 23.14
CA TYR F 140 5.90 0.82 22.18
C TYR F 140 5.51 1.30 20.78
N ASN F 141 6.49 1.61 19.94
CA ASN F 141 6.21 2.23 18.61
C ASN F 141 5.85 1.16 17.56
N LEU F 142 5.24 1.59 16.46
CA LEU F 142 4.73 0.68 15.42
C LEU F 142 5.88 -0.18 14.85
N VAL F 143 6.99 0.46 14.44
CA VAL F 143 8.13 -0.30 13.84
C VAL F 143 8.61 -1.36 14.85
N GLY F 144 8.74 -0.99 16.13
CA GLY F 144 9.23 -1.90 17.19
C GLY F 144 8.29 -3.07 17.35
N ILE F 145 6.98 -2.83 17.40
CA ILE F 145 5.99 -3.95 17.50
C ILE F 145 6.05 -4.83 16.24
N HIS F 146 6.17 -4.22 15.06
CA HIS F 146 6.18 -4.94 13.77
CA HIS F 146 6.18 -4.95 13.78
C HIS F 146 7.35 -5.94 13.79
N ASN F 147 8.48 -5.53 14.35
CA ASN F 147 9.69 -6.38 14.46
C ASN F 147 9.44 -7.64 15.29
N LEU F 148 8.42 -7.65 16.14
CA LEU F 148 8.02 -8.80 16.99
C LEU F 148 7.01 -9.74 16.31
N THR F 149 6.53 -9.49 15.09
CA THR F 149 5.40 -10.21 14.49
C THR F 149 5.76 -11.14 13.31
N ARG F 150 7.04 -11.38 13.04
CA ARG F 150 7.41 -12.10 11.82
C ARG F 150 7.79 -13.55 12.09
N ASP F 151 7.65 -14.03 13.35
CA ASP F 151 8.14 -15.36 13.77
C ASP F 151 7.01 -16.15 14.40
N ALA F 152 6.56 -15.73 15.57
CA ALA F 152 5.39 -16.32 16.25
C ALA F 152 4.09 -15.66 15.76
N GLY F 153 2.97 -16.35 15.93
CA GLY F 153 1.65 -15.82 15.57
C GLY F 153 1.15 -14.72 16.49
N PHE F 154 0.08 -14.04 16.05
CA PHE F 154 -0.49 -12.89 16.76
C PHE F 154 -0.89 -13.28 18.19
N HIS F 155 -1.66 -14.34 18.38
CA HIS F 155 -2.09 -14.71 19.75
CA HIS F 155 -2.10 -14.74 19.75
C HIS F 155 -0.87 -14.90 20.66
N ILE F 156 0.19 -15.51 20.17
CA ILE F 156 1.40 -15.73 21.01
CA ILE F 156 1.39 -15.74 21.03
C ILE F 156 2.05 -14.39 21.30
N VAL F 157 2.17 -13.53 20.29
CA VAL F 157 2.82 -12.23 20.52
C VAL F 157 2.01 -11.46 21.56
N LYS F 158 0.69 -11.50 21.47
CA LYS F 158 -0.17 -10.74 22.40
C LYS F 158 -0.01 -11.29 23.81
N GLU F 159 0.05 -12.61 23.97
CA GLU F 159 0.34 -13.16 25.31
C GLU F 159 1.67 -12.59 25.85
N LEU F 160 2.77 -12.67 25.08
CA LEU F 160 4.07 -12.15 25.53
C LEU F 160 3.99 -10.69 25.96
N ILE F 161 3.37 -9.85 25.15
CA ILE F 161 3.37 -8.39 25.43
C ILE F 161 2.38 -8.09 26.55
N PHE F 162 1.21 -8.67 26.52
CA PHE F 162 0.17 -8.29 27.51
C PHE F 162 0.50 -8.83 28.90
N THR F 163 1.12 -10.00 29.02
CA THR F 163 1.53 -10.55 30.34
C THR F 163 2.89 -10.03 30.77
N ALA F 164 3.82 -9.71 29.86
CA ALA F 164 5.23 -9.42 30.20
C ALA F 164 5.86 -10.63 30.91
N SER F 165 5.28 -11.82 30.82
CA SER F 165 5.81 -13.01 31.55
C SER F 165 6.91 -13.63 30.72
N PRO F 166 7.98 -14.16 31.35
CA PRO F 166 9.04 -14.84 30.65
C PRO F 166 8.52 -16.14 30.07
N ILE F 167 9.07 -16.49 28.91
CA ILE F 167 8.94 -17.83 28.32
C ILE F 167 10.30 -18.53 28.32
N THR F 168 10.25 -19.86 28.38
CA THR F 168 11.46 -20.70 28.30
C THR F 168 11.98 -20.73 26.87
N ALA F 169 13.23 -21.11 26.72
CA ALA F 169 13.85 -21.43 25.42
C ALA F 169 13.06 -22.51 24.69
N GLN F 170 12.56 -23.53 25.40
CA GLN F 170 11.78 -24.61 24.78
C GLN F 170 10.48 -24.05 24.20
N ARG F 171 9.80 -23.17 24.92
CA ARG F 171 8.54 -22.61 24.38
C ARG F 171 8.87 -21.64 23.22
N ALA F 172 9.89 -20.81 23.37
CA ALA F 172 10.32 -19.90 22.29
C ALA F 172 10.65 -20.70 21.01
N LEU F 173 11.25 -21.89 21.15
CA LEU F 173 11.50 -22.77 19.99
C LEU F 173 10.16 -23.26 19.39
N ALA F 174 9.26 -23.77 20.23
CA ALA F 174 7.95 -24.33 19.84
C ALA F 174 7.14 -23.27 19.05
N VAL F 175 7.16 -22.02 19.47
CA VAL F 175 6.26 -21.00 18.84
C VAL F 175 6.93 -20.32 17.64
N GLY F 176 8.18 -20.64 17.31
CA GLY F 176 8.85 -20.14 16.10
C GLY F 176 9.79 -18.96 16.32
N ILE F 177 10.02 -18.53 17.54
CA ILE F 177 10.95 -17.42 17.85
C ILE F 177 12.39 -17.87 17.58
N LEU F 178 12.80 -19.01 18.09
CA LEU F 178 14.21 -19.47 18.04
C LEU F 178 14.42 -20.41 16.87
N ASN F 179 15.62 -20.47 16.37
CA ASN F 179 16.06 -21.49 15.40
C ASN F 179 16.44 -22.81 16.09
N HIS F 180 17.22 -22.71 17.15
CA HIS F 180 17.77 -23.90 17.86
C HIS F 180 17.91 -23.58 19.32
N VAL F 181 17.74 -24.64 20.10
CA VAL F 181 18.05 -24.60 21.55
C VAL F 181 19.09 -25.71 21.78
N VAL F 182 20.14 -25.36 22.48
CA VAL F 182 21.19 -26.38 22.78
CA VAL F 182 21.37 -26.18 22.70
C VAL F 182 21.65 -26.19 24.22
N GLU F 183 22.23 -27.26 24.77
CA GLU F 183 22.79 -27.22 26.15
C GLU F 183 23.86 -26.11 26.16
N VAL F 184 24.03 -25.37 27.25
CA VAL F 184 24.94 -24.18 27.30
C VAL F 184 26.37 -24.58 26.90
N GLU F 185 26.78 -25.79 27.30
CA GLU F 185 28.16 -26.30 27.06
CA GLU F 185 28.18 -26.27 27.06
C GLU F 185 28.42 -26.45 25.56
N GLU F 186 27.36 -26.62 24.77
CA GLU F 186 27.45 -26.86 23.32
C GLU F 186 27.13 -25.59 22.52
N LEU F 187 26.72 -24.52 23.20
CA LEU F 187 26.16 -23.30 22.54
C LEU F 187 27.20 -22.67 21.60
N GLU F 188 28.41 -22.36 22.06
CA GLU F 188 29.46 -21.69 21.26
CA GLU F 188 29.44 -21.68 21.25
C GLU F 188 29.82 -22.58 20.07
N ASP F 189 30.11 -23.86 20.29
CA ASP F 189 30.58 -24.73 19.17
C ASP F 189 29.47 -24.86 18.10
N PHE F 190 28.23 -25.04 18.53
CA PHE F 190 27.09 -25.24 17.60
C PHE F 190 26.93 -23.99 16.73
N THR F 191 26.91 -22.82 17.36
CA THR F 191 26.67 -21.52 16.68
C THR F 191 27.85 -21.23 15.74
N LEU F 192 29.09 -21.41 16.22
CA LEU F 192 30.27 -21.19 15.36
C LEU F 192 30.25 -22.12 14.16
N GLN F 193 29.88 -23.39 14.30
CA GLN F 193 29.83 -24.34 13.16
CA GLN F 193 29.89 -24.31 13.14
C GLN F 193 28.85 -23.81 12.10
N MET F 194 27.68 -23.32 12.53
CA MET F 194 26.70 -22.84 11.56
C MET F 194 27.23 -21.56 10.88
N ALA F 195 27.86 -20.66 11.62
CA ALA F 195 28.37 -19.40 11.08
C ALA F 195 29.48 -19.69 10.08
N HIS F 196 30.39 -20.61 10.38
CA HIS F 196 31.46 -21.01 9.41
CA HIS F 196 31.46 -20.94 9.40
C HIS F 196 30.84 -21.59 8.15
N HIS F 197 29.81 -22.39 8.32
CA HIS F 197 29.10 -23.01 7.17
C HIS F 197 28.55 -21.90 6.25
N ILE F 198 27.81 -20.95 6.84
CA ILE F 198 27.20 -19.83 6.09
C ILE F 198 28.31 -19.05 5.35
N SER F 199 29.49 -18.96 5.96
CA SER F 199 30.62 -18.14 5.50
C SER F 199 31.23 -18.71 4.21
N GLU F 200 30.86 -19.91 3.81
CA GLU F 200 31.34 -20.47 2.52
C GLU F 200 30.31 -20.27 1.41
N LYS F 201 29.11 -19.81 1.75
CA LYS F 201 28.06 -19.55 0.73
C LYS F 201 28.27 -18.19 0.03
N ALA F 202 27.48 -17.90 -1.00
CA ALA F 202 27.64 -16.70 -1.86
C ALA F 202 27.16 -15.45 -1.13
N PRO F 203 28.06 -14.55 -0.74
CA PRO F 203 27.71 -13.44 0.14
C PRO F 203 26.79 -12.45 -0.59
N LEU F 204 26.93 -12.25 -1.89
CA LEU F 204 26.11 -11.22 -2.58
C LEU F 204 24.68 -11.74 -2.72
N ALA F 205 24.50 -13.06 -2.86
CA ALA F 205 23.17 -13.67 -2.89
C ALA F 205 22.54 -13.57 -1.49
N ILE F 206 23.27 -13.90 -0.44
CA ILE F 206 22.78 -13.73 0.95
C ILE F 206 22.36 -12.29 1.14
N ALA F 207 23.18 -11.33 0.70
CA ALA F 207 22.90 -9.91 1.01
C ALA F 207 21.62 -9.48 0.28
N VAL F 208 21.45 -9.80 -1.00
CA VAL F 208 20.21 -9.32 -1.71
C VAL F 208 18.98 -10.07 -1.21
N ILE F 209 19.07 -11.34 -0.85
CA ILE F 209 17.91 -12.09 -0.32
C ILE F 209 17.55 -11.54 1.05
N LYS F 210 18.54 -11.21 1.88
CA LYS F 210 18.26 -10.62 3.20
C LYS F 210 17.52 -9.30 2.97
N GLU F 211 17.97 -8.49 2.03
CA GLU F 211 17.34 -7.16 1.79
C GLU F 211 15.92 -7.32 1.24
N GLU F 212 15.70 -8.30 0.34
CA GLU F 212 14.36 -8.64 -0.21
C GLU F 212 13.43 -9.02 0.95
N LEU F 213 13.93 -9.82 1.87
CA LEU F 213 13.13 -10.20 3.06
C LEU F 213 12.83 -8.98 3.89
N ARG F 214 13.83 -8.12 4.10
CA ARG F 214 13.61 -6.90 4.91
C ARG F 214 12.45 -6.09 4.30
N VAL F 215 12.55 -5.74 3.04
CA VAL F 215 11.52 -4.82 2.46
CA VAL F 215 11.57 -4.91 2.27
C VAL F 215 10.17 -5.56 2.34
N LEU F 216 10.11 -6.86 2.12
CA LEU F 216 8.80 -7.61 2.17
C LEU F 216 8.24 -7.55 3.60
N GLY F 217 9.09 -7.72 4.61
CA GLY F 217 8.67 -7.70 6.02
C GLY F 217 8.16 -6.32 6.39
N GLU F 218 8.66 -5.27 5.76
CA GLU F 218 8.28 -3.86 6.03
CA GLU F 218 8.21 -3.91 6.14
C GLU F 218 6.99 -3.50 5.32
N ALA F 219 6.65 -4.25 4.27
CA ALA F 219 5.63 -3.87 3.25
C ALA F 219 4.20 -4.13 3.74
N HIS F 220 3.91 -3.75 4.95
CA HIS F 220 2.54 -3.62 5.48
C HIS F 220 2.28 -2.10 5.48
N THR F 221 1.45 -1.63 4.58
CA THR F 221 1.37 -0.18 4.31
C THR F 221 0.04 0.35 4.84
N MET F 222 0.04 1.62 5.21
CA MET F 222 -1.15 2.31 5.74
CA MET F 222 -1.17 2.30 5.71
C MET F 222 -1.16 3.75 5.24
N ASN F 223 -2.32 4.38 5.31
CA ASN F 223 -2.39 5.82 4.98
C ASN F 223 -1.95 6.70 6.15
N SER F 224 -1.69 7.95 5.79
CA SER F 224 -1.14 8.95 6.72
C SER F 224 -2.07 9.18 7.92
N ASP F 225 -3.36 9.16 7.67
CA ASP F 225 -4.33 9.42 8.76
C ASP F 225 -4.21 8.28 9.77
N GLU F 226 -4.08 7.03 9.33
CA GLU F 226 -3.93 5.89 10.26
C GLU F 226 -2.69 6.06 11.12
N PHE F 227 -1.57 6.40 10.50
CA PHE F 227 -0.30 6.62 11.21
CA PHE F 227 -0.32 6.58 11.24
C PHE F 227 -0.47 7.73 12.25
N GLU F 228 -1.04 8.87 11.83
CA GLU F 228 -1.14 10.04 12.73
C GLU F 228 -2.12 9.74 13.85
N ARG F 229 -3.14 8.92 13.58
CA ARG F 229 -4.11 8.50 14.65
C ARG F 229 -3.38 7.66 15.70
N ILE F 230 -2.56 6.74 15.25
CA ILE F 230 -1.74 5.92 16.15
C ILE F 230 -0.79 6.81 16.93
N GLN F 231 -0.15 7.77 16.30
CA GLN F 231 0.86 8.63 16.99
C GLN F 231 0.13 9.42 18.08
N GLY F 232 -1.07 9.91 17.80
CA GLY F 232 -1.92 10.63 18.78
C GLY F 232 -2.23 9.74 19.98
N MET F 233 -2.59 8.49 19.73
CA MET F 233 -2.80 7.53 20.83
C MET F 233 -1.50 7.33 21.62
N ARG F 234 -0.34 7.16 20.97
CA ARG F 234 0.93 6.99 21.71
C ARG F 234 1.24 8.22 22.58
N ARG F 235 1.05 9.42 22.04
CA ARG F 235 1.29 10.67 22.77
C ARG F 235 0.38 10.72 24.00
N ALA F 236 -0.86 10.32 23.86
CA ALA F 236 -1.75 10.32 25.06
C ALA F 236 -1.17 9.38 26.13
N VAL F 237 -0.54 8.27 25.73
CA VAL F 237 0.11 7.36 26.72
C VAL F 237 1.36 8.05 27.31
N TYR F 238 2.26 8.63 26.51
CA TYR F 238 3.49 9.22 27.10
C TYR F 238 3.16 10.55 27.80
N ASP F 239 1.93 11.05 27.67
CA ASP F 239 1.46 12.22 28.46
C ASP F 239 0.75 11.77 29.74
N SER F 240 0.54 10.45 29.95
CA SER F 240 -0.35 9.91 31.01
C SER F 240 0.31 9.93 32.40
N GLU F 241 -0.50 10.00 33.44
CA GLU F 241 0.02 9.83 34.82
C GLU F 241 0.53 8.40 35.00
N ASP F 242 -0.12 7.42 34.34
CA ASP F 242 0.33 6.01 34.42
C ASP F 242 1.76 5.87 33.92
N TYR F 243 2.14 6.55 32.85
CA TYR F 243 3.53 6.45 32.33
C TYR F 243 4.54 6.94 33.41
N GLN F 244 4.25 8.09 34.03
CA GLN F 244 5.11 8.64 35.11
C GLN F 244 5.18 7.65 36.27
N GLU F 245 4.04 7.10 36.68
CA GLU F 245 3.95 6.12 37.80
C GLU F 245 4.77 4.89 37.43
N GLY F 246 4.69 4.42 36.17
CA GLY F 246 5.44 3.22 35.77
C GLY F 246 6.94 3.46 35.90
N MET F 247 7.42 4.60 35.42
CA MET F 247 8.87 4.96 35.52
CA MET F 247 8.86 5.03 35.51
C MET F 247 9.25 5.15 36.99
N ASN F 248 8.43 5.84 37.79
CA ASN F 248 8.75 6.11 39.21
C ASN F 248 8.82 4.76 39.94
N ALA F 249 7.88 3.86 39.70
CA ALA F 249 7.81 2.59 40.44
C ALA F 249 9.05 1.77 40.11
N PHE F 250 9.49 1.81 38.85
CA PHE F 250 10.73 1.08 38.48
C PHE F 250 11.94 1.65 39.23
N LEU F 251 12.09 2.98 39.28
CA LEU F 251 13.22 3.66 39.97
C LEU F 251 13.13 3.46 41.50
N GLU F 252 11.94 3.41 42.08
CA GLU F 252 11.72 3.20 43.54
C GLU F 252 11.63 1.71 43.86
N LYS F 253 11.85 0.83 42.89
CA LYS F 253 11.76 -0.64 43.13
C LYS F 253 10.48 -0.99 43.89
N ARG F 254 9.30 -0.57 43.40
CA ARG F 254 7.99 -0.98 43.97
C ARG F 254 7.01 -1.36 42.86
N LYS F 255 5.86 -1.95 43.21
CA LYS F 255 4.82 -2.35 42.20
C LYS F 255 4.07 -1.09 41.81
N PRO F 256 3.91 -0.80 40.50
CA PRO F 256 3.16 0.40 40.11
C PRO F 256 1.67 0.24 40.45
N ASN F 257 1.01 1.37 40.64
CA ASN F 257 -0.46 1.39 40.71
C ASN F 257 -1.00 2.19 39.52
N PHE F 258 -1.37 1.44 38.48
CA PHE F 258 -1.94 2.02 37.24
C PHE F 258 -3.45 2.20 37.42
N VAL F 259 -3.97 3.31 36.90
CA VAL F 259 -5.39 3.74 37.07
C VAL F 259 -6.04 4.09 35.73
N GLY F 260 -5.32 4.12 34.61
CA GLY F 260 -6.00 4.31 33.32
C GLY F 260 -6.07 5.76 32.89
N HIS F 261 -5.22 6.65 33.40
CA HIS F 261 -5.05 8.01 32.84
C HIS F 261 -3.63 8.49 33.12
#